data_2YR5
#
_entry.id   2YR5
#
_cell.length_a   101.648
_cell.length_b   112.624
_cell.length_c   136.609
_cell.angle_alpha   90.00
_cell.angle_beta   90.00
_cell.angle_gamma   90.00
#
_symmetry.space_group_name_H-M   'P 21 21 21'
#
loop_
_entity.id
_entity.type
_entity.pdbx_description
1 polymer 'Pro-enzyme of L-phenylalanine oxidase'
2 non-polymer 'SULFATE ION'
3 non-polymer 'FLAVIN-ADENINE DINUCLEOTIDE'
4 non-polymer GLYCEROL
5 water water
#
_entity_poly.entity_id   1
_entity_poly.type   'polypeptide(L)'
_entity_poly.pdbx_seq_one_letter_code
;GVTVIPRLLGLKDEKKIATTVGEARLSGINYRHPDSALVSYPVAAAAPLGRLPAGNYRIAIVGGGAGGIAALYELGRLAA
TLPAGSGIDVQIYEADPDSFLHDRPGIKAIKVRGLKAGRVSAALVHNGDPASGDTIYEVGAMRFPEIAGLTWHYASAAFG
DAAPIKVFPNPGKVPTEFVFGNRVDRYVGSDPKDWEDPDSPTLKVLGVVAGGLVGNPQGENVAMYPIANVDPAKIAAILN
AATPPADALERIQTKYWPEFIAQYDGLTLGAAVREIVTVAFEKGTLPPVDGVLDVDESISYYVELFGRFGFGTGGFKPLY
NISLVEMMRLILWDYSNEYTLPVTENVEFIRNLFLKAQNVGAGKLVVQVRQERVANACHSGTASARAQLLSYDSHNAVHS
EAYDFVILAVPHDQLTPIVSRSGFEHAASQNLGDAGLGLETHTYNQVYPPLLLSDSSPAANARIVTAIGQLHMARSSKVF
ATVKTAALDQPWVPQWRGEPIKAVVSDSGLAASYVVPSPIVEDGQAPEYSSLLASYTWEDDSTRLRHDFGLYPQNPATET
GTADGMYRTMVNRAYRYVKYAGASNAQPWWFYQLLAEARTADRFVFDWTTNKTAGGFKLDMTGDHHQSNLCFRYHTHALA
ASLDNRFFIASDSYSHLGGWLEGAFMSALNAVAGLIVRANRGDVSALSTEARPLVIGLRPVVKVPAAELATSQLEHHHHH
H
;
_entity_poly.pdbx_strand_id   A,B
#
# COMPACT_ATOMS: atom_id res chain seq x y z
N LYS A 16 10.84 -14.34 -32.53
CA LYS A 16 12.33 -14.56 -32.63
C LYS A 16 12.85 -14.99 -31.21
N ILE A 17 12.72 -16.26 -30.90
CA ILE A 17 12.86 -16.73 -29.50
C ILE A 17 14.36 -17.06 -29.25
N ALA A 18 14.91 -16.45 -28.22
CA ALA A 18 16.29 -16.70 -27.82
C ALA A 18 16.40 -18.03 -27.13
N THR A 19 17.48 -18.75 -27.41
CA THR A 19 17.69 -20.11 -26.89
C THR A 19 18.88 -20.27 -25.99
N THR A 20 19.76 -19.27 -25.92
CA THR A 20 20.97 -19.34 -25.12
C THR A 20 21.14 -18.00 -24.40
N VAL A 21 21.93 -18.02 -23.32
CA VAL A 21 22.35 -16.81 -22.62
C VAL A 21 22.94 -15.82 -23.60
N GLY A 22 23.83 -16.26 -24.48
CA GLY A 22 24.46 -15.31 -25.41
C GLY A 22 23.48 -14.66 -26.34
N GLU A 23 22.48 -15.39 -26.86
CA GLU A 23 21.45 -14.82 -27.72
C GLU A 23 20.69 -13.75 -26.98
N ALA A 24 20.28 -14.03 -25.75
CA ALA A 24 19.61 -13.00 -24.98
C ALA A 24 20.55 -11.84 -24.73
N ARG A 25 21.82 -12.09 -24.36
CA ARG A 25 22.75 -11.04 -24.07
C ARG A 25 22.89 -10.09 -25.23
N LEU A 26 23.04 -10.61 -26.44
CA LEU A 26 23.20 -9.78 -27.60
C LEU A 26 21.95 -9.01 -27.94
N SER A 27 20.76 -9.54 -27.60
CA SER A 27 19.53 -8.86 -27.90
C SER A 27 19.41 -7.52 -27.23
N GLY A 28 19.88 -7.39 -25.99
CA GLY A 28 19.76 -6.24 -25.22
C GLY A 28 21.03 -5.47 -25.01
N ILE A 29 22.09 -5.79 -25.69
CA ILE A 29 23.39 -5.19 -25.46
C ILE A 29 23.41 -3.69 -25.66
N ASN A 30 22.57 -3.19 -26.56
CA ASN A 30 22.58 -1.73 -26.83
C ASN A 30 21.59 -0.94 -26.08
N TYR A 31 20.65 -1.59 -25.38
CA TYR A 31 19.53 -0.85 -24.83
C TYR A 31 19.97 0.14 -23.72
N ARG A 32 19.54 1.39 -23.87
CA ARG A 32 19.77 2.45 -22.94
C ARG A 32 18.44 2.88 -22.31
N HIS A 33 18.39 2.94 -21.00
CA HIS A 33 17.17 3.36 -20.30
C HIS A 33 17.06 4.89 -20.34
N PRO A 34 15.85 5.45 -20.26
CA PRO A 34 15.67 6.87 -20.56
C PRO A 34 16.25 7.83 -19.56
N ASP A 35 16.48 7.39 -18.31
CA ASP A 35 17.14 8.17 -17.28
C ASP A 35 18.66 8.09 -17.36
N SER A 36 19.20 7.22 -18.22
CA SER A 36 20.61 7.02 -18.43
C SER A 36 20.84 6.78 -19.91
N ALA A 37 20.28 7.63 -20.75
CA ALA A 37 20.18 7.38 -22.17
C ALA A 37 21.50 7.57 -22.86
N LEU A 38 22.48 8.16 -22.20
CA LEU A 38 23.83 8.26 -22.83
C LEU A 38 24.71 7.05 -22.70
N VAL A 39 24.26 6.02 -22.07
CA VAL A 39 25.12 4.90 -21.90
C VAL A 39 24.32 3.57 -21.97
N SER A 40 24.92 2.57 -22.63
CA SER A 40 24.48 1.18 -22.54
C SER A 40 25.31 0.58 -21.44
N TYR A 41 24.64 0.17 -20.36
CA TYR A 41 25.35 -0.42 -19.23
C TYR A 41 26.12 -1.66 -19.61
N PRO A 42 25.63 -2.56 -20.49
CA PRO A 42 26.41 -3.70 -20.96
C PRO A 42 27.73 -3.28 -21.61
N VAL A 43 27.70 -2.22 -22.38
CA VAL A 43 28.90 -1.75 -23.02
C VAL A 43 29.90 -1.19 -22.01
N ALA A 44 29.40 -0.43 -21.04
CA ALA A 44 30.23 0.05 -19.99
C ALA A 44 30.88 -1.06 -19.16
N ALA A 45 30.19 -2.18 -19.00
CA ALA A 45 30.62 -3.33 -18.18
C ALA A 45 31.51 -4.28 -18.98
N ALA A 46 31.75 -4.05 -20.25
CA ALA A 46 32.48 -5.02 -21.05
C ALA A 46 33.92 -5.20 -20.49
N ALA A 47 34.60 -4.13 -20.25
CA ALA A 47 35.99 -4.11 -19.75
C ALA A 47 35.94 -3.64 -18.32
N PRO A 48 36.98 -3.85 -17.52
CA PRO A 48 37.01 -3.24 -16.20
C PRO A 48 36.62 -1.79 -16.24
N LEU A 49 35.96 -1.33 -15.19
CA LEU A 49 35.36 0.02 -15.24
C LEU A 49 36.39 1.17 -15.27
N GLY A 50 37.61 0.93 -14.76
CA GLY A 50 38.63 1.96 -14.70
C GLY A 50 39.84 1.43 -14.01
N ARG A 51 40.60 2.38 -13.49
CA ARG A 51 41.85 2.09 -12.87
C ARG A 51 41.91 2.74 -11.52
N LEU A 52 42.64 2.11 -10.55
CA LEU A 52 42.84 2.65 -9.23
C LEU A 52 44.31 2.97 -9.05
N PRO A 53 44.69 3.98 -8.27
CA PRO A 53 46.05 4.14 -7.92
C PRO A 53 46.57 2.96 -7.17
N ALA A 54 47.87 2.76 -7.22
CA ALA A 54 48.53 1.75 -6.44
C ALA A 54 48.15 1.87 -4.97
N GLY A 55 47.96 0.76 -4.27
CA GLY A 55 47.60 0.73 -2.89
C GLY A 55 47.07 -0.61 -2.44
N ASN A 56 46.92 -0.78 -1.12
CA ASN A 56 46.31 -1.92 -0.54
C ASN A 56 45.01 -1.42 0.09
N TYR A 57 43.91 -1.62 -0.63
CA TYR A 57 42.62 -1.05 -0.24
C TYR A 57 41.85 -1.96 0.70
N ARG A 58 41.13 -1.34 1.64
CA ARG A 58 40.23 -2.04 2.55
C ARG A 58 38.83 -1.53 2.24
N ILE A 59 38.00 -2.40 1.68
CA ILE A 59 36.62 -2.03 1.26
C ILE A 59 35.64 -2.90 2.00
N ALA A 60 34.49 -2.38 2.29
CA ALA A 60 33.38 -3.19 2.81
C ALA A 60 32.23 -3.14 1.82
N ILE A 61 31.55 -4.28 1.68
CA ILE A 61 30.30 -4.34 0.96
C ILE A 61 29.30 -4.83 2.01
N VAL A 62 28.27 -4.02 2.21
CA VAL A 62 27.17 -4.38 3.12
C VAL A 62 26.04 -4.93 2.26
N GLY A 63 25.85 -6.25 2.36
CA GLY A 63 24.81 -6.94 1.58
C GLY A 63 25.40 -7.83 0.55
N GLY A 64 25.03 -9.10 0.55
CA GLY A 64 25.42 -10.12 -0.40
C GLY A 64 24.26 -10.55 -1.34
N GLY A 65 23.49 -9.60 -1.80
CA GLY A 65 22.55 -9.83 -2.85
C GLY A 65 23.11 -9.48 -4.20
N ALA A 66 22.25 -9.39 -5.19
CA ALA A 66 22.67 -9.11 -6.56
C ALA A 66 23.51 -7.86 -6.61
N GLY A 67 23.11 -6.77 -5.93
CA GLY A 67 23.91 -5.56 -5.97
C GLY A 67 25.26 -5.71 -5.36
N GLY A 68 25.36 -6.29 -4.19
CA GLY A 68 26.65 -6.41 -3.53
C GLY A 68 27.57 -7.34 -4.26
N ILE A 69 27.03 -8.42 -4.78
CA ILE A 69 27.87 -9.40 -5.48
C ILE A 69 28.32 -8.92 -6.85
N ALA A 70 27.47 -8.20 -7.59
CA ALA A 70 27.91 -7.59 -8.82
C ALA A 70 29.02 -6.57 -8.51
N ALA A 71 28.88 -5.77 -7.44
CA ALA A 71 29.88 -4.84 -7.05
C ALA A 71 31.19 -5.57 -6.73
N LEU A 72 31.10 -6.71 -6.01
CA LEU A 72 32.32 -7.49 -5.76
C LEU A 72 32.96 -7.93 -7.04
N TYR A 73 32.20 -8.45 -7.96
CA TYR A 73 32.71 -8.86 -9.22
C TYR A 73 33.48 -7.76 -9.94
N GLU A 74 32.92 -6.57 -9.94
CA GLU A 74 33.58 -5.44 -10.59
C GLU A 74 34.86 -5.01 -9.85
N LEU A 75 34.84 -5.12 -8.53
CA LEU A 75 36.06 -4.93 -7.74
C LEU A 75 37.12 -5.94 -8.04
N GLY A 76 36.70 -7.19 -8.26
CA GLY A 76 37.66 -8.23 -8.65
C GLY A 76 38.34 -7.88 -9.96
N ARG A 77 37.52 -7.45 -10.95
CA ARG A 77 38.08 -7.07 -12.23
C ARG A 77 39.05 -5.91 -12.09
N LEU A 78 38.74 -4.95 -11.25
CA LEU A 78 39.66 -3.87 -10.93
C LEU A 78 40.89 -4.32 -10.23
N ALA A 79 40.78 -5.23 -9.27
CA ALA A 79 41.87 -5.70 -8.55
C ALA A 79 42.90 -6.35 -9.47
N ALA A 80 42.45 -7.13 -10.44
CA ALA A 80 43.37 -7.83 -11.31
C ALA A 80 44.25 -6.90 -12.09
N THR A 81 43.87 -5.66 -12.23
CA THR A 81 44.61 -4.62 -12.94
C THR A 81 45.63 -3.91 -12.11
N LEU A 82 45.66 -4.16 -10.80
CA LEU A 82 46.54 -3.46 -9.94
C LEU A 82 47.94 -4.00 -10.11
N PRO A 83 48.96 -3.18 -9.81
CA PRO A 83 50.35 -3.64 -9.94
C PRO A 83 50.80 -4.56 -8.82
N ALA A 84 51.97 -5.23 -9.01
CA ALA A 84 52.53 -6.07 -7.96
C ALA A 84 52.60 -5.20 -6.68
N GLY A 85 52.28 -5.83 -5.56
CA GLY A 85 52.33 -5.23 -4.23
C GLY A 85 51.01 -4.54 -3.82
N SER A 86 50.08 -4.34 -4.78
CA SER A 86 48.79 -3.70 -4.54
C SER A 86 47.69 -4.78 -4.45
N GLY A 87 46.55 -4.43 -3.87
CA GLY A 87 45.44 -5.37 -3.79
C GLY A 87 44.24 -4.74 -3.17
N ILE A 88 43.16 -5.52 -3.16
CA ILE A 88 41.90 -5.07 -2.50
C ILE A 88 41.49 -6.19 -1.52
N ASP A 89 41.17 -5.82 -0.29
CA ASP A 89 40.53 -6.67 0.69
C ASP A 89 39.11 -6.22 0.82
N VAL A 90 38.18 -7.16 0.69
CA VAL A 90 36.76 -6.85 0.88
C VAL A 90 36.22 -7.66 2.06
N GLN A 91 35.58 -6.95 2.98
CA GLN A 91 34.73 -7.55 3.99
C GLN A 91 33.31 -7.45 3.47
N ILE A 92 32.64 -8.58 3.32
CA ILE A 92 31.22 -8.60 2.94
C ILE A 92 30.40 -8.94 4.16
N TYR A 93 29.50 -7.99 4.52
CA TYR A 93 28.59 -8.20 5.64
C TYR A 93 27.29 -8.78 5.09
N GLU A 94 26.85 -9.88 5.68
CA GLU A 94 25.57 -10.51 5.23
C GLU A 94 24.88 -11.05 6.49
N ALA A 95 23.79 -10.40 6.86
CA ALA A 95 23.05 -10.71 8.05
C ALA A 95 22.14 -11.95 7.91
N ASP A 96 21.74 -12.30 6.69
CA ASP A 96 20.73 -13.36 6.51
C ASP A 96 21.37 -14.69 6.80
N PRO A 97 20.88 -15.41 7.82
CA PRO A 97 21.49 -16.70 8.12
C PRO A 97 21.39 -17.74 6.98
N ASP A 98 20.41 -17.55 6.11
CA ASP A 98 20.16 -18.43 4.99
C ASP A 98 20.91 -18.07 3.74
N SER A 99 21.76 -17.07 3.78
CA SER A 99 22.52 -16.72 2.62
C SER A 99 23.44 -17.84 2.14
N PHE A 100 23.57 -17.96 0.84
CA PHE A 100 24.55 -18.84 0.28
C PHE A 100 25.99 -18.59 0.76
N LEU A 101 26.26 -17.34 1.20
CA LEU A 101 27.59 -16.96 1.66
C LEU A 101 27.99 -17.70 2.92
N HIS A 102 27.03 -18.20 3.70
CA HIS A 102 27.30 -18.86 4.94
C HIS A 102 27.16 -20.35 4.84
N ASP A 103 27.01 -20.86 3.64
CA ASP A 103 26.93 -22.28 3.38
C ASP A 103 28.05 -22.69 2.49
N ARG A 104 29.25 -22.21 2.68
CA ARG A 104 30.39 -22.43 1.73
C ARG A 104 30.34 -21.53 0.44
N ALA A 109 9.37 -31.77 3.00
CA ALA A 109 10.20 -30.80 3.75
C ALA A 109 10.59 -29.68 2.81
N ILE A 110 10.81 -28.49 3.37
CA ILE A 110 11.21 -27.32 2.57
C ILE A 110 12.50 -26.76 3.12
N LYS A 111 13.54 -26.79 2.34
CA LYS A 111 14.86 -26.27 2.71
C LYS A 111 15.05 -24.89 2.12
N VAL A 112 15.47 -23.92 2.95
CA VAL A 112 15.87 -22.62 2.49
C VAL A 112 17.30 -22.26 2.86
N ARG A 113 17.92 -23.00 3.79
CA ARG A 113 19.27 -22.65 4.24
C ARG A 113 20.27 -22.75 3.13
N GLY A 114 21.00 -21.69 2.87
CA GLY A 114 21.98 -21.62 1.82
C GLY A 114 21.43 -21.28 0.48
N LEU A 115 20.13 -21.14 0.34
CA LEU A 115 19.47 -21.01 -0.96
C LEU A 115 18.97 -19.60 -1.21
N LYS A 116 19.47 -18.63 -0.44
CA LYS A 116 19.12 -17.21 -0.62
C LYS A 116 20.35 -16.42 -0.99
N ALA A 117 20.12 -15.44 -1.87
CA ALA A 117 21.00 -14.31 -2.16
C ALA A 117 20.10 -13.10 -2.14
N GLY A 118 19.73 -12.66 -0.93
CA GLY A 118 18.76 -11.57 -0.73
C GLY A 118 17.40 -11.99 -1.30
N ARG A 119 16.91 -11.18 -2.27
CA ARG A 119 15.62 -11.37 -2.91
C ARG A 119 15.66 -12.29 -4.12
N VAL A 120 16.84 -12.93 -4.39
CA VAL A 120 16.96 -14.15 -5.20
C VAL A 120 16.90 -15.28 -4.20
N SER A 121 15.80 -16.01 -4.11
CA SER A 121 15.52 -16.88 -2.96
C SER A 121 14.78 -18.12 -3.41
N ALA A 122 15.41 -19.28 -3.20
CA ALA A 122 14.80 -20.56 -3.56
C ALA A 122 14.42 -21.36 -2.34
N ALA A 123 13.35 -22.15 -2.49
CA ALA A 123 12.97 -23.12 -1.48
C ALA A 123 12.96 -24.46 -2.14
N LEU A 124 13.71 -25.43 -1.61
CA LEU A 124 13.83 -26.75 -2.16
C LEU A 124 12.91 -27.69 -1.43
N VAL A 125 11.99 -28.29 -2.21
CA VAL A 125 11.01 -29.24 -1.66
C VAL A 125 11.60 -30.64 -1.82
N HIS A 126 11.70 -31.37 -0.71
CA HIS A 126 12.33 -32.69 -0.73
C HIS A 126 11.72 -33.57 0.28
N ASN A 127 12.08 -34.84 0.26
CA ASN A 127 11.52 -35.80 1.23
C ASN A 127 12.51 -36.32 2.16
N GLY A 128 13.60 -35.63 2.38
CA GLY A 128 14.54 -36.07 3.52
C GLY A 128 15.94 -35.95 3.01
N ASP A 129 16.12 -36.10 1.69
CA ASP A 129 17.41 -35.98 1.04
C ASP A 129 17.34 -34.78 0.10
N PRO A 130 17.91 -33.65 0.51
CA PRO A 130 17.88 -32.49 -0.35
C PRO A 130 18.66 -32.58 -1.67
N ALA A 131 19.51 -33.61 -1.80
CA ALA A 131 20.16 -33.83 -3.09
C ALA A 131 19.25 -34.51 -4.06
N SER A 132 18.05 -34.95 -3.60
CA SER A 132 17.11 -35.61 -4.48
C SER A 132 15.70 -34.98 -4.27
N GLY A 133 15.53 -33.74 -4.64
CA GLY A 133 14.34 -33.05 -4.37
C GLY A 133 13.24 -33.26 -5.40
N ASP A 134 12.09 -32.71 -5.12
CA ASP A 134 10.91 -32.80 -5.94
C ASP A 134 10.80 -31.56 -6.88
N THR A 135 10.88 -30.37 -6.31
CA THR A 135 10.71 -29.12 -7.04
C THR A 135 11.38 -27.98 -6.27
N ILE A 136 11.42 -26.84 -6.91
CA ILE A 136 11.95 -25.59 -6.36
C ILE A 136 10.88 -24.53 -6.45
N TYR A 137 10.71 -23.81 -5.37
CA TYR A 137 9.91 -22.59 -5.37
C TYR A 137 10.83 -21.38 -5.54
N GLU A 138 10.64 -20.59 -6.56
CA GLU A 138 11.38 -19.35 -6.74
C GLU A 138 10.60 -18.25 -6.02
N VAL A 139 11.01 -17.98 -4.79
CA VAL A 139 10.29 -17.13 -3.87
C VAL A 139 10.46 -15.66 -4.19
N GLY A 140 11.60 -15.28 -4.75
CA GLY A 140 11.88 -13.93 -5.22
C GLY A 140 11.98 -13.93 -6.73
N ALA A 141 13.07 -13.40 -7.27
CA ALA A 141 13.20 -13.27 -8.70
C ALA A 141 12.96 -14.55 -9.44
N MET A 142 12.27 -14.53 -10.58
CA MET A 142 12.01 -15.73 -11.36
C MET A 142 12.00 -15.56 -12.86
N ARG A 143 11.87 -14.35 -13.43
CA ARG A 143 11.66 -14.23 -14.86
C ARG A 143 12.42 -13.01 -15.35
N PHE A 144 13.16 -13.13 -16.48
CA PHE A 144 14.17 -12.17 -16.81
C PHE A 144 13.96 -11.64 -18.24
N PRO A 145 13.68 -10.33 -18.37
CA PRO A 145 13.38 -9.78 -19.69
C PRO A 145 14.52 -10.10 -20.70
N GLU A 146 14.14 -10.37 -21.93
CA GLU A 146 15.16 -10.60 -22.97
C GLU A 146 16.11 -9.46 -23.13
N ILE A 147 15.56 -8.25 -22.99
CA ILE A 147 16.44 -7.07 -23.23
C ILE A 147 17.06 -6.52 -21.97
N ALA A 148 17.06 -7.32 -20.91
CA ALA A 148 17.78 -6.96 -19.65
C ALA A 148 19.27 -7.20 -19.89
N GLY A 149 19.90 -6.27 -20.62
CA GLY A 149 21.25 -6.53 -21.10
C GLY A 149 22.27 -6.71 -20.06
N LEU A 150 22.24 -5.98 -18.95
CA LEU A 150 23.22 -6.14 -17.91
C LEU A 150 23.02 -7.47 -17.18
N THR A 151 21.77 -7.87 -16.97
CA THR A 151 21.43 -9.14 -16.41
C THR A 151 22.08 -10.27 -17.22
N TRP A 152 21.89 -10.25 -18.54
CA TRP A 152 22.42 -11.28 -19.40
C TRP A 152 23.90 -11.19 -19.51
N HIS A 153 24.50 -10.02 -19.43
CA HIS A 153 25.94 -9.84 -19.37
C HIS A 153 26.50 -10.55 -18.18
N TYR A 154 25.92 -10.39 -17.01
CA TYR A 154 26.41 -11.12 -15.84
C TYR A 154 26.04 -12.59 -15.93
N ALA A 155 24.90 -12.96 -16.51
CA ALA A 155 24.60 -14.37 -16.70
C ALA A 155 25.66 -15.06 -17.56
N SER A 156 26.18 -14.32 -18.56
CA SER A 156 27.25 -14.86 -19.35
C SER A 156 28.50 -15.09 -18.54
N ALA A 157 28.86 -14.12 -17.69
CA ALA A 157 30.00 -14.30 -16.78
C ALA A 157 29.80 -15.53 -15.87
N ALA A 158 28.59 -15.74 -15.41
CA ALA A 158 28.27 -16.84 -14.48
C ALA A 158 28.15 -18.18 -15.11
N PHE A 159 27.66 -18.26 -16.39
CA PHE A 159 27.29 -19.53 -17.02
C PHE A 159 27.81 -19.77 -18.43
N GLY A 160 28.32 -18.76 -19.07
CA GLY A 160 28.75 -18.75 -20.45
C GLY A 160 27.62 -18.51 -21.43
N ASP A 161 28.01 -17.96 -22.60
CA ASP A 161 27.01 -17.63 -23.62
C ASP A 161 26.27 -18.86 -24.18
N ALA A 162 26.89 -20.05 -24.15
CA ALA A 162 26.31 -21.25 -24.72
C ALA A 162 25.15 -21.76 -23.89
N ALA A 163 25.07 -21.38 -22.62
CA ALA A 163 24.09 -22.01 -21.72
C ALA A 163 22.66 -21.84 -22.17
N PRO A 164 21.81 -22.86 -22.07
CA PRO A 164 20.43 -22.77 -22.61
C PRO A 164 19.52 -21.98 -21.69
N ILE A 165 18.55 -21.31 -22.26
CA ILE A 165 17.49 -20.61 -21.61
C ILE A 165 16.13 -21.02 -22.20
N LYS A 166 15.07 -20.82 -21.43
CA LYS A 166 13.68 -21.14 -21.80
C LYS A 166 12.77 -19.95 -21.66
N VAL A 167 11.69 -19.92 -22.42
CA VAL A 167 10.68 -18.87 -22.27
C VAL A 167 10.00 -19.06 -20.93
N PHE A 168 9.89 -18.02 -20.13
CA PHE A 168 9.13 -18.12 -18.90
C PHE A 168 7.65 -18.28 -19.24
N PRO A 169 6.93 -19.20 -18.59
CA PRO A 169 5.52 -19.47 -18.94
C PRO A 169 4.55 -18.49 -18.33
N ASN A 170 4.66 -17.24 -18.78
CA ASN A 170 3.83 -16.10 -18.43
C ASN A 170 2.39 -16.29 -18.92
N PRO A 171 1.43 -15.57 -18.35
CA PRO A 171 0.11 -15.55 -18.94
C PRO A 171 0.24 -15.13 -20.40
N GLY A 172 -0.38 -15.86 -21.28
CA GLY A 172 -0.28 -15.62 -22.73
C GLY A 172 0.84 -16.32 -23.40
N LYS A 173 1.92 -16.70 -22.72
CA LYS A 173 2.98 -17.51 -23.29
C LYS A 173 2.65 -18.96 -23.38
N VAL A 174 1.89 -19.46 -22.42
CA VAL A 174 1.30 -20.76 -22.33
C VAL A 174 -0.20 -20.56 -22.33
N PRO A 175 -0.98 -21.62 -22.53
CA PRO A 175 -2.44 -21.45 -22.46
C PRO A 175 -2.86 -20.93 -21.12
N THR A 176 -3.71 -19.92 -21.12
CA THR A 176 -4.04 -19.15 -19.98
C THR A 176 -5.55 -18.98 -19.85
N GLU A 177 -6.06 -19.08 -18.60
CA GLU A 177 -7.42 -18.69 -18.32
C GLU A 177 -7.38 -17.38 -17.58
N PHE A 178 -8.25 -16.44 -18.01
CA PHE A 178 -8.40 -15.13 -17.42
C PHE A 178 -9.86 -14.99 -16.95
N VAL A 179 -10.04 -14.52 -15.69
CA VAL A 179 -11.36 -14.28 -15.12
C VAL A 179 -11.36 -12.95 -14.45
N PHE A 180 -12.29 -12.11 -14.85
CA PHE A 180 -12.62 -10.81 -14.23
C PHE A 180 -14.09 -10.63 -14.20
N GLY A 181 -14.70 -10.49 -13.02
CA GLY A 181 -16.14 -10.34 -12.96
C GLY A 181 -16.79 -11.50 -13.73
N ASN A 182 -17.73 -11.17 -14.61
CA ASN A 182 -18.42 -12.15 -15.40
C ASN A 182 -17.70 -12.60 -16.63
N ARG A 183 -16.52 -12.04 -16.91
CA ARG A 183 -15.80 -12.34 -18.14
C ARG A 183 -14.79 -13.44 -17.93
N VAL A 184 -14.78 -14.40 -18.84
CA VAL A 184 -13.78 -15.44 -18.91
C VAL A 184 -13.15 -15.46 -20.32
N ASP A 185 -11.83 -15.67 -20.36
CA ASP A 185 -11.14 -15.89 -21.60
C ASP A 185 -10.15 -17.02 -21.47
N ARG A 186 -9.89 -17.70 -22.56
CA ARG A 186 -8.82 -18.69 -22.65
C ARG A 186 -8.03 -18.37 -23.89
N TYR A 187 -6.71 -18.24 -23.76
CA TYR A 187 -5.93 -17.64 -24.84
C TYR A 187 -4.46 -17.98 -24.75
N VAL A 188 -3.79 -17.77 -25.87
CA VAL A 188 -2.34 -17.68 -26.02
C VAL A 188 -2.07 -16.41 -26.85
N GLY A 189 -1.14 -15.59 -26.39
CA GLY A 189 -0.68 -14.40 -27.12
C GLY A 189 -1.81 -13.41 -27.37
N SER A 190 -1.68 -12.64 -28.45
CA SER A 190 -2.61 -11.56 -28.78
C SER A 190 -3.26 -11.70 -30.14
N ASP A 191 -2.96 -12.75 -30.88
CA ASP A 191 -3.62 -12.98 -32.14
C ASP A 191 -5.00 -13.58 -31.88
N PRO A 192 -6.09 -12.95 -32.36
CA PRO A 192 -7.40 -13.44 -32.09
C PRO A 192 -7.63 -14.87 -32.52
N LYS A 193 -6.86 -15.37 -33.49
CA LYS A 193 -6.96 -16.77 -33.86
C LYS A 193 -6.59 -17.73 -32.75
N ASP A 194 -5.87 -17.24 -31.76
CA ASP A 194 -5.41 -18.04 -30.62
C ASP A 194 -6.16 -17.76 -29.35
N TRP A 195 -7.25 -17.06 -29.45
CA TRP A 195 -8.24 -16.83 -28.37
C TRP A 195 -9.45 -17.70 -28.58
N GLU A 196 -9.99 -18.28 -27.50
CA GLU A 196 -11.19 -19.07 -27.65
C GLU A 196 -12.36 -18.21 -28.18
N ASP A 197 -12.46 -16.97 -27.76
CA ASP A 197 -13.39 -15.96 -28.23
C ASP A 197 -12.61 -14.88 -28.94
N PRO A 198 -12.49 -14.95 -30.27
CA PRO A 198 -11.75 -13.94 -30.97
C PRO A 198 -12.37 -12.53 -30.90
N ASP A 199 -13.64 -12.43 -30.55
CA ASP A 199 -14.38 -11.19 -30.40
C ASP A 199 -14.31 -10.70 -28.99
N SER A 200 -13.45 -11.23 -28.15
CA SER A 200 -13.45 -10.91 -26.72
C SER A 200 -13.32 -9.43 -26.46
N PRO A 201 -14.08 -8.88 -25.55
CA PRO A 201 -13.84 -7.51 -25.11
C PRO A 201 -12.49 -7.32 -24.46
N THR A 202 -11.95 -8.35 -23.84
CA THR A 202 -10.66 -8.30 -23.17
C THR A 202 -9.57 -8.01 -24.21
N LEU A 203 -9.60 -8.75 -25.33
CA LEU A 203 -8.60 -8.55 -26.34
C LEU A 203 -8.78 -7.16 -26.94
N LYS A 204 -10.02 -6.68 -27.08
CA LYS A 204 -10.27 -5.36 -27.59
C LYS A 204 -9.74 -4.29 -26.70
N VAL A 205 -9.97 -4.38 -25.41
CA VAL A 205 -9.45 -3.36 -24.51
C VAL A 205 -7.94 -3.37 -24.42
N LEU A 206 -7.33 -4.57 -24.51
CA LEU A 206 -5.88 -4.66 -24.57
C LEU A 206 -5.34 -3.84 -25.77
N GLY A 207 -5.97 -3.99 -26.91
CA GLY A 207 -5.50 -3.28 -28.09
C GLY A 207 -5.62 -1.78 -27.93
N VAL A 208 -6.70 -1.33 -27.29
CA VAL A 208 -6.93 0.09 -27.03
C VAL A 208 -5.88 0.61 -26.08
N VAL A 209 -5.62 -0.09 -24.97
CA VAL A 209 -4.74 0.43 -23.96
C VAL A 209 -3.31 0.34 -24.40
N ALA A 210 -2.90 -0.79 -25.02
CA ALA A 210 -1.55 -0.88 -25.55
C ALA A 210 -1.36 0.15 -26.66
N GLY A 211 -2.32 0.35 -27.56
CA GLY A 211 -2.20 1.38 -28.61
C GLY A 211 -2.06 2.75 -28.01
N GLY A 212 -2.78 3.03 -26.93
CA GLY A 212 -2.70 4.29 -26.31
C GLY A 212 -1.47 4.58 -25.54
N LEU A 213 -0.84 3.52 -24.99
CA LEU A 213 0.36 3.72 -24.20
C LEU A 213 1.61 3.57 -25.03
N VAL A 214 1.73 2.55 -25.88
CA VAL A 214 2.93 2.23 -26.62
C VAL A 214 2.93 2.85 -28.02
N GLY A 215 1.80 2.81 -28.70
CA GLY A 215 1.71 3.24 -30.08
C GLY A 215 2.47 2.38 -31.03
N ASN A 216 2.80 2.99 -32.18
CA ASN A 216 3.35 2.28 -33.30
C ASN A 216 4.79 2.65 -33.60
N PRO A 217 5.65 1.68 -33.92
CA PRO A 217 7.01 2.02 -34.25
C PRO A 217 7.17 2.70 -35.60
N GLN A 218 6.20 2.48 -36.48
CA GLN A 218 6.23 3.08 -37.84
C GLN A 218 4.89 3.72 -38.09
N GLY A 219 4.82 4.70 -38.97
CA GLY A 219 3.57 5.30 -39.37
C GLY A 219 3.04 6.27 -38.36
N GLU A 220 1.73 6.51 -38.45
CA GLU A 220 1.02 7.42 -37.64
C GLU A 220 1.27 7.22 -36.18
N ASN A 221 1.38 8.33 -35.50
CA ASN A 221 1.44 8.33 -34.01
C ASN A 221 0.05 8.20 -33.47
N VAL A 222 -0.19 7.15 -32.73
CA VAL A 222 -1.48 6.85 -32.12
C VAL A 222 -1.48 6.82 -30.61
N ALA A 223 -0.33 7.00 -29.99
CA ALA A 223 -0.29 6.97 -28.51
C ALA A 223 -0.77 8.27 -27.92
N MET A 224 -1.32 8.14 -26.71
CA MET A 224 -1.87 9.30 -26.01
C MET A 224 -0.86 10.15 -25.32
N TYR A 225 0.31 9.59 -24.92
CA TYR A 225 1.30 10.26 -24.14
C TYR A 225 2.62 10.23 -24.88
N PRO A 226 2.82 11.13 -25.83
CA PRO A 226 4.04 11.07 -26.65
C PRO A 226 5.27 11.44 -25.84
N ILE A 227 6.40 10.98 -26.37
CA ILE A 227 7.74 11.39 -25.91
C ILE A 227 8.39 12.04 -27.18
N ALA A 228 8.91 13.26 -27.03
CA ALA A 228 9.50 13.93 -28.22
C ALA A 228 8.51 13.97 -29.36
N ASN A 229 7.25 14.17 -29.01
CA ASN A 229 6.14 14.33 -29.96
C ASN A 229 5.82 13.09 -30.78
N VAL A 230 6.35 11.92 -30.41
CA VAL A 230 6.10 10.69 -31.15
C VAL A 230 5.73 9.57 -30.18
N ASP A 231 5.25 8.46 -30.74
CA ASP A 231 4.86 7.32 -29.93
C ASP A 231 6.05 6.76 -29.21
N PRO A 232 5.86 6.27 -27.97
CA PRO A 232 6.93 5.63 -27.25
C PRO A 232 7.60 4.53 -28.00
N ALA A 233 6.86 3.74 -28.83
CA ALA A 233 7.49 2.70 -29.61
C ALA A 233 8.62 3.27 -30.47
N LYS A 234 8.46 4.46 -31.00
CA LYS A 234 9.49 5.07 -31.85
C LYS A 234 10.74 5.43 -31.02
N ILE A 235 10.56 5.85 -29.77
CA ILE A 235 11.68 6.17 -28.90
C ILE A 235 12.37 4.91 -28.48
N ALA A 236 11.64 3.86 -28.19
CA ALA A 236 12.28 2.60 -27.82
C ALA A 236 13.25 2.11 -28.89
N ALA A 237 12.86 2.32 -30.17
CA ALA A 237 13.73 1.87 -31.27
C ALA A 237 15.03 2.70 -31.28
N ILE A 238 15.01 3.93 -30.89
CA ILE A 238 16.28 4.75 -30.78
C ILE A 238 17.10 4.30 -29.59
N LEU A 239 16.47 4.11 -28.43
CA LEU A 239 17.17 3.67 -27.23
C LEU A 239 17.83 2.31 -27.43
N ASN A 240 17.25 1.48 -28.30
CA ASN A 240 17.79 0.15 -28.58
C ASN A 240 18.59 0.07 -29.84
N ALA A 241 18.94 1.17 -30.47
CA ALA A 241 19.67 1.18 -31.74
C ALA A 241 21.13 0.84 -31.48
N ALA A 242 21.84 0.26 -32.36
CA ALA A 242 23.47 0.28 -32.12
C ALA A 242 24.13 1.63 -32.17
N THR A 243 23.79 2.31 -33.29
CA THR A 243 24.25 3.65 -33.44
C THR A 243 23.18 4.53 -33.79
N PRO A 244 22.61 5.07 -32.75
CA PRO A 244 21.69 6.14 -33.00
C PRO A 244 22.45 7.42 -33.08
N PRO A 245 21.75 8.41 -33.61
CA PRO A 245 22.35 9.82 -33.59
C PRO A 245 22.59 10.10 -32.05
N ALA A 246 23.89 10.28 -31.76
CA ALA A 246 24.30 10.76 -30.42
C ALA A 246 23.45 11.96 -29.99
N ASP A 247 23.14 12.89 -31.00
CA ASP A 247 22.39 14.04 -30.63
C ASP A 247 21.02 13.61 -30.16
N ALA A 248 20.48 12.55 -30.75
CA ALA A 248 19.15 12.08 -30.38
C ALA A 248 19.12 11.56 -28.97
N LEU A 249 20.13 10.83 -28.56
CA LEU A 249 20.25 10.36 -27.18
C LEU A 249 20.41 11.45 -26.17
N GLU A 250 21.26 12.44 -26.50
CA GLU A 250 21.41 13.56 -25.62
C GLU A 250 20.15 14.33 -25.50
N ARG A 251 19.38 14.52 -26.57
CA ARG A 251 18.14 15.22 -26.44
C ARG A 251 17.11 14.46 -25.62
N ILE A 252 17.08 13.15 -25.75
CA ILE A 252 16.21 12.34 -24.87
C ILE A 252 16.60 12.55 -23.44
N GLN A 253 17.91 12.44 -23.14
CA GLN A 253 18.42 12.48 -21.80
C GLN A 253 18.15 13.83 -21.11
N THR A 254 18.39 14.92 -21.82
CA THR A 254 18.37 16.23 -21.24
C THR A 254 17.05 16.97 -21.43
N LYS A 255 16.30 16.72 -22.53
CA LYS A 255 15.11 17.48 -22.89
C LYS A 255 13.91 16.59 -22.85
N TYR A 256 13.79 15.59 -23.70
CA TYR A 256 12.50 14.96 -23.93
C TYR A 256 12.01 14.04 -22.79
N TRP A 257 12.92 13.26 -22.23
CA TRP A 257 12.51 12.46 -21.07
C TRP A 257 12.23 13.33 -19.88
N PRO A 258 13.06 14.34 -19.54
CA PRO A 258 12.69 15.26 -18.52
C PRO A 258 11.36 15.95 -18.72
N GLU A 259 11.06 16.29 -19.98
CA GLU A 259 9.75 16.92 -20.26
C GLU A 259 8.59 15.96 -20.06
N PHE A 260 8.78 14.69 -20.39
CA PHE A 260 7.78 13.67 -20.12
C PHE A 260 7.54 13.59 -18.62
N ILE A 261 8.60 13.55 -17.83
CA ILE A 261 8.52 13.49 -16.37
C ILE A 261 7.79 14.71 -15.86
N ALA A 262 8.12 15.91 -16.34
CA ALA A 262 7.49 17.13 -15.86
C ALA A 262 6.00 17.05 -16.11
N GLN A 263 5.58 16.52 -17.24
CA GLN A 263 4.18 16.45 -17.52
C GLN A 263 3.42 15.37 -16.78
N TYR A 264 4.04 14.20 -16.63
CA TYR A 264 3.31 12.98 -16.29
C TYR A 264 3.74 12.29 -15.00
N ASP A 265 4.72 12.82 -14.28
CA ASP A 265 5.05 12.23 -13.02
C ASP A 265 3.97 12.31 -11.98
N GLY A 266 3.05 13.25 -12.18
CA GLY A 266 1.89 13.40 -11.35
C GLY A 266 0.68 12.67 -11.80
N LEU A 267 0.77 11.78 -12.80
CA LEU A 267 -0.36 11.00 -13.36
C LEU A 267 -0.13 9.54 -13.06
N THR A 268 -1.09 8.87 -12.39
CA THR A 268 -0.98 7.47 -12.10
C THR A 268 -1.27 6.65 -13.38
N LEU A 269 -0.76 5.42 -13.39
CA LEU A 269 -1.15 4.44 -14.41
C LEU A 269 -2.65 4.26 -14.51
N GLY A 270 -3.30 4.12 -13.36
CA GLY A 270 -4.73 3.95 -13.42
C GLY A 270 -5.42 5.13 -14.04
N ALA A 271 -4.99 6.35 -13.73
CA ALA A 271 -5.60 7.51 -14.33
C ALA A 271 -5.35 7.50 -15.86
N ALA A 272 -4.17 7.12 -16.29
CA ALA A 272 -3.84 7.09 -17.70
C ALA A 272 -4.72 6.07 -18.45
N VAL A 273 -4.86 4.87 -17.85
CA VAL A 273 -5.70 3.87 -18.47
C VAL A 273 -7.11 4.46 -18.64
N ARG A 274 -7.67 5.11 -17.65
CA ARG A 274 -9.02 5.68 -17.75
C ARG A 274 -9.09 6.74 -18.83
N GLU A 275 -8.08 7.58 -18.94
CA GLU A 275 -8.09 8.59 -20.03
C GLU A 275 -8.13 7.94 -21.38
N ILE A 276 -7.31 6.91 -21.59
CA ILE A 276 -7.26 6.20 -22.85
C ILE A 276 -8.60 5.56 -23.16
N VAL A 277 -9.17 4.83 -22.19
CA VAL A 277 -10.40 4.14 -22.40
C VAL A 277 -11.53 5.12 -22.66
N THR A 278 -11.54 6.26 -21.98
CA THR A 278 -12.59 7.27 -22.19
C THR A 278 -12.60 7.78 -23.60
N VAL A 279 -11.45 8.14 -24.14
CA VAL A 279 -11.36 8.65 -25.53
C VAL A 279 -11.79 7.56 -26.47
N ALA A 280 -11.35 6.29 -26.30
CA ALA A 280 -11.75 5.21 -27.18
C ALA A 280 -13.23 4.94 -27.14
N PHE A 281 -13.84 5.05 -25.93
CA PHE A 281 -15.26 4.88 -25.79
C PHE A 281 -16.01 5.97 -26.56
N GLU A 282 -15.57 7.20 -26.37
CA GLU A 282 -16.20 8.34 -27.06
C GLU A 282 -16.08 8.21 -28.54
N LYS A 283 -14.99 7.64 -29.05
CA LYS A 283 -14.79 7.49 -30.48
C LYS A 283 -15.62 6.33 -31.02
N GLY A 284 -16.08 5.42 -30.19
CA GLY A 284 -16.77 4.22 -30.59
C GLY A 284 -15.91 3.01 -30.83
N THR A 285 -14.62 3.07 -30.53
CA THR A 285 -13.70 1.96 -30.65
C THR A 285 -14.05 0.86 -29.66
N LEU A 286 -14.47 1.28 -28.47
CA LEU A 286 -15.02 0.33 -27.48
C LEU A 286 -16.51 0.56 -27.39
N PRO A 287 -17.22 -0.51 -27.51
CA PRO A 287 -18.66 -0.42 -27.46
C PRO A 287 -19.20 -0.40 -26.04
N PRO A 288 -20.44 0.00 -25.83
CA PRO A 288 -21.08 -0.18 -24.55
C PRO A 288 -20.96 -1.65 -24.05
N VAL A 289 -20.68 -1.85 -22.78
CA VAL A 289 -20.62 -3.15 -22.15
C VAL A 289 -22.18 -3.57 -22.05
N ASP A 290 -22.57 -4.29 -22.95
CA ASP A 290 -23.94 -4.75 -22.97
C ASP A 290 -25.11 -3.76 -23.08
N GLY A 291 -24.98 -2.44 -23.01
CA GLY A 291 -26.31 -1.74 -23.21
C GLY A 291 -27.39 -1.94 -22.08
N VAL A 292 -27.01 -2.46 -20.92
CA VAL A 292 -27.59 -1.96 -19.65
C VAL A 292 -26.60 -0.86 -19.20
N LEU A 293 -25.28 -1.11 -19.17
CA LEU A 293 -24.36 -0.23 -18.46
C LEU A 293 -24.32 1.16 -19.12
N ASP A 294 -24.42 2.26 -18.28
CA ASP A 294 -24.33 3.62 -18.80
C ASP A 294 -22.86 3.93 -19.17
N VAL A 295 -22.56 5.13 -19.68
CA VAL A 295 -21.23 5.46 -20.16
C VAL A 295 -20.22 5.26 -19.09
N ASP A 296 -20.41 5.79 -17.93
CA ASP A 296 -19.39 5.71 -16.91
C ASP A 296 -19.21 4.32 -16.39
N GLU A 297 -20.27 3.53 -16.33
CA GLU A 297 -20.15 2.14 -15.95
C GLU A 297 -19.37 1.34 -17.00
N SER A 298 -19.63 1.61 -18.27
CA SER A 298 -18.90 0.93 -19.29
C SER A 298 -17.39 1.26 -19.20
N ILE A 299 -17.08 2.55 -19.13
CA ILE A 299 -15.66 2.96 -19.06
C ILE A 299 -15.03 2.30 -17.84
N SER A 300 -15.70 2.31 -16.71
CA SER A 300 -15.17 1.79 -15.48
C SER A 300 -14.94 0.28 -15.60
N TYR A 301 -15.90 -0.45 -16.19
CA TYR A 301 -15.78 -1.85 -16.44
C TYR A 301 -14.50 -2.12 -17.24
N TYR A 302 -14.33 -1.39 -18.37
CA TYR A 302 -13.16 -1.60 -19.19
C TYR A 302 -11.85 -1.31 -18.48
N VAL A 303 -11.80 -0.21 -17.71
CA VAL A 303 -10.60 0.12 -16.94
C VAL A 303 -10.26 -1.02 -16.01
N GLU A 304 -11.24 -1.58 -15.36
CA GLU A 304 -11.01 -2.60 -14.36
C GLU A 304 -10.72 -3.98 -15.01
N LEU A 305 -11.35 -4.24 -16.15
CA LEU A 305 -11.08 -5.44 -16.94
C LEU A 305 -9.62 -5.44 -17.38
N PHE A 306 -9.19 -4.34 -18.00
CA PHE A 306 -7.80 -4.20 -18.36
C PHE A 306 -6.90 -4.33 -17.15
N GLY A 307 -7.32 -3.73 -16.05
CA GLY A 307 -6.58 -3.81 -14.81
C GLY A 307 -6.28 -5.22 -14.42
N ARG A 308 -7.23 -6.12 -14.53
CA ARG A 308 -6.96 -7.47 -14.14
C ARG A 308 -6.17 -8.25 -15.18
N PHE A 309 -6.26 -7.85 -16.45
CA PHE A 309 -5.63 -8.58 -17.53
C PHE A 309 -4.14 -8.31 -17.65
N GLY A 310 -3.74 -7.06 -17.72
CA GLY A 310 -2.35 -6.69 -17.74
C GLY A 310 -1.62 -6.63 -19.08
N PHE A 311 -0.30 -6.58 -18.98
CA PHE A 311 0.66 -6.28 -20.05
C PHE A 311 1.50 -7.48 -20.43
N GLY A 312 1.23 -8.66 -19.88
CA GLY A 312 1.97 -9.88 -20.16
C GLY A 312 2.48 -10.61 -18.94
N THR A 313 2.33 -10.03 -17.74
CA THR A 313 2.72 -10.68 -16.49
C THR A 313 1.62 -10.67 -15.46
N GLY A 314 0.35 -10.57 -15.90
CA GLY A 314 -0.79 -10.56 -15.04
C GLY A 314 -1.30 -9.16 -14.75
N GLY A 315 -2.38 -9.05 -14.01
CA GLY A 315 -3.00 -7.75 -13.89
C GLY A 315 -2.12 -6.72 -13.22
N PHE A 316 -2.12 -5.52 -13.79
CA PHE A 316 -1.49 -4.36 -13.19
C PHE A 316 -2.41 -3.46 -12.43
N LYS A 317 -3.69 -3.84 -12.25
CA LYS A 317 -4.58 -3.17 -11.31
C LYS A 317 -3.88 -2.87 -10.00
N PRO A 318 -3.24 -3.83 -9.35
CA PRO A 318 -2.62 -3.49 -8.05
C PRO A 318 -1.51 -2.50 -8.16
N LEU A 319 -0.97 -2.30 -9.34
CA LEU A 319 0.09 -1.35 -9.66
C LEU A 319 -0.45 -0.05 -10.21
N TYR A 320 -1.74 0.19 -10.18
CA TYR A 320 -2.32 1.37 -10.81
C TYR A 320 -1.87 2.67 -10.20
N ASN A 321 -1.32 2.68 -8.97
CA ASN A 321 -0.84 3.89 -8.38
C ASN A 321 0.54 4.30 -8.79
N ILE A 322 1.27 3.43 -9.51
CA ILE A 322 2.57 3.86 -10.01
C ILE A 322 2.40 5.05 -10.92
N SER A 323 3.43 5.88 -11.00
CA SER A 323 3.43 6.93 -11.98
C SER A 323 3.37 6.40 -13.39
N LEU A 324 2.80 7.12 -14.31
CA LEU A 324 2.90 6.78 -15.71
C LEU A 324 4.35 6.71 -16.14
N VAL A 325 5.23 7.53 -15.57
CA VAL A 325 6.65 7.48 -15.88
C VAL A 325 7.24 6.13 -15.64
N GLU A 326 6.91 5.54 -14.49
CA GLU A 326 7.39 4.22 -14.13
C GLU A 326 6.88 3.19 -15.12
N MET A 327 5.60 3.21 -15.43
CA MET A 327 5.09 2.26 -16.43
C MET A 327 5.78 2.44 -17.74
N MET A 328 6.02 3.68 -18.15
CA MET A 328 6.64 3.96 -19.43
C MET A 328 8.05 3.41 -19.53
N ARG A 329 8.80 3.37 -18.44
CA ARG A 329 10.11 2.70 -18.44
C ARG A 329 9.94 1.27 -18.85
N LEU A 330 8.95 0.58 -18.34
CA LEU A 330 8.73 -0.84 -18.64
C LEU A 330 8.25 -1.05 -20.04
N ILE A 331 7.43 -0.12 -20.55
CA ILE A 331 6.96 -0.16 -21.96
C ILE A 331 8.07 0.01 -22.90
N LEU A 332 8.98 0.93 -22.66
CA LEU A 332 10.14 1.17 -23.57
C LEU A 332 11.02 -0.06 -23.58
N TRP A 333 11.14 -0.74 -22.44
CA TRP A 333 12.01 -1.92 -22.29
C TRP A 333 11.38 -3.19 -22.79
N ASP A 334 10.13 -3.21 -23.15
CA ASP A 334 9.46 -4.47 -23.58
C ASP A 334 9.62 -5.53 -22.53
N TYR A 335 9.32 -5.23 -21.32
CA TYR A 335 9.73 -6.03 -20.12
C TYR A 335 9.13 -7.42 -20.11
N SER A 336 7.96 -7.65 -20.74
CA SER A 336 7.20 -8.89 -20.50
C SER A 336 7.73 -10.05 -21.26
N ASN A 337 8.60 -9.84 -22.19
CA ASN A 337 9.17 -10.91 -22.99
C ASN A 337 10.35 -11.57 -22.22
N GLU A 338 10.08 -12.61 -21.42
CA GLU A 338 10.98 -13.07 -20.37
C GLU A 338 11.42 -14.51 -20.51
N TYR A 339 12.60 -14.80 -19.91
CA TYR A 339 13.27 -16.10 -19.95
C TYR A 339 13.68 -16.55 -18.57
N THR A 340 13.97 -17.84 -18.45
CA THR A 340 14.57 -18.44 -17.30
C THR A 340 16.05 -18.53 -17.42
N LEU A 341 16.74 -18.86 -16.34
CA LEU A 341 18.18 -19.04 -16.30
C LEU A 341 18.58 -20.50 -16.37
N PRO A 342 19.83 -20.80 -16.73
CA PRO A 342 20.29 -22.20 -16.88
C PRO A 342 20.67 -22.77 -15.54
N VAL A 343 19.70 -22.97 -14.65
CA VAL A 343 19.92 -23.32 -13.26
C VAL A 343 18.82 -24.23 -12.78
N THR A 344 19.07 -24.89 -11.67
CA THR A 344 18.04 -25.45 -10.83
C THR A 344 17.43 -24.42 -9.92
N GLU A 345 18.24 -23.58 -9.32
CA GLU A 345 17.79 -22.54 -8.44
C GLU A 345 18.44 -21.20 -8.87
N ASN A 346 17.68 -20.11 -8.90
CA ASN A 346 18.21 -18.83 -9.34
C ASN A 346 19.38 -18.35 -8.48
N VAL A 347 19.44 -18.75 -7.21
CA VAL A 347 20.55 -18.38 -6.37
C VAL A 347 21.89 -18.81 -6.96
N GLU A 348 21.91 -19.87 -7.77
CA GLU A 348 23.13 -20.30 -8.43
C GLU A 348 23.76 -19.19 -9.26
N PHE A 349 22.93 -18.32 -9.83
CA PHE A 349 23.50 -17.20 -10.57
C PHE A 349 24.41 -16.36 -9.70
N ILE A 350 23.84 -15.93 -8.57
CA ILE A 350 24.56 -15.06 -7.65
C ILE A 350 25.76 -15.74 -7.06
N ARG A 351 25.61 -17.00 -6.66
CA ARG A 351 26.76 -17.77 -6.18
C ARG A 351 27.84 -17.83 -7.21
N ASN A 352 27.49 -18.15 -8.46
CA ASN A 352 28.51 -18.25 -9.51
C ASN A 352 29.19 -16.91 -9.76
N LEU A 353 28.47 -15.82 -9.65
CA LEU A 353 29.05 -14.49 -9.82
C LEU A 353 30.04 -14.22 -8.67
N PHE A 354 29.72 -14.63 -7.46
CA PHE A 354 30.63 -14.52 -6.31
C PHE A 354 31.91 -15.30 -6.52
N LEU A 355 31.78 -16.53 -6.99
CA LEU A 355 32.97 -17.36 -7.27
C LEU A 355 33.77 -16.73 -8.41
N LYS A 356 33.12 -16.23 -9.44
CA LYS A 356 33.83 -15.61 -10.54
C LYS A 356 34.57 -14.35 -10.09
N ALA A 357 33.99 -13.58 -9.21
CA ALA A 357 34.66 -12.39 -8.68
C ALA A 357 36.00 -12.78 -8.11
N GLN A 358 36.02 -13.86 -7.33
CA GLN A 358 37.27 -14.29 -6.72
C GLN A 358 38.23 -14.82 -7.76
N ASN A 359 37.76 -15.53 -8.76
CA ASN A 359 38.59 -16.06 -9.85
C ASN A 359 39.22 -14.93 -10.63
N VAL A 360 38.43 -13.94 -11.04
CA VAL A 360 38.96 -12.84 -11.84
C VAL A 360 39.89 -11.95 -11.04
N GLY A 361 39.74 -11.85 -9.75
CA GLY A 361 40.64 -10.99 -8.99
C GLY A 361 42.03 -11.44 -9.12
N ALA A 362 42.25 -12.65 -9.64
CA ALA A 362 43.61 -13.20 -9.94
C ALA A 362 44.58 -13.10 -8.74
N GLY A 363 44.16 -13.41 -7.49
CA GLY A 363 45.01 -13.37 -6.28
C GLY A 363 45.04 -11.92 -5.61
N LYS A 364 44.68 -10.90 -6.31
CA LYS A 364 44.77 -9.52 -5.85
C LYS A 364 43.55 -9.07 -5.05
N LEU A 365 42.46 -9.85 -5.09
CA LEU A 365 41.27 -9.70 -4.29
C LEU A 365 41.24 -10.77 -3.19
N VAL A 366 41.07 -10.36 -1.93
CA VAL A 366 40.83 -11.22 -0.80
C VAL A 366 39.46 -10.82 -0.29
N VAL A 367 38.63 -11.82 -0.03
CA VAL A 367 37.26 -11.64 0.44
C VAL A 367 37.02 -12.40 1.71
N GLN A 368 36.44 -11.75 2.70
CA GLN A 368 36.02 -12.42 3.94
C GLN A 368 34.55 -12.09 4.12
N VAL A 369 33.77 -13.05 4.55
CA VAL A 369 32.36 -12.92 4.85
C VAL A 369 32.17 -12.75 6.34
N ARG A 370 31.35 -11.78 6.71
CA ARG A 370 30.95 -11.58 8.07
C ARG A 370 29.44 -11.80 8.21
N GLN A 371 29.02 -12.69 9.13
CA GLN A 371 27.63 -12.92 9.41
C GLN A 371 27.24 -11.92 10.51
N GLU A 372 27.08 -10.64 10.06
CA GLU A 372 26.79 -9.56 10.96
C GLU A 372 25.83 -8.62 10.28
N ARG A 373 24.96 -8.03 11.11
CA ARG A 373 24.03 -7.00 10.69
C ARG A 373 24.64 -5.63 10.96
N VAL A 374 24.83 -4.84 9.91
CA VAL A 374 25.28 -3.47 10.11
C VAL A 374 24.14 -2.65 10.67
N ALA A 375 24.44 -1.95 11.75
CA ALA A 375 23.51 -1.06 12.41
C ALA A 375 23.67 0.39 12.09
N ASN A 376 24.92 0.84 11.84
CA ASN A 376 25.21 2.21 11.63
C ASN A 376 26.43 2.34 10.73
N ALA A 377 26.43 3.38 9.91
CA ALA A 377 27.55 3.84 9.11
C ALA A 377 27.82 5.31 9.40
N CYS A 378 29.08 5.72 9.31
CA CYS A 378 29.41 7.16 9.44
C CYS A 378 30.80 7.35 8.92
N HIS A 379 31.19 8.59 8.75
CA HIS A 379 32.60 8.91 8.64
C HIS A 379 33.06 9.44 10.00
N SER A 380 34.23 8.97 10.46
CA SER A 380 34.74 9.52 11.70
C SER A 380 36.20 9.45 11.80
N GLY A 381 36.72 10.23 12.77
CA GLY A 381 38.08 10.23 13.16
C GLY A 381 38.96 10.89 12.13
N THR A 382 40.25 10.73 12.34
CA THR A 382 41.30 11.39 11.55
C THR A 382 42.27 10.47 10.93
N ALA A 383 42.04 9.16 10.97
CA ALA A 383 42.94 8.21 10.39
C ALA A 383 42.73 8.13 8.89
N SER A 384 43.56 7.35 8.18
CA SER A 384 43.38 7.17 6.77
C SER A 384 42.02 6.55 6.35
N ALA A 385 41.66 5.47 7.03
CA ALA A 385 40.36 4.84 6.90
C ALA A 385 39.37 5.52 7.85
N ARG A 386 38.37 6.18 7.26
CA ARG A 386 37.36 6.90 8.05
C ARG A 386 35.99 6.41 7.86
N ALA A 387 35.74 5.44 6.97
CA ALA A 387 34.41 4.95 6.67
C ALA A 387 34.07 3.87 7.64
N GLN A 388 33.31 4.16 8.65
CA GLN A 388 33.02 3.30 9.77
C GLN A 388 31.76 2.50 9.59
N LEU A 389 31.81 1.23 9.99
CA LEU A 389 30.64 0.38 10.12
C LEU A 389 30.57 -0.26 11.53
N LEU A 390 29.42 -0.08 12.13
CA LEU A 390 29.04 -0.68 13.43
C LEU A 390 28.06 -1.81 13.17
N SER A 391 28.41 -3.01 13.62
CA SER A 391 27.62 -4.20 13.34
C SER A 391 27.48 -5.09 14.54
N TYR A 392 26.52 -5.99 14.46
CA TYR A 392 26.25 -6.98 15.51
C TYR A 392 26.29 -8.36 14.89
N ASP A 393 26.96 -9.32 15.56
CA ASP A 393 26.96 -10.69 15.11
C ASP A 393 25.75 -11.43 15.55
N SER A 394 25.69 -12.71 15.25
CA SER A 394 24.50 -13.49 15.46
C SER A 394 24.15 -13.73 16.94
N HIS A 395 25.07 -13.38 17.86
CA HIS A 395 24.79 -13.42 19.25
C HIS A 395 24.78 -12.01 19.85
N ASN A 396 24.60 -11.03 18.98
CA ASN A 396 24.42 -9.63 19.37
C ASN A 396 25.67 -8.93 19.90
N ALA A 397 26.85 -9.52 19.71
CA ALA A 397 28.08 -8.83 20.05
C ALA A 397 28.40 -7.76 19.04
N VAL A 398 28.85 -6.60 19.54
CA VAL A 398 29.16 -5.45 18.73
C VAL A 398 30.53 -5.55 18.08
N HIS A 399 30.63 -4.99 16.90
CA HIS A 399 31.88 -4.91 16.15
C HIS A 399 31.98 -3.59 15.46
N SER A 400 33.16 -2.98 15.41
CA SER A 400 33.37 -1.73 14.67
C SER A 400 34.57 -1.88 13.79
N GLU A 401 34.53 -1.40 12.57
CA GLU A 401 35.63 -1.46 11.64
C GLU A 401 35.59 -0.25 10.76
N ALA A 402 36.78 0.24 10.39
CA ALA A 402 36.96 1.37 9.48
C ALA A 402 37.50 0.88 8.14
N TYR A 403 37.06 1.49 7.08
CA TYR A 403 37.37 1.18 5.73
C TYR A 403 37.79 2.38 4.90
N ASP A 404 38.48 2.11 3.81
CA ASP A 404 38.76 3.15 2.82
C ASP A 404 37.47 3.56 2.08
N PHE A 405 36.66 2.60 1.66
CA PHE A 405 35.43 2.79 0.91
C PHE A 405 34.42 1.77 1.37
N VAL A 406 33.14 2.12 1.29
CA VAL A 406 32.07 1.20 1.60
C VAL A 406 30.98 1.29 0.53
N ILE A 407 30.49 0.13 0.10
CA ILE A 407 29.34 0.00 -0.76
C ILE A 407 28.19 -0.54 0.08
N LEU A 408 27.13 0.27 0.23
CA LEU A 408 25.94 -0.11 1.01
C LEU A 408 24.94 -0.70 0.02
N ALA A 409 24.95 -2.06 -0.04
CA ALA A 409 24.23 -2.83 -1.06
C ALA A 409 22.97 -3.45 -0.46
N VAL A 410 22.12 -2.60 0.14
CA VAL A 410 20.91 -3.06 0.78
C VAL A 410 19.80 -2.15 0.34
N PRO A 411 18.54 -2.63 0.25
CA PRO A 411 17.42 -1.80 -0.19
C PRO A 411 17.02 -0.79 0.87
N HIS A 412 16.12 0.13 0.46
CA HIS A 412 16.01 1.38 1.17
C HIS A 412 15.55 1.26 2.60
N ASP A 413 14.59 0.41 2.92
CA ASP A 413 14.15 0.31 4.32
C ASP A 413 15.20 -0.28 5.19
N GLN A 414 16.07 -1.14 4.63
CA GLN A 414 17.19 -1.69 5.38
C GLN A 414 18.34 -0.70 5.52
N LEU A 415 18.43 0.24 4.56
CA LEU A 415 19.47 1.26 4.61
C LEU A 415 19.13 2.33 5.61
N THR A 416 17.85 2.75 5.73
CA THR A 416 17.43 3.85 6.59
C THR A 416 18.08 3.79 7.98
N PRO A 417 17.99 2.71 8.77
CA PRO A 417 18.53 2.78 10.14
C PRO A 417 20.05 2.97 10.14
N ILE A 418 20.72 2.59 9.07
CA ILE A 418 22.16 2.68 8.99
C ILE A 418 22.63 4.06 8.74
N VAL A 419 21.85 4.91 8.03
CA VAL A 419 22.30 6.18 7.57
C VAL A 419 21.57 7.38 8.11
N SER A 420 20.51 7.17 8.88
CA SER A 420 19.59 8.23 9.27
C SER A 420 19.60 8.62 10.72
N ARG A 421 20.39 8.00 11.58
CA ARG A 421 20.30 8.20 13.01
C ARG A 421 21.50 8.95 13.62
N SER A 422 22.37 9.49 12.77
CA SER A 422 23.57 10.23 13.16
C SER A 422 23.43 11.70 12.88
N GLY A 423 22.27 12.20 12.57
CA GLY A 423 22.09 13.60 12.15
C GLY A 423 22.74 13.87 10.78
N PHE A 424 22.92 15.17 10.52
CA PHE A 424 23.12 15.67 9.17
C PHE A 424 24.31 16.56 9.00
N GLU A 425 25.21 16.58 10.01
CA GLU A 425 26.38 17.50 9.97
C GLU A 425 27.42 16.98 10.93
N HIS A 426 28.50 17.75 11.05
CA HIS A 426 29.58 17.39 11.97
C HIS A 426 29.02 17.27 13.38
N ALA A 427 29.50 16.27 14.11
CA ALA A 427 29.23 16.10 15.55
C ALA A 427 30.52 15.74 16.23
N ALA A 428 30.84 16.34 17.39
CA ALA A 428 32.05 16.06 18.07
C ALA A 428 32.15 14.60 18.51
N SER A 429 31.06 14.03 19.02
CA SER A 429 31.07 12.65 19.47
C SER A 429 29.67 12.12 19.42
N GLN A 430 29.53 10.88 19.05
CA GLN A 430 28.27 10.14 19.10
C GLN A 430 28.45 8.74 19.56
N ASN A 431 27.49 8.24 20.33
CA ASN A 431 27.49 6.83 20.76
C ASN A 431 26.46 6.10 19.93
N LEU A 432 26.94 5.50 18.85
CA LEU A 432 26.05 4.89 17.86
C LEU A 432 25.82 3.40 18.18
N GLY A 433 24.67 2.94 17.67
CA GLY A 433 24.29 1.56 17.77
C GLY A 433 22.80 1.41 18.14
N ASP A 434 22.42 0.19 18.45
CA ASP A 434 21.02 -0.12 18.65
C ASP A 434 20.65 -0.08 20.12
N ALA A 435 20.84 1.10 20.69
CA ALA A 435 20.63 1.29 22.14
C ALA A 435 19.24 0.95 22.56
N GLY A 436 18.19 1.18 21.74
CA GLY A 436 16.85 0.83 22.17
C GLY A 436 16.61 -0.65 22.29
N LEU A 437 17.41 -1.46 21.62
CA LEU A 437 17.37 -2.94 21.71
C LEU A 437 18.16 -3.40 22.91
N GLY A 438 18.82 -2.53 23.63
CA GLY A 438 19.71 -2.90 24.73
C GLY A 438 21.06 -3.37 24.30
N LEU A 439 21.42 -3.10 23.07
CA LEU A 439 22.67 -3.52 22.53
C LEU A 439 23.77 -2.49 22.79
N GLU A 440 25.04 -2.89 22.74
CA GLU A 440 26.14 -2.03 23.09
C GLU A 440 26.35 -1.01 22.00
N THR A 441 26.65 0.22 22.42
CA THR A 441 27.00 1.32 21.51
C THR A 441 28.52 1.44 21.40
N HIS A 442 28.92 2.23 20.43
CA HIS A 442 30.33 2.56 20.21
C HIS A 442 30.47 4.04 20.03
N THR A 443 31.45 4.62 20.70
CA THR A 443 31.71 6.04 20.57
C THR A 443 32.56 6.36 19.38
N TYR A 444 32.05 7.19 18.47
CA TYR A 444 32.79 7.71 17.34
C TYR A 444 33.02 9.20 17.62
N ASN A 445 34.14 9.73 17.18
CA ASN A 445 34.54 11.09 17.37
C ASN A 445 34.80 11.77 16.03
N GLN A 446 34.49 13.05 15.95
CA GLN A 446 34.59 13.82 14.75
C GLN A 446 33.76 13.20 13.61
N VAL A 447 32.47 13.11 13.86
CA VAL A 447 31.54 12.26 13.07
C VAL A 447 30.87 13.13 12.02
N TYR A 448 30.80 12.54 10.81
CA TYR A 448 30.01 13.10 9.73
C TYR A 448 29.07 11.98 9.24
N PRO A 449 27.95 12.41 8.63
CA PRO A 449 27.03 11.39 8.09
C PRO A 449 27.70 10.57 7.03
N PRO A 450 27.22 9.30 6.86
CA PRO A 450 27.79 8.48 5.81
C PRO A 450 27.45 8.96 4.42
N LEU A 451 26.22 9.39 4.17
CA LEU A 451 25.79 9.81 2.84
C LEU A 451 26.08 11.30 2.70
N LEU A 452 27.37 11.65 2.60
CA LEU A 452 27.88 12.98 2.80
C LEU A 452 27.90 13.73 1.49
N LEU A 453 26.83 14.53 1.27
CA LEU A 453 26.71 15.38 0.14
C LEU A 453 27.23 16.78 0.35
N SER A 454 27.42 17.17 1.60
CA SER A 454 27.92 18.54 1.88
C SER A 454 28.67 18.52 3.12
N ASP A 455 29.80 19.24 3.01
CA ASP A 455 30.53 19.78 4.08
C ASP A 455 29.99 21.04 4.81
N SER A 456 28.86 21.54 4.40
CA SER A 456 28.41 22.84 4.92
C SER A 456 26.84 22.74 5.13
N SER A 457 26.05 22.25 4.14
CA SER A 457 24.55 21.92 4.11
C SER A 457 23.94 20.87 4.87
N PRO A 458 23.50 21.19 6.12
CA PRO A 458 22.83 19.92 6.53
C PRO A 458 21.68 19.58 5.54
N ALA A 459 21.02 20.53 4.82
CA ALA A 459 19.82 20.16 4.04
C ALA A 459 20.23 19.19 2.98
N ALA A 460 21.40 19.29 2.37
CA ALA A 460 21.76 18.37 1.29
C ALA A 460 21.92 16.91 1.85
N ASN A 461 22.51 16.80 3.04
CA ASN A 461 22.66 15.50 3.71
C ASN A 461 21.32 14.99 4.08
N ALA A 462 20.39 15.87 4.52
CA ALA A 462 19.04 15.47 4.87
C ALA A 462 18.25 15.06 3.65
N ARG A 463 18.45 15.70 2.49
CA ARG A 463 17.66 15.37 1.32
C ARG A 463 17.90 13.93 0.91
N ILE A 464 19.17 13.48 0.87
CA ILE A 464 19.40 12.11 0.44
C ILE A 464 18.82 11.10 1.43
N VAL A 465 18.99 11.35 2.74
CA VAL A 465 18.48 10.47 3.76
C VAL A 465 16.97 10.41 3.73
N THR A 466 16.29 11.54 3.70
CA THR A 466 14.86 11.59 3.69
C THR A 466 14.29 10.96 2.43
N ALA A 467 14.94 11.19 1.28
CA ALA A 467 14.50 10.56 0.04
C ALA A 467 14.52 9.04 0.18
N ILE A 468 15.67 8.48 0.61
CA ILE A 468 15.78 7.04 0.78
C ILE A 468 14.68 6.47 1.60
N GLY A 469 14.43 7.15 2.73
CA GLY A 469 13.46 6.63 3.69
C GLY A 469 12.03 6.60 3.26
N GLN A 470 11.72 7.42 2.27
CA GLN A 470 10.36 7.54 1.73
C GLN A 470 10.16 6.92 0.36
N LEU A 471 11.14 6.17 -0.15
CA LEU A 471 10.88 5.40 -1.35
C LEU A 471 9.79 4.38 -1.06
N HIS A 472 9.07 4.00 -2.10
CA HIS A 472 7.93 3.06 -1.92
C HIS A 472 8.43 1.61 -2.23
N MET A 473 8.41 0.75 -1.18
CA MET A 473 8.62 -0.65 -1.35
C MET A 473 7.29 -1.33 -1.64
N ALA A 474 7.11 -1.83 -2.83
CA ALA A 474 5.90 -2.55 -3.18
C ALA A 474 5.81 -3.80 -2.34
N ARG A 475 4.61 -4.11 -1.92
CA ARG A 475 4.28 -5.31 -1.15
C ARG A 475 4.10 -6.45 -2.07
N SER A 476 4.50 -7.66 -1.62
CA SER A 476 4.40 -8.85 -2.46
C SER A 476 4.44 -10.10 -1.66
N SER A 477 3.72 -11.10 -2.12
CA SER A 477 3.69 -12.40 -1.48
C SER A 477 3.56 -13.50 -2.49
N LYS A 478 4.10 -14.69 -2.19
CA LYS A 478 3.94 -15.85 -3.06
C LYS A 478 3.51 -17.05 -2.20
N VAL A 479 2.39 -17.66 -2.64
CA VAL A 479 1.86 -18.92 -2.09
C VAL A 479 2.20 -20.03 -3.03
N PHE A 480 2.89 -21.07 -2.55
CA PHE A 480 3.34 -22.22 -3.30
C PHE A 480 2.85 -23.51 -2.74
N ALA A 481 2.71 -24.52 -3.60
CA ALA A 481 2.46 -25.89 -3.20
C ALA A 481 3.14 -26.76 -4.25
N THR A 482 3.22 -28.08 -3.93
CA THR A 482 3.77 -29.05 -4.87
C THR A 482 2.63 -29.93 -5.42
N VAL A 483 2.62 -30.09 -6.74
CA VAL A 483 1.57 -30.86 -7.43
C VAL A 483 2.24 -31.77 -8.43
N LYS A 484 1.63 -32.94 -8.57
CA LYS A 484 2.08 -33.82 -9.68
C LYS A 484 1.70 -33.14 -10.99
N THR A 485 2.69 -33.13 -11.91
CA THR A 485 2.46 -32.53 -13.23
C THR A 485 1.30 -33.17 -13.92
N ALA A 486 1.11 -34.46 -13.69
CA ALA A 486 0.01 -35.22 -14.28
C ALA A 486 -1.36 -34.71 -13.86
N ALA A 487 -1.47 -33.93 -12.79
CA ALA A 487 -2.78 -33.32 -12.41
C ALA A 487 -3.33 -32.50 -13.59
N LEU A 488 -2.44 -31.89 -14.40
CA LEU A 488 -2.85 -31.11 -15.50
C LEU A 488 -3.57 -31.90 -16.59
N ASP A 489 -3.45 -33.23 -16.52
CA ASP A 489 -4.09 -34.11 -17.49
C ASP A 489 -5.46 -34.54 -17.00
N GLN A 490 -5.95 -34.12 -15.85
CA GLN A 490 -7.30 -34.50 -15.37
C GLN A 490 -8.33 -33.98 -16.36
N PRO A 491 -9.48 -34.64 -16.44
CA PRO A 491 -10.43 -34.26 -17.46
C PRO A 491 -11.05 -32.91 -17.27
N TRP A 492 -11.05 -32.42 -16.04
CA TRP A 492 -11.60 -31.11 -15.73
C TRP A 492 -10.63 -29.98 -15.87
N VAL A 493 -9.39 -30.23 -16.28
CA VAL A 493 -8.41 -29.16 -16.59
C VAL A 493 -8.62 -28.85 -18.06
N PRO A 494 -8.98 -27.61 -18.39
CA PRO A 494 -9.17 -27.25 -19.77
C PRO A 494 -7.91 -27.27 -20.57
N GLN A 495 -8.10 -27.47 -21.87
CA GLN A 495 -7.02 -27.46 -22.84
C GLN A 495 -7.19 -26.39 -23.90
N TRP A 496 -6.07 -25.97 -24.46
CA TRP A 496 -5.96 -25.12 -25.65
C TRP A 496 -5.15 -25.88 -26.69
N ARG A 497 -5.79 -26.29 -27.76
CA ARG A 497 -5.14 -27.13 -28.79
C ARG A 497 -4.42 -28.29 -28.15
N GLY A 498 -5.10 -28.98 -27.25
CA GLY A 498 -4.48 -30.16 -26.63
C GLY A 498 -3.51 -29.91 -25.51
N GLU A 499 -3.16 -28.64 -25.16
CA GLU A 499 -2.17 -28.36 -24.09
C GLU A 499 -3.01 -27.83 -22.91
N PRO A 500 -2.74 -28.35 -21.69
CA PRO A 500 -3.46 -27.85 -20.55
C PRO A 500 -3.15 -26.42 -20.24
N ILE A 501 -4.12 -25.72 -19.66
CA ILE A 501 -3.97 -24.36 -19.07
C ILE A 501 -2.93 -24.47 -17.93
N LYS A 502 -1.93 -23.59 -17.97
CA LYS A 502 -0.84 -23.57 -17.02
C LYS A 502 -0.62 -22.23 -16.37
N ALA A 503 -1.43 -21.22 -16.68
CA ALA A 503 -1.42 -19.90 -16.06
C ALA A 503 -2.86 -19.47 -15.89
N VAL A 504 -3.18 -18.86 -14.76
CA VAL A 504 -4.52 -18.38 -14.46
C VAL A 504 -4.40 -17.01 -13.85
N VAL A 505 -5.06 -16.03 -14.46
CA VAL A 505 -5.07 -14.64 -14.00
C VAL A 505 -6.47 -14.35 -13.59
N SER A 506 -6.75 -13.95 -12.34
CA SER A 506 -8.12 -13.89 -11.83
C SER A 506 -8.30 -12.84 -10.81
N ASP A 507 -9.55 -12.42 -10.66
CA ASP A 507 -9.95 -11.55 -9.59
C ASP A 507 -10.50 -12.22 -8.35
N SER A 508 -10.10 -13.49 -8.18
CA SER A 508 -10.50 -14.33 -7.07
C SER A 508 -9.90 -13.94 -5.72
N GLY A 509 -8.86 -13.07 -5.77
CA GLY A 509 -8.00 -12.79 -4.67
C GLY A 509 -6.62 -13.40 -4.85
N LEU A 510 -6.48 -14.42 -5.71
CA LEU A 510 -5.22 -15.09 -5.95
C LEU A 510 -4.33 -14.29 -6.90
N ALA A 511 -4.93 -13.46 -7.77
CA ALA A 511 -4.29 -12.57 -8.74
C ALA A 511 -3.70 -13.29 -9.92
N ALA A 512 -2.66 -14.08 -9.71
CA ALA A 512 -1.89 -14.73 -10.76
C ALA A 512 -1.36 -16.04 -10.21
N SER A 513 -1.56 -17.09 -10.99
CA SER A 513 -1.25 -18.44 -10.59
C SER A 513 -0.56 -19.17 -11.74
N TYR A 514 0.41 -20.02 -11.47
CA TYR A 514 1.27 -20.66 -12.44
C TYR A 514 1.50 -22.10 -12.03
N VAL A 515 1.57 -23.02 -12.98
CA VAL A 515 1.89 -24.42 -12.69
C VAL A 515 3.23 -24.71 -13.42
N VAL A 516 4.34 -24.50 -12.72
CA VAL A 516 5.68 -24.44 -13.35
C VAL A 516 6.36 -25.79 -13.20
N PRO A 517 6.80 -26.39 -14.31
CA PRO A 517 7.49 -27.71 -14.18
C PRO A 517 8.70 -27.62 -13.25
N SER A 518 8.94 -28.67 -12.45
CA SER A 518 10.13 -28.68 -11.67
C SER A 518 11.36 -28.57 -12.56
N PRO A 519 12.37 -27.83 -12.08
CA PRO A 519 13.62 -27.74 -12.81
C PRO A 519 14.55 -28.88 -12.42
N ILE A 520 14.13 -29.74 -11.49
CA ILE A 520 15.02 -30.85 -11.03
C ILE A 520 14.62 -32.02 -11.96
N VAL A 521 15.25 -32.18 -13.04
CA VAL A 521 14.82 -33.26 -13.95
C VAL A 521 15.97 -33.38 -14.97
N ALA A 526 9.82 -35.14 -18.81
CA ALA A 526 8.90 -34.27 -18.08
C ALA A 526 9.01 -34.60 -16.59
N PRO A 527 9.12 -33.59 -15.78
CA PRO A 527 9.25 -33.82 -14.35
C PRO A 527 7.98 -34.38 -13.75
N GLU A 528 8.13 -35.21 -12.72
CA GLU A 528 6.99 -35.71 -12.01
C GLU A 528 6.24 -34.63 -11.35
N TYR A 529 6.94 -33.63 -10.82
CA TYR A 529 6.27 -32.57 -10.05
C TYR A 529 6.41 -31.23 -10.71
N SER A 530 5.50 -30.33 -10.29
CA SER A 530 5.47 -28.93 -10.63
C SER A 530 5.37 -28.14 -9.37
N SER A 531 5.87 -26.88 -9.48
CA SER A 531 5.66 -25.86 -8.48
C SER A 531 4.35 -25.16 -8.80
N LEU A 532 3.39 -25.33 -7.92
CA LEU A 532 2.11 -24.68 -8.06
C LEU A 532 2.21 -23.30 -7.35
N LEU A 533 2.53 -22.28 -8.15
CA LEU A 533 2.52 -20.91 -7.63
C LEU A 533 1.04 -20.51 -7.59
N ALA A 534 0.38 -20.84 -6.50
CA ALA A 534 -1.05 -20.65 -6.35
C ALA A 534 -1.45 -19.20 -6.37
N SER A 535 -0.59 -18.33 -5.84
CA SER A 535 -0.90 -16.92 -5.81
C SER A 535 0.37 -16.11 -5.74
N TYR A 536 0.56 -15.21 -6.72
CA TYR A 536 1.64 -14.22 -6.69
C TYR A 536 0.91 -12.87 -6.71
N THR A 537 0.99 -12.16 -5.62
CA THR A 537 0.28 -10.90 -5.45
C THR A 537 1.23 -9.72 -5.19
N TRP A 538 0.74 -8.55 -5.62
CA TRP A 538 1.37 -7.26 -5.36
C TRP A 538 0.41 -6.31 -4.65
N GLU A 539 0.98 -5.44 -3.84
CA GLU A 539 0.30 -4.26 -3.35
C GLU A 539 -1.00 -4.67 -2.67
N ASP A 540 -2.14 -4.05 -2.98
CA ASP A 540 -3.35 -4.36 -2.23
C ASP A 540 -3.78 -5.82 -2.39
N ASP A 541 -3.46 -6.46 -3.51
CA ASP A 541 -3.81 -7.83 -3.66
C ASP A 541 -3.14 -8.65 -2.54
N SER A 542 -1.91 -8.29 -2.22
CA SER A 542 -1.15 -8.96 -1.13
C SER A 542 -1.70 -8.60 0.22
N THR A 543 -2.01 -7.31 0.43
CA THR A 543 -2.58 -6.87 1.68
C THR A 543 -3.84 -7.65 2.04
N ARG A 544 -4.69 -7.88 1.03
CA ARG A 544 -5.95 -8.54 1.29
C ARG A 544 -5.77 -9.96 1.79
N LEU A 545 -4.70 -10.65 1.38
CA LEU A 545 -4.43 -12.02 1.79
C LEU A 545 -3.75 -12.12 3.16
N ARG A 546 -3.07 -11.06 3.61
CA ARG A 546 -2.04 -11.21 4.61
C ARG A 546 -2.55 -11.77 5.91
N HIS A 547 -3.75 -11.41 6.31
CA HIS A 547 -4.34 -11.94 7.55
C HIS A 547 -4.41 -13.44 7.59
N ASP A 548 -4.38 -14.08 6.43
CA ASP A 548 -4.49 -15.57 6.37
C ASP A 548 -3.15 -16.29 6.35
N PHE A 549 -1.99 -15.60 6.40
CA PHE A 549 -0.72 -16.30 6.24
C PHE A 549 -0.33 -17.06 7.48
N GLY A 550 -0.76 -16.69 8.68
CA GLY A 550 -0.52 -17.48 9.87
C GLY A 550 0.80 -17.23 10.56
N LEU A 551 1.88 -17.47 9.85
CA LEU A 551 3.25 -17.25 10.35
C LEU A 551 3.93 -16.35 9.35
N TYR A 552 4.79 -15.47 9.86
CA TYR A 552 5.36 -14.38 9.10
C TYR A 552 6.85 -14.25 9.34
N PRO A 553 7.70 -14.09 8.33
CA PRO A 553 7.36 -13.95 6.91
C PRO A 553 7.08 -15.23 6.20
N GLN A 554 7.46 -16.38 6.77
CA GLN A 554 7.32 -17.63 6.08
C GLN A 554 6.46 -18.60 6.90
N ASN A 555 5.52 -19.21 6.21
CA ASN A 555 4.74 -20.37 6.73
C ASN A 555 4.99 -21.50 5.75
N PRO A 556 5.58 -22.64 6.13
CA PRO A 556 6.01 -22.96 7.46
C PRO A 556 7.26 -22.22 7.85
N ALA A 557 7.43 -22.01 9.15
CA ALA A 557 8.62 -21.34 9.69
C ALA A 557 9.73 -22.35 9.81
N THR A 558 9.49 -23.63 9.82
CA THR A 558 10.41 -24.70 10.01
C THR A 558 10.62 -25.47 8.72
N GLU A 559 11.63 -26.34 8.67
CA GLU A 559 11.86 -27.16 7.45
C GLU A 559 10.83 -28.27 7.31
N THR A 560 10.21 -28.67 8.41
CA THR A 560 9.36 -29.82 8.40
C THR A 560 7.88 -29.49 8.38
N GLY A 561 7.47 -28.28 8.62
CA GLY A 561 6.05 -27.98 8.67
C GLY A 561 5.43 -27.84 7.29
N THR A 562 4.12 -27.59 7.28
CA THR A 562 3.33 -27.28 6.10
C THR A 562 2.32 -26.21 6.46
N ALA A 563 2.14 -25.26 5.53
CA ALA A 563 1.19 -24.17 5.71
C ALA A 563 -0.21 -24.59 5.24
N ASP A 564 -0.72 -25.69 5.79
CA ASP A 564 -1.94 -26.30 5.32
C ASP A 564 -3.17 -25.38 5.53
N GLY A 565 -3.34 -24.82 6.74
CA GLY A 565 -4.46 -23.93 7.00
C GLY A 565 -4.46 -22.71 6.09
N MET A 566 -3.28 -22.07 5.94
CA MET A 566 -3.17 -20.93 5.05
C MET A 566 -3.61 -21.36 3.62
N TYR A 567 -3.05 -22.47 3.15
CA TYR A 567 -3.31 -22.83 1.79
C TYR A 567 -4.80 -23.14 1.56
N ARG A 568 -5.46 -23.73 2.54
CA ARG A 568 -6.87 -24.00 2.40
C ARG A 568 -7.67 -22.71 2.25
N THR A 569 -7.22 -21.60 2.83
CA THR A 569 -7.91 -20.33 2.62
C THR A 569 -7.77 -19.84 1.16
N MET A 570 -6.72 -20.26 0.48
CA MET A 570 -6.52 -19.94 -0.91
C MET A 570 -7.35 -20.86 -1.81
N VAL A 571 -7.40 -22.15 -1.50
CA VAL A 571 -8.34 -23.03 -2.19
C VAL A 571 -9.76 -22.49 -2.03
N ASN A 572 -10.10 -22.01 -0.85
CA ASN A 572 -11.43 -21.49 -0.57
C ASN A 572 -11.75 -20.27 -1.39
N ARG A 573 -10.80 -19.42 -1.67
CA ARG A 573 -10.99 -18.26 -2.57
C ARG A 573 -11.30 -18.71 -3.98
N ALA A 574 -10.75 -19.85 -4.40
CA ALA A 574 -11.05 -20.42 -5.70
C ALA A 574 -12.39 -21.15 -5.78
N TYR A 575 -13.07 -21.33 -4.65
CA TYR A 575 -14.35 -22.06 -4.62
C TYR A 575 -15.44 -21.08 -5.00
N ARG A 576 -15.57 -20.86 -6.29
CA ARG A 576 -16.47 -19.87 -6.88
C ARG A 576 -17.16 -20.51 -8.08
N TYR A 577 -18.41 -20.13 -8.27
CA TYR A 577 -19.17 -20.61 -9.39
C TYR A 577 -18.83 -19.76 -10.62
N VAL A 578 -18.26 -20.37 -11.63
CA VAL A 578 -17.81 -19.69 -12.83
C VAL A 578 -18.64 -20.20 -13.98
N LYS A 579 -19.28 -19.29 -14.67
CA LYS A 579 -20.04 -19.57 -15.85
C LYS A 579 -19.21 -19.45 -17.11
N TYR A 580 -19.24 -20.50 -17.92
CA TYR A 580 -18.61 -20.48 -19.19
C TYR A 580 -19.64 -20.34 -20.31
N ALA A 581 -19.31 -19.66 -21.37
CA ALA A 581 -20.25 -19.37 -22.42
C ALA A 581 -20.70 -20.64 -23.03
N GLY A 582 -22.00 -20.75 -23.24
CA GLY A 582 -22.63 -21.83 -23.81
C GLY A 582 -23.10 -22.88 -22.88
N ALA A 583 -22.55 -22.89 -21.64
CA ALA A 583 -22.92 -23.86 -20.60
C ALA A 583 -24.27 -23.33 -19.97
N SER A 584 -25.11 -24.26 -19.55
CA SER A 584 -26.36 -23.90 -18.95
C SER A 584 -26.28 -23.26 -17.61
N ASN A 585 -25.39 -23.82 -16.80
CA ASN A 585 -25.18 -23.33 -15.42
C ASN A 585 -23.75 -23.26 -15.06
N ALA A 586 -23.45 -22.33 -14.18
CA ALA A 586 -22.17 -22.35 -13.48
C ALA A 586 -21.85 -23.76 -12.62
N GLN A 587 -20.56 -24.21 -12.47
CA GLN A 587 -20.14 -25.25 -11.46
C GLN A 587 -18.93 -24.74 -10.75
N PRO A 588 -18.50 -25.31 -9.52
CA PRO A 588 -17.38 -24.71 -8.99
C PRO A 588 -16.23 -24.69 -9.94
N TRP A 589 -15.49 -23.61 -9.88
CA TRP A 589 -14.35 -23.36 -10.79
C TRP A 589 -13.41 -24.58 -10.78
N TRP A 590 -13.01 -25.02 -11.96
CA TRP A 590 -12.07 -26.11 -12.03
C TRP A 590 -10.77 -25.82 -11.32
N PHE A 591 -10.37 -24.55 -11.25
CA PHE A 591 -9.09 -24.21 -10.65
C PHE A 591 -9.13 -24.51 -9.13
N TYR A 592 -10.30 -24.50 -8.48
CA TYR A 592 -10.40 -25.01 -7.16
C TYR A 592 -9.94 -26.44 -7.02
N GLN A 593 -10.39 -27.26 -7.96
CA GLN A 593 -10.01 -28.64 -8.00
C GLN A 593 -8.50 -28.80 -8.19
N LEU A 594 -7.90 -27.98 -9.09
CA LEU A 594 -6.46 -28.06 -9.33
C LEU A 594 -5.71 -27.66 -8.07
N LEU A 595 -6.08 -26.56 -7.43
CA LEU A 595 -5.38 -26.20 -6.20
C LEU A 595 -5.48 -27.29 -5.17
N ALA A 596 -6.62 -27.94 -5.05
CA ALA A 596 -6.81 -28.98 -4.04
C ALA A 596 -6.00 -30.23 -4.35
N GLU A 597 -5.56 -30.40 -5.61
CA GLU A 597 -4.73 -31.54 -5.96
C GLU A 597 -3.31 -31.41 -5.43
N ALA A 598 -2.88 -30.27 -5.06
CA ALA A 598 -1.52 -30.14 -4.45
C ALA A 598 -1.48 -31.06 -3.24
N ARG A 599 -0.29 -31.64 -2.99
CA ARG A 599 -0.15 -32.46 -1.81
C ARG A 599 -0.27 -31.66 -0.55
N THR A 600 -0.57 -32.31 0.57
CA THR A 600 -0.70 -31.63 1.86
C THR A 600 0.61 -31.12 2.38
N ALA A 601 1.68 -31.91 2.33
CA ALA A 601 2.98 -31.50 2.75
C ALA A 601 3.49 -30.39 1.82
N ASP A 602 4.32 -29.51 2.32
CA ASP A 602 5.08 -28.54 1.54
C ASP A 602 4.23 -27.39 0.99
N ARG A 603 3.08 -27.16 1.60
CA ARG A 603 2.34 -25.92 1.34
C ARG A 603 3.05 -24.75 2.00
N PHE A 604 3.07 -23.60 1.33
CA PHE A 604 4.04 -22.55 1.67
C PHE A 604 3.52 -21.17 1.33
N VAL A 605 3.88 -20.17 2.13
CA VAL A 605 3.76 -18.77 1.75
C VAL A 605 5.00 -18.05 2.22
N PHE A 606 5.48 -17.11 1.43
CA PHE A 606 6.48 -16.14 1.85
C PHE A 606 5.92 -14.77 1.61
N ASP A 607 5.94 -13.94 2.64
CA ASP A 607 5.47 -12.59 2.61
C ASP A 607 6.65 -11.62 2.67
N TRP A 608 7.02 -11.03 1.54
CA TRP A 608 8.13 -10.11 1.53
C TRP A 608 7.92 -8.90 2.40
N THR A 609 6.67 -8.57 2.61
CA THR A 609 6.27 -7.44 3.33
C THR A 609 6.72 -7.50 4.81
N THR A 610 6.68 -8.74 5.40
CA THR A 610 7.07 -9.00 6.78
C THR A 610 8.50 -9.55 6.88
N ASN A 611 9.21 -9.70 5.80
CA ASN A 611 10.61 -9.86 5.77
C ASN A 611 11.23 -8.50 6.12
N LYS A 612 12.50 -8.48 6.44
CA LYS A 612 13.18 -7.25 6.89
C LYS A 612 13.33 -6.27 5.79
N THR A 613 13.10 -6.65 4.51
CA THR A 613 13.01 -5.71 3.41
C THR A 613 11.84 -4.81 3.44
N ALA A 614 10.79 -5.17 4.21
CA ALA A 614 9.55 -4.36 4.29
C ALA A 614 8.92 -4.27 2.91
N GLY A 615 8.89 -5.39 2.18
CA GLY A 615 8.31 -5.53 0.85
C GLY A 615 9.22 -6.17 -0.16
N GLY A 616 8.73 -6.24 -1.36
CA GLY A 616 9.40 -6.91 -2.42
C GLY A 616 10.42 -6.10 -3.20
N PHE A 617 10.07 -4.87 -3.57
CA PHE A 617 10.93 -4.09 -4.49
C PHE A 617 10.36 -2.73 -4.68
N LYS A 618 11.21 -1.75 -5.00
CA LYS A 618 10.70 -0.37 -5.18
C LYS A 618 9.86 -0.26 -6.44
N LEU A 619 8.72 0.43 -6.32
CA LEU A 619 7.96 0.95 -7.47
C LEU A 619 7.60 2.35 -7.16
N ASP A 620 7.88 3.27 -8.07
CA ASP A 620 7.68 4.68 -7.78
C ASP A 620 6.23 5.11 -8.00
N MET A 621 5.71 5.80 -6.97
CA MET A 621 4.47 6.49 -6.96
C MET A 621 4.56 7.83 -7.68
N THR A 622 3.43 8.48 -7.91
CA THR A 622 3.45 9.85 -8.42
C THR A 622 4.33 10.69 -7.51
N GLY A 623 5.19 11.51 -8.10
CA GLY A 623 6.11 12.37 -7.37
C GLY A 623 7.40 11.76 -6.95
N ASP A 624 7.49 10.45 -7.03
CA ASP A 624 8.67 9.76 -6.51
C ASP A 624 9.89 9.83 -7.38
N HIS A 625 9.74 10.24 -8.63
CA HIS A 625 10.91 10.34 -9.50
C HIS A 625 12.02 11.14 -8.87
N HIS A 626 11.70 12.25 -8.27
CA HIS A 626 12.70 13.07 -7.67
C HIS A 626 13.41 12.46 -6.51
N GLN A 627 12.81 11.55 -5.83
CA GLN A 627 13.44 10.82 -4.77
C GLN A 627 14.32 9.71 -5.29
N SER A 628 13.76 8.85 -6.17
CA SER A 628 14.52 7.74 -6.69
C SER A 628 15.67 8.25 -7.59
N ASN A 629 15.44 9.27 -8.37
CA ASN A 629 16.47 9.76 -9.24
C ASN A 629 17.61 10.38 -8.49
N LEU A 630 17.36 11.00 -7.34
CA LEU A 630 18.45 11.47 -6.51
C LEU A 630 19.34 10.29 -6.10
N CYS A 631 18.72 9.20 -5.69
CA CYS A 631 19.47 8.02 -5.34
C CYS A 631 20.24 7.44 -6.49
N PHE A 632 19.59 7.39 -7.67
CA PHE A 632 20.24 6.89 -8.88
C PHE A 632 21.49 7.69 -9.20
N ARG A 633 21.46 9.00 -8.96
CA ARG A 633 22.57 9.87 -9.31
C ARG A 633 23.58 10.05 -8.15
N TYR A 634 23.31 9.48 -7.00
CA TYR A 634 24.10 9.73 -5.80
C TYR A 634 25.58 9.50 -5.97
N HIS A 635 26.00 8.49 -6.72
CA HIS A 635 27.40 8.13 -6.92
C HIS A 635 28.20 9.27 -7.60
N THR A 636 27.52 10.20 -8.25
CA THR A 636 28.15 11.37 -8.83
C THR A 636 28.77 12.29 -7.82
N HIS A 637 28.53 12.05 -6.52
CA HIS A 637 29.23 12.83 -5.51
C HIS A 637 30.74 12.75 -5.64
N ALA A 638 31.22 11.66 -6.27
CA ALA A 638 32.63 11.43 -6.47
C ALA A 638 33.31 12.53 -7.28
N LEU A 639 32.54 13.29 -8.06
CA LEU A 639 33.07 14.43 -8.81
C LEU A 639 33.53 15.58 -7.90
N ALA A 640 32.97 15.66 -6.70
CA ALA A 640 33.31 16.72 -5.75
C ALA A 640 34.51 16.26 -4.95
N ALA A 641 35.71 16.68 -5.39
CA ALA A 641 36.93 16.10 -4.92
C ALA A 641 37.18 16.28 -3.42
N SER A 642 36.98 17.52 -2.95
CA SER A 642 37.27 17.78 -1.55
C SER A 642 36.27 17.25 -0.54
N LEU A 643 35.10 16.91 -0.99
CA LEU A 643 34.09 16.28 -0.14
C LEU A 643 34.58 14.94 0.44
N ASP A 644 35.23 14.11 -0.33
CA ASP A 644 35.91 12.93 0.13
C ASP A 644 34.97 11.91 0.77
N ASN A 645 33.75 11.84 0.28
CA ASN A 645 32.71 10.88 0.78
C ASN A 645 33.09 9.47 0.27
N ARG A 646 33.15 8.55 1.21
CA ARG A 646 33.62 7.21 0.97
C ARG A 646 32.49 6.17 0.80
N PHE A 647 31.23 6.59 0.84
CA PHE A 647 30.10 5.67 0.81
C PHE A 647 29.34 5.74 -0.50
N PHE A 648 29.09 4.56 -1.09
CA PHE A 648 28.31 4.37 -2.30
C PHE A 648 27.12 3.48 -1.96
N ILE A 649 26.08 3.50 -2.77
CA ILE A 649 24.88 2.68 -2.52
C ILE A 649 24.64 1.81 -3.79
N ALA A 650 24.13 0.59 -3.57
CA ALA A 650 24.02 -0.39 -4.66
C ALA A 650 22.82 -1.32 -4.41
N SER A 651 21.65 -0.97 -4.99
CA SER A 651 20.46 -1.80 -4.87
C SER A 651 19.48 -1.41 -5.91
N ASP A 652 18.54 -2.28 -6.23
CA ASP A 652 17.44 -1.88 -7.11
C ASP A 652 16.63 -0.70 -6.55
N SER A 653 16.69 -0.48 -5.26
CA SER A 653 16.02 0.73 -4.70
C SER A 653 16.62 2.04 -5.20
N TYR A 654 17.88 1.99 -5.68
CA TYR A 654 18.57 3.18 -6.09
C TYR A 654 18.73 3.20 -7.61
N SER A 655 17.71 2.71 -8.27
CA SER A 655 17.66 2.60 -9.70
C SER A 655 16.28 3.01 -10.23
N HIS A 656 16.17 3.03 -11.55
CA HIS A 656 14.90 3.20 -12.24
C HIS A 656 14.37 1.88 -12.80
N LEU A 657 14.75 0.79 -12.15
CA LEU A 657 14.28 -0.56 -12.43
C LEU A 657 14.13 -1.30 -11.11
N GLY A 658 13.44 -0.70 -10.16
CA GLY A 658 13.11 -1.46 -8.95
C GLY A 658 12.30 -2.68 -9.36
N GLY A 659 12.56 -3.81 -8.72
CA GLY A 659 11.93 -5.03 -9.07
C GLY A 659 12.59 -5.87 -10.12
N TRP A 660 13.83 -5.49 -10.50
CA TRP A 660 14.60 -6.25 -11.50
C TRP A 660 16.02 -6.36 -11.06
N LEU A 661 16.57 -7.53 -11.32
CA LEU A 661 18.02 -7.69 -11.21
C LEU A 661 18.75 -6.60 -12.00
N GLU A 662 18.21 -6.23 -13.15
CA GLU A 662 18.77 -5.16 -13.95
C GLU A 662 19.01 -3.94 -13.13
N GLY A 663 18.05 -3.54 -12.29
CA GLY A 663 18.21 -2.35 -11.46
C GLY A 663 19.27 -2.49 -10.41
N ALA A 664 19.33 -3.65 -9.74
CA ALA A 664 20.38 -3.92 -8.74
C ALA A 664 21.76 -3.85 -9.41
N PHE A 665 21.88 -4.46 -10.59
CA PHE A 665 23.13 -4.50 -11.34
C PHE A 665 23.50 -3.13 -11.84
N MET A 666 22.56 -2.31 -12.34
CA MET A 666 22.88 -0.97 -12.74
C MET A 666 23.37 -0.14 -11.54
N SER A 667 22.72 -0.26 -10.40
CA SER A 667 23.13 0.47 -9.27
C SER A 667 24.52 0.03 -8.78
N ALA A 668 24.84 -1.24 -8.81
CA ALA A 668 26.18 -1.70 -8.52
C ALA A 668 27.22 -1.10 -9.44
N LEU A 669 26.92 -1.01 -10.74
CA LEU A 669 27.84 -0.46 -11.70
C LEU A 669 28.08 0.99 -11.38
N ASN A 670 27.02 1.75 -11.09
CA ASN A 670 27.14 3.09 -10.67
C ASN A 670 28.01 3.26 -9.43
N ALA A 671 27.80 2.41 -8.43
CA ALA A 671 28.55 2.47 -7.21
C ALA A 671 30.05 2.27 -7.47
N VAL A 672 30.42 1.26 -8.27
CA VAL A 672 31.85 1.00 -8.44
C VAL A 672 32.46 2.10 -9.34
N ALA A 673 31.76 2.57 -10.34
CA ALA A 673 32.22 3.70 -11.14
C ALA A 673 32.50 4.89 -10.24
N GLY A 674 31.56 5.25 -9.37
CA GLY A 674 31.76 6.32 -8.42
C GLY A 674 32.95 6.06 -7.51
N LEU A 675 33.10 4.86 -6.98
CA LEU A 675 34.23 4.51 -6.11
C LEU A 675 35.57 4.76 -6.85
N ILE A 676 35.65 4.35 -8.11
CA ILE A 676 36.88 4.58 -8.90
C ILE A 676 37.12 6.11 -8.97
N VAL A 677 36.15 6.92 -9.31
CA VAL A 677 36.41 8.34 -9.39
C VAL A 677 36.82 8.88 -8.05
N ARG A 678 36.19 8.49 -6.97
CA ARG A 678 36.56 8.93 -5.65
C ARG A 678 37.95 8.54 -5.30
N ALA A 679 38.33 7.30 -5.62
CA ALA A 679 39.68 6.80 -5.34
C ALA A 679 40.73 7.57 -6.12
N ASN A 680 40.34 8.19 -7.19
CA ASN A 680 41.20 9.05 -7.98
C ASN A 680 40.95 10.53 -7.73
N ARG A 681 40.39 10.81 -6.57
CA ARG A 681 40.17 12.23 -6.12
C ARG A 681 39.44 13.06 -7.14
N GLY A 682 38.39 12.51 -7.72
CA GLY A 682 37.58 13.24 -8.61
C GLY A 682 37.88 13.21 -10.13
N ASP A 683 38.93 12.43 -10.48
CA ASP A 683 39.39 12.43 -11.86
C ASP A 683 38.64 11.37 -12.66
N VAL A 684 37.77 11.81 -13.51
CA VAL A 684 36.96 10.90 -14.32
C VAL A 684 37.70 10.26 -15.42
N SER A 685 38.90 10.76 -15.72
CA SER A 685 39.72 10.11 -16.72
C SER A 685 40.18 8.72 -16.25
N ALA A 686 40.05 8.42 -14.97
CA ALA A 686 40.39 7.10 -14.47
C ALA A 686 39.35 6.08 -14.85
N LEU A 687 38.16 6.44 -15.25
CA LEU A 687 37.16 5.53 -15.83
C LEU A 687 37.57 5.23 -17.28
N SER A 688 37.21 4.04 -17.72
CA SER A 688 37.32 3.72 -19.16
C SER A 688 36.52 4.66 -19.99
N THR A 689 36.82 4.83 -21.28
CA THR A 689 36.06 5.61 -22.18
C THR A 689 34.59 5.20 -22.14
N GLU A 690 34.34 3.89 -22.16
CA GLU A 690 32.98 3.33 -22.20
C GLU A 690 32.22 3.53 -20.89
N ALA A 691 32.91 3.57 -19.76
CA ALA A 691 32.27 3.69 -18.37
C ALA A 691 32.08 5.16 -17.96
N ARG A 692 32.88 6.05 -18.53
CA ARG A 692 32.79 7.42 -18.10
C ARG A 692 31.37 7.99 -18.07
N PRO A 693 30.55 7.69 -19.07
CA PRO A 693 29.18 8.25 -19.04
C PRO A 693 28.34 7.80 -17.82
N LEU A 694 28.70 6.69 -17.16
CA LEU A 694 27.98 6.26 -15.96
C LEU A 694 27.96 7.37 -14.93
N VAL A 695 29.00 8.19 -14.88
CA VAL A 695 29.12 9.33 -13.98
C VAL A 695 28.77 10.63 -14.71
N ILE A 696 29.37 10.91 -15.87
CA ILE A 696 29.22 12.24 -16.46
C ILE A 696 27.96 12.40 -17.31
N GLY A 697 27.24 11.32 -17.58
CA GLY A 697 26.00 11.41 -18.40
C GLY A 697 24.76 11.73 -17.58
N LEU A 698 24.92 11.90 -16.25
CA LEU A 698 23.84 12.20 -15.34
C LEU A 698 24.05 13.62 -14.80
N ARG A 699 22.95 14.28 -14.36
CA ARG A 699 23.05 15.50 -13.64
C ARG A 699 23.76 15.23 -12.34
N PRO A 700 24.79 16.05 -11.99
CA PRO A 700 25.51 15.84 -10.72
C PRO A 700 24.62 16.06 -9.53
N VAL A 701 24.87 15.33 -8.45
CA VAL A 701 24.14 15.47 -7.23
C VAL A 701 24.65 16.64 -6.40
N VAL A 702 25.89 17.03 -6.55
CA VAL A 702 26.58 18.14 -5.74
C VAL A 702 26.64 19.29 -6.91
N LYS A 703 25.94 20.47 -6.81
CA LYS A 703 26.18 21.62 -7.72
C LYS A 703 27.47 22.30 -7.38
N VAL A 704 27.80 22.38 -6.10
CA VAL A 704 28.97 23.03 -5.59
C VAL A 704 29.54 21.98 -4.57
N PRO A 705 30.80 21.73 -4.64
CA PRO A 705 31.70 22.27 -5.73
C PRO A 705 31.46 21.53 -7.08
N ALA A 706 31.75 22.24 -8.19
CA ALA A 706 31.66 21.67 -9.49
C ALA A 706 32.80 20.61 -9.71
N ALA A 707 32.62 19.94 -10.83
CA ALA A 707 33.57 18.88 -11.22
C ALA A 707 32.99 17.95 -12.21
N LYS B 16 -16.89 29.27 20.80
CA LYS B 16 -16.48 28.72 19.50
C LYS B 16 -15.96 27.26 19.68
N ILE B 17 -15.31 26.91 20.78
CA ILE B 17 -15.08 25.48 21.11
C ILE B 17 -16.36 24.87 21.67
N ALA B 18 -16.79 23.75 21.09
CA ALA B 18 -17.92 22.95 21.58
C ALA B 18 -17.53 22.34 22.90
N THR B 19 -18.46 22.34 23.87
CA THR B 19 -18.18 21.76 25.15
C THR B 19 -19.09 20.59 25.53
N THR B 20 -20.13 20.31 24.74
CA THR B 20 -21.02 19.20 25.00
C THR B 20 -21.36 18.51 23.69
N VAL B 21 -21.90 17.31 23.80
CA VAL B 21 -22.48 16.60 22.67
C VAL B 21 -23.43 17.42 21.88
N GLY B 22 -24.34 18.12 22.58
CA GLY B 22 -25.32 18.93 21.92
C GLY B 22 -24.79 20.09 21.16
N GLU B 23 -23.79 20.75 21.72
CA GLU B 23 -23.11 21.81 20.97
C GLU B 23 -22.43 21.31 19.71
N ALA B 24 -21.75 20.17 19.77
CA ALA B 24 -21.17 19.62 18.54
C ALA B 24 -22.30 19.25 17.60
N ARG B 25 -23.36 18.58 18.10
CA ARG B 25 -24.45 18.15 17.24
C ARG B 25 -25.06 19.29 16.45
N LEU B 26 -25.31 20.41 17.16
CA LEU B 26 -25.90 21.58 16.54
C LEU B 26 -24.97 22.25 15.56
N SER B 27 -23.67 22.17 15.79
CA SER B 27 -22.70 22.77 14.88
C SER B 27 -22.72 22.18 13.52
N GLY B 28 -22.88 20.86 13.42
CA GLY B 28 -22.82 20.15 12.16
C GLY B 28 -24.12 19.68 11.61
N ILE B 29 -25.27 20.11 12.21
CA ILE B 29 -26.55 19.54 11.84
C ILE B 29 -26.93 19.78 10.41
N ASN B 30 -26.45 20.86 9.81
CA ASN B 30 -26.81 21.22 8.41
C ASN B 30 -25.87 20.70 7.35
N TYR B 31 -24.67 20.21 7.73
CA TYR B 31 -23.61 20.00 6.75
C TYR B 31 -23.95 18.86 5.82
N ARG B 32 -23.80 19.12 4.50
CA ARG B 32 -24.06 18.20 3.43
C ARG B 32 -22.75 17.95 2.74
N HIS B 33 -22.42 16.67 2.55
CA HIS B 33 -21.24 16.26 1.83
C HIS B 33 -21.43 16.36 0.33
N PRO B 34 -20.37 16.64 -0.44
CA PRO B 34 -20.55 17.00 -1.83
C PRO B 34 -21.11 15.95 -2.75
N ASP B 35 -20.96 14.65 -2.38
CA ASP B 35 -21.54 13.59 -3.17
C ASP B 35 -22.99 13.28 -2.79
N SER B 36 -23.48 13.94 -1.76
CA SER B 36 -24.85 13.87 -1.32
C SER B 36 -25.30 15.26 -0.93
N ALA B 37 -25.06 16.24 -1.79
CA ALA B 37 -25.18 17.64 -1.43
C ALA B 37 -26.59 18.09 -1.20
N LEU B 38 -27.59 17.35 -1.71
CA LEU B 38 -28.97 17.72 -1.56
C LEU B 38 -29.48 17.48 -0.15
N VAL B 39 -28.80 16.76 0.71
CA VAL B 39 -29.35 16.31 1.97
C VAL B 39 -28.41 16.40 3.11
N SER B 40 -28.84 16.96 4.22
CA SER B 40 -28.19 16.85 5.52
C SER B 40 -28.64 15.55 6.10
N TYR B 41 -27.73 14.59 6.31
CA TYR B 41 -28.12 13.35 6.93
C TYR B 41 -28.69 13.53 8.31
N PRO B 42 -28.14 14.42 9.16
CA PRO B 42 -28.79 14.63 10.48
C PRO B 42 -30.25 15.10 10.37
N VAL B 43 -30.53 15.97 9.41
CA VAL B 43 -31.93 16.43 9.18
C VAL B 43 -32.80 15.27 8.74
N ALA B 44 -32.31 14.45 7.83
CA ALA B 44 -33.04 13.25 7.42
C ALA B 44 -33.33 12.34 8.58
N ALA B 45 -32.39 12.23 9.51
CA ALA B 45 -32.46 11.29 10.66
C ALA B 45 -33.22 11.88 11.86
N ALA B 46 -33.76 13.06 11.77
CA ALA B 46 -34.47 13.71 12.90
C ALA B 46 -35.74 12.97 13.25
N ALA B 47 -36.40 12.35 12.29
CA ALA B 47 -37.59 11.55 12.51
C ALA B 47 -37.34 10.16 11.94
N PRO B 48 -38.18 9.18 12.18
CA PRO B 48 -38.00 7.87 11.50
C PRO B 48 -37.92 8.12 9.98
N LEU B 49 -37.17 7.28 9.29
CA LEU B 49 -36.89 7.52 7.91
C LEU B 49 -38.09 7.36 6.98
N GLY B 50 -39.12 6.60 7.39
CA GLY B 50 -40.27 6.37 6.54
C GLY B 50 -41.24 5.47 7.25
N ARG B 51 -42.02 4.77 6.45
CA ARG B 51 -43.04 3.83 6.92
C ARG B 51 -42.93 2.52 6.18
N LEU B 52 -43.32 1.43 6.87
CA LEU B 52 -43.41 0.10 6.23
C LEU B 52 -44.85 -0.34 6.21
N PRO B 53 -45.21 -1.17 5.23
CA PRO B 53 -46.51 -1.84 5.29
C PRO B 53 -46.63 -2.64 6.57
N ALA B 54 -47.85 -2.89 7.01
CA ALA B 54 -48.04 -3.82 8.10
C ALA B 54 -47.42 -5.15 7.77
N GLY B 55 -46.90 -5.86 8.76
CA GLY B 55 -46.29 -7.13 8.59
C GLY B 55 -45.35 -7.45 9.71
N ASN B 56 -44.79 -8.65 9.62
CA ASN B 56 -43.82 -9.13 10.58
C ASN B 56 -42.55 -9.48 9.84
N TYR B 57 -41.59 -8.60 9.86
CA TYR B 57 -40.40 -8.65 9.05
C TYR B 57 -39.31 -9.48 9.69
N ARG B 58 -38.62 -10.25 8.90
CA ARG B 58 -37.45 -10.98 9.35
C ARG B 58 -36.26 -10.36 8.64
N ILE B 59 -35.45 -9.64 9.38
CA ILE B 59 -34.31 -8.95 8.81
C ILE B 59 -33.02 -9.49 9.44
N ALA B 60 -31.96 -9.59 8.69
CA ALA B 60 -30.64 -9.87 9.20
C ALA B 60 -29.78 -8.67 9.06
N ILE B 61 -28.94 -8.40 10.06
CA ILE B 61 -27.82 -7.46 9.98
C ILE B 61 -26.55 -8.27 10.17
N VAL B 62 -25.69 -8.25 9.16
CA VAL B 62 -24.38 -8.95 9.24
C VAL B 62 -23.38 -7.89 9.68
N GLY B 63 -22.95 -7.98 10.92
CA GLY B 63 -21.95 -7.08 11.48
C GLY B 63 -22.55 -6.17 12.52
N GLY B 64 -21.93 -6.16 13.72
CA GLY B 64 -22.31 -5.34 14.83
C GLY B 64 -21.34 -4.21 15.13
N GLY B 65 -20.86 -3.56 14.08
CA GLY B 65 -20.12 -2.35 14.22
C GLY B 65 -20.99 -1.11 14.11
N ALA B 66 -20.38 0.03 13.92
CA ALA B 66 -21.11 1.25 13.84
C ALA B 66 -22.23 1.22 12.74
N GLY B 67 -21.90 0.70 11.59
CA GLY B 67 -22.89 0.60 10.54
C GLY B 67 -24.07 -0.26 10.89
N GLY B 68 -23.80 -1.46 11.37
CA GLY B 68 -24.89 -2.35 11.71
C GLY B 68 -25.72 -1.87 12.86
N ILE B 69 -25.11 -1.27 13.87
CA ILE B 69 -25.86 -0.79 15.01
C ILE B 69 -26.63 0.46 14.69
N ALA B 70 -26.11 1.38 13.90
CA ALA B 70 -26.91 2.50 13.46
C ALA B 70 -28.09 2.00 12.64
N ALA B 71 -27.90 1.03 11.78
CA ALA B 71 -28.99 0.44 11.00
C ALA B 71 -30.02 -0.14 11.96
N LEU B 72 -29.60 -0.83 12.97
CA LEU B 72 -30.50 -1.38 13.97
C LEU B 72 -31.32 -0.27 14.64
N TYR B 73 -30.68 0.81 15.03
CA TYR B 73 -31.36 1.90 15.68
C TYR B 73 -32.43 2.47 14.73
N GLU B 74 -32.12 2.68 13.45
CA GLU B 74 -33.12 3.20 12.51
C GLU B 74 -34.26 2.17 12.32
N LEU B 75 -33.95 0.87 12.29
CA LEU B 75 -35.00 -0.12 12.25
C LEU B 75 -35.86 -0.09 13.50
N GLY B 76 -35.33 0.22 14.66
CA GLY B 76 -36.13 0.39 15.88
C GLY B 76 -37.05 1.57 15.75
N ARG B 77 -36.54 2.68 15.21
CA ARG B 77 -37.38 3.87 15.01
C ARG B 77 -38.55 3.52 14.10
N LEU B 78 -38.30 2.74 13.03
CA LEU B 78 -39.35 2.32 12.13
C LEU B 78 -40.32 1.34 12.83
N ALA B 79 -39.79 0.39 13.57
CA ALA B 79 -40.63 -0.60 14.21
C ALA B 79 -41.67 0.03 15.11
N ALA B 80 -41.27 1.07 15.82
CA ALA B 80 -42.16 1.68 16.76
C ALA B 80 -43.42 2.29 16.11
N THR B 81 -43.33 2.54 14.80
CA THR B 81 -44.44 3.09 14.04
C THR B 81 -45.42 2.05 13.51
N LEU B 82 -45.08 0.78 13.67
CA LEU B 82 -45.93 -0.30 13.15
C LEU B 82 -47.14 -0.54 14.01
N PRO B 83 -48.22 -1.01 13.38
CA PRO B 83 -49.50 -1.21 14.14
C PRO B 83 -49.44 -2.46 15.01
N ALA B 84 -50.45 -2.62 15.84
CA ALA B 84 -50.58 -3.80 16.64
C ALA B 84 -50.55 -5.02 15.74
N GLY B 85 -49.78 -6.03 16.09
CA GLY B 85 -49.66 -7.25 15.36
C GLY B 85 -48.54 -7.30 14.39
N SER B 86 -47.88 -6.17 14.16
CA SER B 86 -46.75 -6.09 13.30
C SER B 86 -45.47 -5.95 14.11
N GLY B 87 -44.34 -6.11 13.43
CA GLY B 87 -43.06 -6.04 14.15
C GLY B 87 -41.90 -6.31 13.22
N ILE B 88 -40.71 -6.08 13.77
CA ILE B 88 -39.45 -6.43 13.09
C ILE B 88 -38.68 -7.34 14.01
N ASP B 89 -38.19 -8.45 13.44
CA ASP B 89 -37.27 -9.35 14.12
C ASP B 89 -35.94 -9.20 13.37
N VAL B 90 -34.90 -8.90 14.13
CA VAL B 90 -33.54 -8.77 13.59
C VAL B 90 -32.63 -9.84 14.19
N GLN B 91 -31.96 -10.60 13.35
CA GLN B 91 -30.87 -11.45 13.70
C GLN B 91 -29.57 -10.70 13.37
N ILE B 92 -28.75 -10.42 14.37
CA ILE B 92 -27.46 -9.74 14.13
C ILE B 92 -26.38 -10.74 14.24
N TYR B 93 -25.66 -10.85 13.16
CA TYR B 93 -24.52 -11.78 13.11
C TYR B 93 -23.25 -11.00 13.47
N GLU B 94 -22.48 -11.55 14.42
CA GLU B 94 -21.24 -10.91 14.83
C GLU B 94 -20.21 -11.99 15.18
N ALA B 95 -19.20 -12.10 14.29
CA ALA B 95 -18.19 -13.14 14.38
C ALA B 95 -17.10 -12.80 15.38
N ASP B 96 -16.89 -11.56 15.77
CA ASP B 96 -15.78 -11.18 16.61
C ASP B 96 -16.02 -11.65 18.07
N PRO B 97 -15.17 -12.55 18.59
CA PRO B 97 -15.45 -13.03 19.93
C PRO B 97 -15.33 -11.94 20.99
N ASP B 98 -14.61 -10.88 20.68
CA ASP B 98 -14.43 -9.74 21.63
C ASP B 98 -15.49 -8.68 21.51
N SER B 99 -16.48 -8.87 20.63
CA SER B 99 -17.52 -7.90 20.54
C SER B 99 -18.25 -7.72 21.82
N PHE B 100 -18.64 -6.44 22.07
CA PHE B 100 -19.54 -6.11 23.20
C PHE B 100 -20.84 -6.87 23.14
N LEU B 101 -21.26 -7.33 21.98
CA LEU B 101 -22.51 -8.03 21.84
C LEU B 101 -22.46 -9.38 22.53
N HIS B 102 -21.29 -9.97 22.70
CA HIS B 102 -21.14 -11.28 23.34
C HIS B 102 -20.75 -11.18 24.79
N ASP B 103 -20.81 -9.98 25.37
CA ASP B 103 -20.44 -9.74 26.76
C ASP B 103 -21.58 -9.10 27.47
N ARG B 104 -22.79 -9.53 27.20
CA ARG B 104 -23.97 -8.94 27.86
C ARG B 104 -24.49 -9.90 28.93
N ALA B 109 -1.84 -5.99 32.80
CA ALA B 109 -2.63 -6.86 31.89
C ALA B 109 -3.45 -5.98 30.96
N ILE B 110 -3.77 -6.52 29.79
CA ILE B 110 -4.55 -5.77 28.77
C ILE B 110 -5.77 -6.58 28.37
N LYS B 111 -6.92 -6.05 28.72
CA LYS B 111 -8.20 -6.67 28.37
C LYS B 111 -8.80 -6.06 27.14
N VAL B 112 -9.26 -6.91 26.22
CA VAL B 112 -10.00 -6.50 25.05
C VAL B 112 -11.36 -7.14 24.94
N ARG B 113 -11.61 -8.23 25.69
CA ARG B 113 -12.87 -8.95 25.59
C ARG B 113 -14.03 -8.05 25.98
N GLY B 114 -15.02 -7.96 25.08
CA GLY B 114 -16.17 -7.16 25.31
C GLY B 114 -16.00 -5.70 24.99
N LEU B 115 -14.81 -5.26 24.56
CA LEU B 115 -14.46 -3.86 24.39
C LEU B 115 -14.30 -3.49 22.94
N LYS B 116 -14.83 -4.30 22.03
CA LYS B 116 -14.82 -4.02 20.62
C LYS B 116 -16.23 -3.87 20.08
N ALA B 117 -16.40 -2.90 19.17
CA ALA B 117 -17.55 -2.79 18.26
C ALA B 117 -16.94 -2.58 16.89
N GLY B 118 -16.42 -3.68 16.33
CA GLY B 118 -15.68 -3.61 15.08
C GLY B 118 -14.39 -2.85 15.22
N ARG B 119 -14.28 -1.77 14.42
CA ARG B 119 -13.13 -0.87 14.42
C ARG B 119 -13.21 0.24 15.44
N VAL B 120 -14.27 0.25 16.29
CA VAL B 120 -14.25 0.97 17.52
C VAL B 120 -13.75 -0.01 18.60
N SER B 121 -12.54 0.13 19.10
CA SER B 121 -11.88 -0.98 19.77
C SER B 121 -11.00 -0.44 20.89
N ALA B 122 -11.33 -0.80 22.14
CA ALA B 122 -10.58 -0.34 23.30
C ALA B 122 -9.81 -1.47 23.89
N ALA B 123 -8.67 -1.15 24.50
CA ALA B 123 -7.87 -2.07 25.28
C ALA B 123 -7.76 -1.46 26.68
N LEU B 124 -8.20 -2.18 27.69
CA LEU B 124 -8.14 -1.71 29.07
C LEU B 124 -6.93 -2.25 29.78
N VAL B 125 -6.07 -1.32 30.22
CA VAL B 125 -4.86 -1.65 30.92
C VAL B 125 -5.18 -1.64 32.42
N HIS B 126 -4.90 -2.77 33.09
CA HIS B 126 -5.22 -2.88 34.51
C HIS B 126 -4.19 -3.81 35.16
N ASN B 127 -4.26 -3.88 36.47
CA ASN B 127 -3.38 -4.74 37.25
C ASN B 127 -3.89 -5.99 37.83
N GLY B 128 -5.07 -6.42 37.44
CA GLY B 128 -5.66 -7.69 37.90
C GLY B 128 -7.14 -7.42 38.17
N ASP B 129 -7.53 -6.17 38.40
CA ASP B 129 -8.93 -5.82 38.54
C ASP B 129 -9.33 -4.90 37.41
N PRO B 130 -10.06 -5.41 36.40
CA PRO B 130 -10.47 -4.51 35.32
C PRO B 130 -11.40 -3.40 35.71
N ALA B 131 -11.98 -3.51 36.91
CA ALA B 131 -12.84 -2.40 37.30
C ALA B 131 -12.07 -1.27 37.90
N SER B 132 -10.76 -1.42 38.05
CA SER B 132 -9.90 -0.37 38.57
C SER B 132 -8.64 -0.28 37.70
N GLY B 133 -8.85 0.20 36.48
CA GLY B 133 -7.78 0.20 35.53
C GLY B 133 -6.90 1.44 35.58
N ASP B 134 -5.84 1.38 34.78
CA ASP B 134 -4.84 2.47 34.70
C ASP B 134 -5.14 3.39 33.52
N THR B 135 -5.38 2.87 32.34
CA THR B 135 -5.63 3.69 31.16
C THR B 135 -6.30 2.82 30.11
N ILE B 136 -6.71 3.45 29.04
CA ILE B 136 -7.40 2.83 27.87
C ILE B 136 -6.56 3.15 26.64
N TYR B 137 -6.32 2.15 25.79
CA TYR B 137 -5.78 2.39 24.46
C TYR B 137 -6.96 2.36 23.48
N GLU B 138 -7.13 3.46 22.73
CA GLU B 138 -8.15 3.48 21.70
C GLU B 138 -7.48 2.98 20.43
N VAL B 139 -7.70 1.73 20.12
CA VAL B 139 -6.98 1.00 19.07
C VAL B 139 -7.49 1.31 17.71
N GLY B 140 -8.79 1.63 17.61
CA GLY B 140 -9.43 2.08 16.38
C GLY B 140 -9.85 3.54 16.48
N ALA B 141 -11.07 3.88 16.25
CA ALA B 141 -11.54 5.25 16.23
C ALA B 141 -11.20 5.95 17.58
N MET B 142 -10.77 7.23 17.42
CA MET B 142 -10.42 8.00 18.59
C MET B 142 -10.74 9.50 18.56
N ARG B 143 -11.01 10.09 17.41
CA ARG B 143 -11.15 11.56 17.36
C ARG B 143 -12.21 11.91 16.36
N PHE B 144 -13.10 12.87 16.73
CA PHE B 144 -14.34 12.98 15.99
C PHE B 144 -14.51 14.43 15.58
N PRO B 145 -14.62 14.68 14.26
CA PRO B 145 -14.74 16.07 13.76
C PRO B 145 -15.96 16.78 14.38
N GLU B 146 -15.84 18.08 14.65
CA GLU B 146 -16.97 18.85 15.18
C GLU B 146 -18.17 18.76 14.28
N ILE B 147 -17.94 18.86 12.97
CA ILE B 147 -19.07 18.87 12.05
C ILE B 147 -19.50 17.55 11.52
N ALA B 148 -19.07 16.47 12.21
CA ALA B 148 -19.57 15.11 11.91
C ALA B 148 -21.00 15.00 12.47
N GLY B 149 -21.94 15.59 11.74
CA GLY B 149 -23.27 15.82 12.26
C GLY B 149 -24.00 14.54 12.60
N LEU B 150 -23.85 13.49 11.81
CA LEU B 150 -24.58 12.27 12.08
C LEU B 150 -23.98 11.54 13.25
N THR B 151 -22.64 11.60 13.37
CA THR B 151 -21.92 11.06 14.53
C THR B 151 -22.49 11.66 15.80
N TRP B 152 -22.55 13.01 15.85
CA TRP B 152 -23.05 13.70 17.06
C TRP B 152 -24.52 13.52 17.27
N HIS B 153 -25.29 13.37 16.19
CA HIS B 153 -26.69 12.98 16.27
C HIS B 153 -26.87 11.69 17.06
N TYR B 154 -26.11 10.67 16.67
CA TYR B 154 -26.16 9.38 17.38
C TYR B 154 -25.53 9.47 18.74
N ALA B 155 -24.49 10.29 18.92
CA ALA B 155 -23.94 10.47 20.25
C ALA B 155 -24.96 11.05 21.19
N SER B 156 -25.83 11.93 20.70
CA SER B 156 -26.91 12.48 21.53
C SER B 156 -27.94 11.36 21.88
N ALA B 157 -28.28 10.48 20.95
CA ALA B 157 -29.12 9.34 21.24
C ALA B 157 -28.52 8.52 22.34
N ALA B 158 -27.20 8.31 22.30
CA ALA B 158 -26.44 7.45 23.18
C ALA B 158 -26.15 8.03 24.58
N PHE B 159 -25.94 9.35 24.65
CA PHE B 159 -25.42 10.04 25.82
C PHE B 159 -26.19 11.24 26.31
N GLY B 160 -27.03 11.80 25.46
CA GLY B 160 -27.66 13.05 25.71
C GLY B 160 -26.85 14.25 25.28
N ASP B 161 -27.55 15.35 25.00
CA ASP B 161 -26.91 16.57 24.58
C ASP B 161 -26.05 17.22 25.64
N ALA B 162 -26.34 16.99 26.91
CA ALA B 162 -25.66 17.68 27.97
C ALA B 162 -24.27 17.09 28.23
N ALA B 163 -23.96 15.92 27.69
CA ALA B 163 -22.73 15.19 28.05
C ALA B 163 -21.48 15.95 27.60
N PRO B 164 -20.47 16.09 28.46
CA PRO B 164 -19.31 16.91 28.07
C PRO B 164 -18.36 16.21 27.10
N ILE B 165 -17.75 17.06 26.27
CA ILE B 165 -16.71 16.57 25.35
C ILE B 165 -15.49 17.46 25.51
N LYS B 166 -14.37 16.99 25.02
CA LYS B 166 -13.07 17.65 25.08
C LYS B 166 -12.42 17.74 23.74
N VAL B 167 -11.58 18.70 23.54
CA VAL B 167 -10.81 18.80 22.30
C VAL B 167 -9.77 17.69 22.25
N PHE B 168 -9.71 16.94 21.16
CA PHE B 168 -8.71 15.91 21.01
C PHE B 168 -7.31 16.57 20.90
N PRO B 169 -6.32 16.05 21.62
CA PRO B 169 -4.98 16.69 21.64
C PRO B 169 -4.14 16.34 20.44
N ASN B 170 -4.62 16.82 19.28
CA ASN B 170 -3.95 16.67 18.00
C ASN B 170 -2.66 17.50 17.98
N PRO B 171 -1.76 17.18 17.02
CA PRO B 171 -0.61 18.05 16.81
C PRO B 171 -1.09 19.43 16.55
N GLY B 172 -0.48 20.41 17.27
CA GLY B 172 -0.92 21.77 17.20
C GLY B 172 -1.95 22.17 18.16
N LYS B 173 -2.81 21.26 18.65
CA LYS B 173 -3.73 21.57 19.73
C LYS B 173 -3.12 21.59 21.07
N VAL B 174 -2.03 20.87 21.25
CA VAL B 174 -1.20 20.82 22.38
C VAL B 174 0.25 21.13 21.90
N PRO B 175 1.20 21.48 22.80
CA PRO B 175 2.57 21.69 22.30
C PRO B 175 3.07 20.46 21.61
N THR B 176 3.69 20.69 20.44
CA THR B 176 4.04 19.65 19.51
C THR B 176 5.46 19.83 19.05
N GLU B 177 6.19 18.72 18.89
CA GLU B 177 7.46 18.71 18.20
C GLU B 177 7.30 17.99 16.87
N PHE B 178 7.83 18.64 15.85
CA PHE B 178 7.86 18.15 14.47
C PHE B 178 9.30 17.94 14.04
N VAL B 179 9.58 16.78 13.46
CA VAL B 179 10.93 16.48 12.97
C VAL B 179 10.86 15.90 11.56
N PHE B 180 11.53 16.51 10.61
CA PHE B 180 11.69 16.01 9.23
C PHE B 180 13.08 16.33 8.79
N GLY B 181 13.84 15.28 8.49
CA GLY B 181 15.24 15.52 8.11
C GLY B 181 15.92 16.34 9.18
N ASN B 182 16.61 17.38 8.77
CA ASN B 182 17.30 18.30 9.67
C ASN B 182 16.40 19.35 10.30
N ARG B 183 15.14 19.40 9.95
CA ARG B 183 14.21 20.41 10.46
C ARG B 183 13.55 19.94 11.73
N VAL B 184 13.59 20.77 12.73
CA VAL B 184 12.83 20.60 13.96
C VAL B 184 12.02 21.85 14.20
N ASP B 185 10.74 21.67 14.55
CA ASP B 185 9.92 22.74 15.00
C ASP B 185 9.20 22.37 16.30
N ARG B 186 9.01 23.32 17.16
CA ARG B 186 8.16 23.20 18.33
C ARG B 186 7.12 24.31 18.27
N TYR B 187 5.85 23.95 18.44
CA TYR B 187 4.75 24.89 18.16
C TYR B 187 3.51 24.51 18.86
N VAL B 188 2.62 25.49 18.97
CA VAL B 188 1.23 25.25 19.33
C VAL B 188 0.41 26.18 18.38
N GLY B 189 -0.64 25.65 17.72
CA GLY B 189 -1.34 26.49 16.70
C GLY B 189 -0.74 26.80 15.35
N SER B 190 -1.32 27.78 14.63
CA SER B 190 -0.80 28.28 13.29
C SER B 190 -0.38 29.73 13.38
N ASP B 191 -0.53 30.37 14.55
CA ASP B 191 -0.02 31.76 14.79
C ASP B 191 1.45 31.66 15.07
N PRO B 192 2.21 32.35 14.22
CA PRO B 192 3.66 32.26 14.36
C PRO B 192 4.22 32.69 15.63
N LYS B 193 3.48 33.53 16.36
CA LYS B 193 3.98 33.98 17.62
C LYS B 193 4.27 32.79 18.57
N ASP B 194 3.54 31.68 18.39
CA ASP B 194 3.63 30.54 19.21
C ASP B 194 4.36 29.38 18.56
N TRP B 195 5.17 29.68 17.56
CA TRP B 195 6.18 28.78 17.04
C TRP B 195 7.53 29.18 17.61
N GLU B 196 8.38 28.20 17.94
CA GLU B 196 9.70 28.53 18.42
C GLU B 196 10.51 29.26 17.41
N ASP B 197 10.32 28.95 16.12
CA ASP B 197 10.91 29.67 14.99
C ASP B 197 9.82 30.30 14.17
N PRO B 198 9.49 31.59 14.38
CA PRO B 198 8.45 32.24 13.57
C PRO B 198 8.80 32.33 12.11
N ASP B 199 10.06 32.16 11.74
CA ASP B 199 10.49 32.15 10.36
C ASP B 199 10.58 30.72 9.81
N SER B 200 9.96 29.77 10.46
CA SER B 200 10.09 28.40 10.04
C SER B 200 9.64 28.16 8.60
N PRO B 201 10.42 27.40 7.84
CA PRO B 201 9.95 27.00 6.52
C PRO B 201 8.71 26.10 6.55
N THR B 202 8.54 25.39 7.65
CA THR B 202 7.39 24.51 7.81
C THR B 202 6.13 25.35 7.82
N LEU B 203 6.11 26.44 8.60
CA LEU B 203 4.95 27.34 8.60
C LEU B 203 4.77 27.96 7.29
N LYS B 204 5.82 28.29 6.52
CA LYS B 204 5.68 28.84 5.18
C LYS B 204 5.00 27.86 4.23
N VAL B 205 5.49 26.63 4.23
CA VAL B 205 4.92 25.65 3.29
C VAL B 205 3.48 25.32 3.67
N LEU B 206 3.18 25.24 4.96
CA LEU B 206 1.83 25.03 5.38
C LEU B 206 0.89 26.11 4.85
N GLY B 207 1.31 27.36 4.91
CA GLY B 207 0.48 28.43 4.40
C GLY B 207 0.31 28.35 2.90
N VAL B 208 1.35 28.00 2.19
CA VAL B 208 1.28 27.81 0.75
C VAL B 208 0.27 26.72 0.38
N VAL B 209 0.38 25.55 1.04
CA VAL B 209 -0.48 24.45 0.69
C VAL B 209 -1.90 24.71 1.12
N ALA B 210 -2.11 25.32 2.28
CA ALA B 210 -3.50 25.81 2.64
C ALA B 210 -4.05 26.81 1.70
N GLY B 211 -3.33 27.83 1.26
CA GLY B 211 -3.86 28.77 0.25
C GLY B 211 -4.20 28.03 -0.94
N GLY B 212 -3.38 27.12 -1.37
CA GLY B 212 -3.57 26.48 -2.66
C GLY B 212 -4.68 25.51 -2.66
N LEU B 213 -4.97 24.83 -1.53
CA LEU B 213 -6.00 23.81 -1.52
C LEU B 213 -7.32 24.38 -1.01
N VAL B 214 -7.33 25.16 0.06
CA VAL B 214 -8.50 25.60 0.73
C VAL B 214 -8.98 26.98 0.25
N GLY B 215 -8.06 27.91 0.15
CA GLY B 215 -8.37 29.27 -0.23
C GLY B 215 -9.09 30.01 0.84
N ASN B 216 -9.84 31.02 0.38
CA ASN B 216 -10.41 32.05 1.28
C ASN B 216 -11.93 32.01 1.29
N PRO B 217 -12.56 32.06 2.47
CA PRO B 217 -14.01 32.09 2.55
C PRO B 217 -14.63 33.40 2.08
N GLN B 218 -13.83 34.45 2.05
CA GLN B 218 -14.33 35.77 1.56
C GLN B 218 -13.32 36.33 0.58
N GLY B 219 -13.75 37.28 -0.21
CA GLY B 219 -12.84 37.97 -1.12
C GLY B 219 -12.29 37.13 -2.25
N GLU B 220 -11.05 37.45 -2.65
CA GLU B 220 -10.41 36.92 -3.80
C GLU B 220 -10.34 35.39 -3.71
N ASN B 221 -10.47 34.74 -4.82
CA ASN B 221 -10.25 33.32 -4.86
C ASN B 221 -8.77 33.04 -5.17
N VAL B 222 -8.07 32.38 -4.29
CA VAL B 222 -6.64 32.07 -4.41
C VAL B 222 -6.30 30.60 -4.51
N ALA B 223 -7.32 29.72 -4.42
CA ALA B 223 -7.04 28.29 -4.46
C ALA B 223 -6.75 27.80 -5.88
N MET B 224 -5.88 26.76 -5.98
CA MET B 224 -5.45 26.20 -7.26
C MET B 224 -6.46 25.30 -7.89
N TYR B 225 -7.36 24.67 -7.12
CA TYR B 225 -8.29 23.66 -7.60
C TYR B 225 -9.67 24.15 -7.23
N PRO B 226 -10.25 25.07 -7.99
CA PRO B 226 -11.55 25.61 -7.65
C PRO B 226 -12.67 24.60 -7.81
N ILE B 227 -13.78 24.89 -7.16
CA ILE B 227 -15.05 24.21 -7.29
C ILE B 227 -16.07 25.30 -7.68
N ALA B 228 -16.80 25.09 -8.79
CA ALA B 228 -17.72 26.17 -9.26
C ALA B 228 -16.96 27.48 -9.42
N ASN B 229 -15.73 27.39 -9.86
CA ASN B 229 -14.91 28.59 -10.13
C ASN B 229 -14.58 29.38 -8.90
N VAL B 230 -14.75 28.84 -7.71
CA VAL B 230 -14.43 29.56 -6.51
C VAL B 230 -13.65 28.67 -5.53
N ASP B 231 -13.06 29.28 -4.50
CA ASP B 231 -12.30 28.52 -3.53
C ASP B 231 -13.15 27.52 -2.80
N PRO B 232 -12.56 26.37 -2.43
CA PRO B 232 -13.31 25.39 -1.63
C PRO B 232 -13.90 25.97 -0.36
N ALA B 233 -13.18 26.87 0.29
CA ALA B 233 -13.65 27.47 1.55
C ALA B 233 -15.05 28.07 1.33
N LYS B 234 -15.32 28.69 0.16
CA LYS B 234 -16.60 29.28 -0.11
C LYS B 234 -17.68 28.21 -0.28
N ILE B 235 -17.32 27.11 -0.90
CA ILE B 235 -18.30 26.01 -1.08
C ILE B 235 -18.63 25.35 0.21
N ALA B 236 -17.67 25.19 1.09
CA ALA B 236 -17.90 24.61 2.42
C ALA B 236 -18.94 25.37 3.15
N ALA B 237 -18.97 26.71 3.06
CA ALA B 237 -19.92 27.55 3.77
C ALA B 237 -21.31 27.35 3.21
N ILE B 238 -21.48 27.12 1.93
CA ILE B 238 -22.77 26.81 1.32
C ILE B 238 -23.26 25.46 1.80
N LEU B 239 -22.40 24.47 1.75
CA LEU B 239 -22.74 23.07 2.12
C LEU B 239 -23.14 23.04 3.62
N ASN B 240 -22.63 23.96 4.41
CA ASN B 240 -22.92 23.95 5.84
C ASN B 240 -24.06 24.91 6.19
N ALA B 241 -24.68 25.59 5.22
CA ALA B 241 -25.71 26.63 5.53
C ALA B 241 -27.01 25.98 5.93
N ALA B 242 -27.74 26.57 6.89
CA ALA B 242 -29.05 26.05 7.25
C ALA B 242 -30.03 26.10 6.02
N THR B 243 -29.98 27.19 5.32
CA THR B 243 -30.91 27.46 4.22
C THR B 243 -30.10 28.03 3.04
N PRO B 244 -29.41 27.25 2.24
CA PRO B 244 -28.56 27.77 1.14
C PRO B 244 -29.45 28.39 0.09
N PRO B 245 -28.87 29.12 -0.85
CA PRO B 245 -29.69 29.70 -1.92
C PRO B 245 -30.39 28.66 -2.76
N ALA B 246 -31.50 29.01 -3.38
CA ALA B 246 -32.32 28.11 -4.14
C ALA B 246 -31.41 27.56 -5.25
N ASP B 247 -31.50 26.24 -5.56
CA ASP B 247 -30.74 25.64 -6.66
C ASP B 247 -29.23 25.43 -6.38
N ALA B 248 -28.68 26.03 -5.32
CA ALA B 248 -27.25 25.93 -5.06
C ALA B 248 -26.83 24.51 -4.78
N LEU B 249 -27.53 23.81 -3.92
CA LEU B 249 -27.17 22.39 -3.66
C LEU B 249 -27.38 21.51 -4.85
N GLU B 250 -28.45 21.73 -5.62
CA GLU B 250 -28.66 20.93 -6.82
C GLU B 250 -27.52 21.14 -7.80
N ARG B 251 -27.08 22.38 -8.00
CA ARG B 251 -26.03 22.63 -8.96
C ARG B 251 -24.72 22.04 -8.48
N ILE B 252 -24.42 22.09 -7.20
CA ILE B 252 -23.23 21.37 -6.69
C ILE B 252 -23.29 19.89 -6.93
N GLN B 253 -24.45 19.31 -6.61
CA GLN B 253 -24.64 17.86 -6.70
C GLN B 253 -24.53 17.36 -8.11
N THR B 254 -25.11 18.03 -9.08
CA THR B 254 -25.27 17.57 -10.42
C THR B 254 -24.21 18.11 -11.40
N LYS B 255 -23.71 19.31 -11.15
CA LYS B 255 -22.75 19.98 -12.05
C LYS B 255 -21.40 20.15 -11.42
N TYR B 256 -21.29 20.97 -10.37
CA TYR B 256 -19.97 21.45 -9.97
C TYR B 256 -19.12 20.41 -9.32
N TRP B 257 -19.67 19.59 -8.44
CA TRP B 257 -18.85 18.52 -7.86
C TRP B 257 -18.50 17.45 -8.88
N PRO B 258 -19.44 16.99 -9.69
CA PRO B 258 -19.06 16.11 -10.81
C PRO B 258 -17.99 16.70 -11.70
N GLU B 259 -18.00 17.98 -11.99
CA GLU B 259 -16.97 18.53 -12.82
C GLU B 259 -15.62 18.54 -12.10
N PHE B 260 -15.60 18.77 -10.77
CA PHE B 260 -14.36 18.67 -10.02
C PHE B 260 -13.81 17.24 -10.09
N ILE B 261 -14.68 16.24 -9.93
CA ILE B 261 -14.28 14.85 -10.06
C ILE B 261 -13.69 14.58 -11.45
N ALA B 262 -14.38 15.02 -12.50
CA ALA B 262 -13.94 14.75 -13.86
C ALA B 262 -12.55 15.32 -14.10
N GLN B 263 -12.27 16.51 -13.49
CA GLN B 263 -10.99 17.17 -13.71
C GLN B 263 -9.89 16.53 -12.88
N TYR B 264 -10.16 16.18 -11.63
CA TYR B 264 -9.11 15.95 -10.62
C TYR B 264 -9.09 14.61 -10.00
N ASP B 265 -10.02 13.71 -10.31
CA ASP B 265 -9.93 12.37 -9.73
C ASP B 265 -8.76 11.53 -10.22
N GLY B 266 -8.14 11.96 -11.28
CA GLY B 266 -6.91 11.40 -11.78
C GLY B 266 -5.65 12.04 -11.25
N LEU B 267 -5.77 12.92 -10.25
CA LEU B 267 -4.62 13.62 -9.63
C LEU B 267 -4.49 13.22 -8.19
N THR B 268 -3.32 12.73 -7.79
CA THR B 268 -3.08 12.36 -6.40
C THR B 268 -2.89 13.61 -5.54
N LEU B 269 -3.08 13.43 -4.26
CA LEU B 269 -2.72 14.47 -3.29
C LEU B 269 -1.30 14.89 -3.39
N GLY B 270 -0.37 13.91 -3.48
CA GLY B 270 1.03 14.25 -3.59
C GLY B 270 1.33 15.04 -4.83
N ALA B 271 0.69 14.69 -5.95
CA ALA B 271 0.88 15.46 -7.17
C ALA B 271 0.38 16.88 -7.03
N ALA B 272 -0.77 17.04 -6.38
CA ALA B 272 -1.30 18.35 -6.15
C ALA B 272 -0.44 19.21 -5.28
N VAL B 273 0.10 18.63 -4.21
CA VAL B 273 1.03 19.35 -3.36
C VAL B 273 2.20 19.84 -4.16
N ARG B 274 2.79 18.97 -5.00
CA ARG B 274 3.93 19.39 -5.83
C ARG B 274 3.52 20.48 -6.80
N GLU B 275 2.35 20.43 -7.39
CA GLU B 275 1.96 21.53 -8.30
C GLU B 275 1.92 22.84 -7.54
N ILE B 276 1.31 22.84 -6.34
CA ILE B 276 1.16 24.07 -5.54
C ILE B 276 2.53 24.59 -5.14
N VAL B 277 3.39 23.72 -4.65
CA VAL B 277 4.72 24.14 -4.24
C VAL B 277 5.50 24.67 -5.40
N THR B 278 5.40 24.04 -6.56
CA THR B 278 6.15 24.48 -7.74
C THR B 278 5.80 25.93 -8.12
N VAL B 279 4.52 26.25 -8.13
CA VAL B 279 4.10 27.60 -8.43
C VAL B 279 4.62 28.58 -7.39
N ALA B 280 4.52 28.25 -6.12
CA ALA B 280 5.03 29.12 -5.05
C ALA B 280 6.53 29.30 -5.12
N PHE B 281 7.28 28.28 -5.45
CA PHE B 281 8.70 28.40 -5.58
C PHE B 281 9.05 29.32 -6.74
N GLU B 282 8.37 29.14 -7.87
CA GLU B 282 8.56 30.03 -9.02
C GLU B 282 8.25 31.47 -8.70
N LYS B 283 7.25 31.71 -7.88
CA LYS B 283 6.84 33.07 -7.50
C LYS B 283 7.78 33.67 -6.46
N GLY B 284 8.62 32.88 -5.83
CA GLY B 284 9.47 33.30 -4.73
C GLY B 284 8.97 33.29 -3.32
N THR B 285 7.75 32.74 -3.13
CA THR B 285 7.17 32.60 -1.83
C THR B 285 7.98 31.60 -1.00
N LEU B 286 8.48 30.56 -1.63
CA LEU B 286 9.29 29.58 -0.98
C LEU B 286 10.71 29.69 -1.56
N PRO B 287 11.68 29.98 -0.72
CA PRO B 287 13.01 30.23 -1.24
C PRO B 287 13.82 28.96 -1.41
N PRO B 288 14.90 29.00 -2.18
CA PRO B 288 15.80 27.87 -2.22
C PRO B 288 16.13 27.49 -0.79
N VAL B 289 16.18 26.20 -0.53
CA VAL B 289 16.22 25.75 0.83
C VAL B 289 17.45 26.12 1.55
N ASP B 290 18.57 26.03 0.83
CA ASP B 290 19.79 26.61 1.34
C ASP B 290 20.50 27.04 0.03
N GLY B 291 21.66 27.66 0.15
CA GLY B 291 22.43 27.89 -1.07
C GLY B 291 22.91 26.74 -1.94
N VAL B 292 22.81 25.49 -1.54
CA VAL B 292 23.46 24.40 -2.41
C VAL B 292 22.39 23.56 -3.17
N LEU B 293 21.16 23.53 -2.66
CA LEU B 293 20.12 22.67 -3.32
C LEU B 293 19.69 23.24 -4.71
N ASP B 294 19.57 22.43 -5.77
CA ASP B 294 19.02 22.92 -7.07
C ASP B 294 17.48 23.08 -6.96
N VAL B 295 16.86 23.47 -8.04
CA VAL B 295 15.49 23.90 -8.01
C VAL B 295 14.66 22.73 -7.63
N ASP B 296 14.83 21.65 -8.33
CA ASP B 296 14.00 20.50 -8.15
C ASP B 296 14.17 19.89 -6.74
N GLU B 297 15.40 19.97 -6.22
CA GLU B 297 15.70 19.54 -4.91
C GLU B 297 14.98 20.38 -3.89
N SER B 298 14.97 21.70 -4.00
CA SER B 298 14.22 22.54 -3.09
C SER B 298 12.73 22.21 -3.15
N ILE B 299 12.16 22.12 -4.34
CA ILE B 299 10.77 21.82 -4.50
C ILE B 299 10.46 20.50 -3.82
N SER B 300 11.26 19.49 -4.03
CA SER B 300 11.03 18.20 -3.44
C SER B 300 11.12 18.26 -1.94
N TYR B 301 12.10 19.02 -1.40
CA TYR B 301 12.23 19.24 0.02
C TYR B 301 10.91 19.79 0.62
N TYR B 302 10.39 20.82 -0.01
CA TYR B 302 9.16 21.40 0.54
C TYR B 302 7.99 20.44 0.45
N VAL B 303 7.83 19.70 -0.66
CA VAL B 303 6.76 18.72 -0.79
C VAL B 303 6.86 17.70 0.33
N GLU B 304 8.07 17.22 0.58
CA GLU B 304 8.30 16.18 1.59
C GLU B 304 8.15 16.74 3.01
N LEU B 305 8.60 17.96 3.23
CA LEU B 305 8.44 18.63 4.51
C LEU B 305 6.96 18.77 4.85
N PHE B 306 6.18 19.29 3.90
CA PHE B 306 4.74 19.39 4.11
C PHE B 306 4.14 17.98 4.28
N GLY B 307 4.65 17.03 3.53
CA GLY B 307 4.15 15.68 3.66
C GLY B 307 4.27 15.17 5.09
N ARG B 308 5.40 15.42 5.74
CA ARG B 308 5.51 14.90 7.10
C ARG B 308 4.71 15.75 8.09
N PHE B 309 4.46 17.03 7.80
CA PHE B 309 3.76 17.92 8.73
C PHE B 309 2.30 17.67 8.78
N GLY B 310 1.62 17.73 7.63
CA GLY B 310 0.18 17.49 7.54
C GLY B 310 -0.75 18.70 7.72
N PHE B 311 -2.00 18.32 7.93
CA PHE B 311 -3.18 19.20 7.90
C PHE B 311 -3.81 19.38 9.27
N GLY B 312 -3.23 18.83 10.30
CA GLY B 312 -3.73 18.90 11.66
C GLY B 312 -3.85 17.60 12.39
N THR B 313 -3.61 16.47 11.71
CA THR B 313 -3.66 15.15 12.35
C THR B 313 -2.40 14.36 12.01
N GLY B 314 -1.24 15.02 11.74
CA GLY B 314 -0.01 14.35 11.40
C GLY B 314 0.25 14.27 9.92
N GLY B 315 1.44 13.77 9.54
CA GLY B 315 1.79 13.82 8.17
C GLY B 315 0.87 13.04 7.29
N PHE B 316 0.52 13.65 6.15
CA PHE B 316 -0.24 13.00 5.09
C PHE B 316 0.61 12.49 3.96
N LYS B 317 1.96 12.58 4.08
CA LYS B 317 2.85 11.87 3.15
C LYS B 317 2.38 10.43 2.91
N PRO B 318 2.12 9.62 3.91
CA PRO B 318 1.70 8.24 3.60
C PRO B 318 0.41 8.15 2.81
N LEU B 319 -0.42 9.20 2.87
CA LEU B 319 -1.70 9.29 2.18
C LEU B 319 -1.58 10.02 0.85
N TYR B 320 -0.35 10.29 0.36
CA TYR B 320 -0.19 11.07 -0.84
C TYR B 320 -0.78 10.42 -2.08
N ASN B 321 -1.04 9.11 -2.10
CA ASN B 321 -1.64 8.49 -3.26
C ASN B 321 -3.13 8.64 -3.33
N ILE B 322 -3.80 9.14 -2.30
CA ILE B 322 -5.22 9.33 -2.42
C ILE B 322 -5.53 10.30 -3.53
N SER B 323 -6.74 10.17 -4.12
CA SER B 323 -7.21 11.17 -5.05
C SER B 323 -7.29 12.53 -4.37
N LEU B 324 -7.02 13.60 -5.13
CA LEU B 324 -7.29 14.92 -4.65
C LEU B 324 -8.72 15.06 -4.21
N VAL B 325 -9.66 14.37 -4.85
CA VAL B 325 -11.08 14.41 -4.50
C VAL B 325 -11.31 14.00 -3.04
N GLU B 326 -10.61 12.92 -2.61
CA GLU B 326 -10.71 12.46 -1.24
C GLU B 326 -10.21 13.51 -0.28
N MET B 327 -9.06 14.11 -0.54
CA MET B 327 -8.57 15.16 0.34
C MET B 327 -9.59 16.31 0.40
N MET B 328 -10.15 16.66 -0.77
CA MET B 328 -11.06 17.80 -0.83
C MET B 328 -12.29 17.57 -0.01
N ARG B 329 -12.79 16.33 0.06
CA ARG B 329 -13.91 16.02 0.96
C ARG B 329 -13.56 16.40 2.41
N LEU B 330 -12.35 16.09 2.82
CA LEU B 330 -11.90 16.36 4.18
C LEU B 330 -11.70 17.87 4.42
N ILE B 331 -11.23 18.58 3.41
CA ILE B 331 -11.10 20.04 3.46
C ILE B 331 -12.42 20.68 3.66
N LEU B 332 -13.41 20.29 2.84
CA LEU B 332 -14.73 20.93 2.92
C LEU B 332 -15.32 20.72 4.32
N TRP B 333 -15.04 19.55 4.91
CA TRP B 333 -15.63 19.14 6.20
C TRP B 333 -14.86 19.74 7.41
N ASP B 334 -13.74 20.40 7.20
CA ASP B 334 -12.91 20.88 8.29
C ASP B 334 -12.55 19.74 9.25
N TYR B 335 -12.10 18.66 8.71
CA TYR B 335 -12.04 17.36 9.42
C TYR B 335 -11.15 17.39 10.68
N SER B 336 -10.11 18.27 10.73
CA SER B 336 -9.13 18.21 11.80
C SER B 336 -9.54 18.81 13.09
N ASN B 337 -10.68 19.51 13.12
CA ASN B 337 -11.16 20.15 14.32
C ASN B 337 -11.97 19.10 15.12
N GLU B 338 -11.31 18.36 16.00
CA GLU B 338 -11.90 17.13 16.55
C GLU B 338 -12.02 17.08 18.06
N TYR B 339 -12.92 16.26 18.56
CA TYR B 339 -13.28 16.05 19.94
C TYR B 339 -13.29 14.61 20.34
N THR B 340 -13.26 14.39 21.67
CA THR B 340 -13.49 13.10 22.23
C THR B 340 -14.94 12.90 22.55
N LEU B 341 -15.24 11.64 22.94
CA LEU B 341 -16.60 11.29 23.34
C LEU B 341 -16.71 11.29 24.83
N PRO B 342 -17.97 11.39 25.38
CA PRO B 342 -18.19 11.42 26.85
C PRO B 342 -18.14 9.97 27.50
N VAL B 343 -16.95 9.34 27.40
CA VAL B 343 -16.81 7.93 27.68
C VAL B 343 -15.49 7.66 28.38
N THR B 344 -15.37 6.52 28.98
CA THR B 344 -14.11 5.89 29.31
C THR B 344 -13.53 5.13 28.07
N GLU B 345 -14.38 4.41 27.33
CA GLU B 345 -13.99 3.67 26.15
C GLU B 345 -14.97 4.00 25.04
N ASN B 346 -14.50 4.25 23.85
CA ASN B 346 -15.38 4.63 22.73
C ASN B 346 -16.42 3.57 22.39
N VAL B 347 -16.13 2.30 22.69
CA VAL B 347 -17.11 1.23 22.48
C VAL B 347 -18.40 1.51 23.24
N GLU B 348 -18.35 2.25 24.33
CA GLU B 348 -19.57 2.59 25.03
C GLU B 348 -20.56 3.29 24.14
N PHE B 349 -20.11 4.09 23.19
CA PHE B 349 -21.01 4.75 22.26
C PHE B 349 -21.84 3.72 21.51
N ILE B 350 -21.17 2.72 20.92
CA ILE B 350 -21.90 1.74 20.09
C ILE B 350 -22.77 0.87 20.96
N ARG B 351 -22.28 0.47 22.14
CA ARG B 351 -23.08 -0.31 23.07
C ARG B 351 -24.34 0.46 23.46
N ASN B 352 -24.20 1.74 23.81
CA ASN B 352 -25.36 2.55 24.21
C ASN B 352 -26.32 2.68 23.03
N LEU B 353 -25.83 2.82 21.81
CA LEU B 353 -26.69 2.97 20.65
C LEU B 353 -27.47 1.65 20.43
N PHE B 354 -26.85 0.51 20.63
CA PHE B 354 -27.51 -0.82 20.56
C PHE B 354 -28.62 -0.91 21.61
N LEU B 355 -28.36 -0.50 22.81
CA LEU B 355 -29.42 -0.49 23.83
C LEU B 355 -30.54 0.47 23.47
N LYS B 356 -30.20 1.66 22.97
CA LYS B 356 -31.22 2.60 22.65
C LYS B 356 -32.06 2.11 21.48
N ALA B 357 -31.44 1.39 20.53
CA ALA B 357 -32.24 0.82 19.43
C ALA B 357 -33.36 -0.02 19.96
N GLN B 358 -33.07 -0.85 20.96
CA GLN B 358 -34.10 -1.70 21.49
C GLN B 358 -35.13 -0.90 22.26
N ASN B 359 -34.71 0.10 22.98
CA ASN B 359 -35.66 0.99 23.71
C ASN B 359 -36.61 1.71 22.75
N VAL B 360 -36.09 2.29 21.69
CA VAL B 360 -36.88 3.09 20.76
C VAL B 360 -37.83 2.21 19.97
N GLY B 361 -37.57 0.94 19.80
CA GLY B 361 -38.49 0.03 19.12
C GLY B 361 -39.80 -0.14 19.80
N ALA B 362 -39.88 0.24 21.07
CA ALA B 362 -41.13 0.20 21.81
C ALA B 362 -41.77 -1.19 21.84
N GLY B 363 -40.97 -2.20 21.97
CA GLY B 363 -41.39 -3.57 22.03
C GLY B 363 -41.74 -4.21 20.66
N LYS B 364 -41.71 -3.46 19.56
CA LYS B 364 -41.99 -3.90 18.19
C LYS B 364 -40.76 -4.38 17.48
N LEU B 365 -39.55 -4.10 18.02
CA LEU B 365 -38.28 -4.65 17.53
C LEU B 365 -37.78 -5.72 18.48
N VAL B 366 -37.48 -6.90 17.98
CA VAL B 366 -36.87 -8.00 18.73
C VAL B 366 -35.53 -8.23 18.08
N VAL B 367 -34.49 -8.39 18.89
CA VAL B 367 -33.13 -8.59 18.39
C VAL B 367 -32.55 -9.79 19.06
N GLN B 368 -31.93 -10.64 18.22
CA GLN B 368 -31.15 -11.74 18.70
C GLN B 368 -29.77 -11.69 18.09
N VAL B 369 -28.75 -11.97 18.86
CA VAL B 369 -27.37 -11.96 18.44
C VAL B 369 -26.89 -13.38 18.19
N ARG B 370 -26.26 -13.57 17.04
CA ARG B 370 -25.68 -14.81 16.62
C ARG B 370 -24.15 -14.64 16.61
N GLN B 371 -23.44 -15.49 17.33
CA GLN B 371 -21.99 -15.49 17.30
C GLN B 371 -21.59 -16.44 16.17
N GLU B 372 -21.71 -15.96 14.95
CA GLU B 372 -21.52 -16.72 13.76
C GLU B 372 -20.89 -15.88 12.71
N ARG B 373 -20.04 -16.45 11.91
CA ARG B 373 -19.44 -15.82 10.76
C ARG B 373 -20.23 -16.17 9.51
N VAL B 374 -20.77 -15.13 8.83
CA VAL B 374 -21.44 -15.32 7.56
C VAL B 374 -20.41 -15.60 6.50
N ALA B 375 -20.60 -16.68 5.75
CA ALA B 375 -19.73 -17.09 4.67
C ALA B 375 -20.28 -16.78 3.29
N ASN B 376 -21.60 -16.76 3.12
CA ASN B 376 -22.24 -16.57 1.85
C ASN B 376 -23.60 -15.92 2.02
N ALA B 377 -23.94 -15.11 1.02
CA ALA B 377 -25.30 -14.56 0.84
C ALA B 377 -25.75 -14.88 -0.58
N CYS B 378 -27.07 -15.07 -0.76
CA CYS B 378 -27.64 -15.20 -2.09
C CYS B 378 -29.13 -14.98 -2.01
N HIS B 379 -29.81 -14.91 -3.17
CA HIS B 379 -31.26 -15.06 -3.19
C HIS B 379 -31.53 -16.47 -3.66
N SER B 380 -32.52 -17.17 -3.08
CA SER B 380 -32.78 -18.50 -3.57
C SER B 380 -34.16 -18.90 -3.21
N GLY B 381 -34.65 -19.91 -3.93
CA GLY B 381 -35.93 -20.55 -3.70
C GLY B 381 -37.11 -19.70 -4.08
N THR B 382 -38.29 -20.12 -3.65
CA THR B 382 -39.55 -19.51 -4.04
C THR B 382 -40.40 -19.10 -2.89
N ALA B 383 -39.91 -19.23 -1.67
CA ALA B 383 -40.64 -18.83 -0.48
C ALA B 383 -40.62 -17.34 -0.38
N SER B 384 -41.42 -16.91 0.57
CA SER B 384 -41.51 -15.50 0.80
C SER B 384 -40.17 -14.78 1.17
N ALA B 385 -39.50 -15.36 2.13
CA ALA B 385 -38.14 -14.96 2.54
C ALA B 385 -37.13 -15.66 1.66
N ARG B 386 -36.55 -14.85 0.78
CA ARG B 386 -35.63 -15.45 -0.21
C ARG B 386 -34.19 -14.98 -0.01
N ALA B 387 -33.91 -14.07 0.95
CA ALA B 387 -32.56 -13.58 1.11
C ALA B 387 -31.84 -14.54 2.08
N GLN B 388 -30.91 -15.32 1.59
CA GLN B 388 -30.29 -16.41 2.32
C GLN B 388 -28.95 -15.98 2.90
N LEU B 389 -28.66 -16.42 4.13
CA LEU B 389 -27.35 -16.33 4.70
C LEU B 389 -26.87 -17.67 5.21
N LEU B 390 -25.65 -18.02 4.80
CA LEU B 390 -24.98 -19.22 5.26
C LEU B 390 -23.88 -18.81 6.22
N SER B 391 -23.88 -19.40 7.42
CA SER B 391 -22.91 -19.01 8.44
C SER B 391 -22.34 -20.20 9.17
N TYR B 392 -21.30 -19.96 9.95
CA TYR B 392 -20.65 -20.97 10.75
C TYR B 392 -20.54 -20.46 12.16
N ASP B 393 -20.87 -21.33 13.14
CA ASP B 393 -20.77 -20.96 14.54
C ASP B 393 -19.37 -21.24 15.09
N SER B 394 -19.21 -21.09 16.39
CA SER B 394 -17.88 -21.19 17.02
C SER B 394 -17.35 -22.61 17.01
N HIS B 395 -18.19 -23.62 16.74
CA HIS B 395 -17.76 -24.96 16.55
C HIS B 395 -17.66 -25.34 15.09
N ASN B 396 -17.68 -24.38 14.19
CA ASN B 396 -17.61 -24.55 12.75
C ASN B 396 -18.80 -25.30 12.19
N ALA B 397 -19.91 -25.35 12.89
CA ALA B 397 -21.14 -25.98 12.36
C ALA B 397 -21.85 -24.98 11.46
N VAL B 398 -22.37 -25.47 10.35
CA VAL B 398 -23.07 -24.67 9.39
C VAL B 398 -24.48 -24.35 9.79
N HIS B 399 -24.94 -23.19 9.42
CA HIS B 399 -26.31 -22.69 9.62
C HIS B 399 -26.78 -21.97 8.39
N SER B 400 -28.03 -22.17 7.99
CA SER B 400 -28.66 -21.44 6.91
C SER B 400 -29.92 -20.83 7.39
N GLU B 401 -30.19 -19.57 7.02
CA GLU B 401 -31.40 -18.86 7.41
C GLU B 401 -31.82 -17.99 6.28
N ALA B 402 -33.14 -17.86 6.10
CA ALA B 402 -33.74 -17.00 5.12
C ALA B 402 -34.41 -15.83 5.75
N TYR B 403 -34.35 -14.68 5.06
CA TYR B 403 -34.83 -13.40 5.57
C TYR B 403 -35.62 -12.68 4.47
N ASP B 404 -36.46 -11.71 4.92
CA ASP B 404 -37.10 -10.78 4.03
C ASP B 404 -36.12 -9.80 3.42
N PHE B 405 -35.22 -9.25 4.27
CA PHE B 405 -34.23 -8.25 3.89
C PHE B 405 -32.97 -8.51 4.70
N VAL B 406 -31.84 -8.14 4.11
CA VAL B 406 -30.56 -8.26 4.78
C VAL B 406 -29.76 -6.96 4.56
N ILE B 407 -29.14 -6.50 5.67
CA ILE B 407 -28.17 -5.42 5.66
C ILE B 407 -26.79 -6.01 5.94
N LEU B 408 -25.92 -5.90 4.94
CA LEU B 408 -24.54 -6.42 5.00
C LEU B 408 -23.67 -5.25 5.50
N ALA B 409 -23.40 -5.27 6.80
CA ALA B 409 -22.77 -4.18 7.53
C ALA B 409 -21.33 -4.53 7.90
N VAL B 410 -20.54 -4.92 6.86
CA VAL B 410 -19.15 -5.28 7.00
C VAL B 410 -18.37 -4.57 5.93
N PRO B 411 -17.08 -4.24 6.17
CA PRO B 411 -16.28 -3.52 5.18
C PRO B 411 -15.86 -4.44 4.05
N HIS B 412 -15.29 -3.84 3.00
CA HIS B 412 -15.29 -4.49 1.69
C HIS B 412 -14.55 -5.79 1.58
N ASP B 413 -13.40 -5.89 2.22
CA ASP B 413 -12.67 -7.17 2.15
C ASP B 413 -13.41 -8.26 2.87
N GLN B 414 -14.12 -7.97 3.94
CA GLN B 414 -14.94 -8.96 4.60
C GLN B 414 -16.21 -9.28 3.85
N LEU B 415 -16.70 -8.36 3.03
CA LEU B 415 -17.89 -8.59 2.22
C LEU B 415 -17.64 -9.42 1.01
N THR B 416 -16.47 -9.25 0.39
CA THR B 416 -16.12 -9.97 -0.82
C THR B 416 -16.44 -11.47 -0.80
N PRO B 417 -15.98 -12.24 0.16
CA PRO B 417 -16.26 -13.68 0.08
C PRO B 417 -17.72 -14.00 0.17
N ILE B 418 -18.50 -13.16 0.77
CA ILE B 418 -19.91 -13.34 1.00
C ILE B 418 -20.73 -13.11 -0.26
N VAL B 419 -20.25 -12.23 -1.19
CA VAL B 419 -21.02 -11.80 -2.32
C VAL B 419 -20.48 -12.12 -3.70
N SER B 420 -19.26 -12.66 -3.76
CA SER B 420 -18.53 -12.78 -5.01
C SER B 420 -18.36 -14.18 -5.51
N ARG B 421 -18.81 -15.21 -4.82
CA ARG B 421 -18.54 -16.56 -5.12
C ARG B 421 -19.72 -17.33 -5.72
N SER B 422 -20.81 -16.65 -5.99
CA SER B 422 -22.02 -17.20 -6.54
C SER B 422 -22.25 -16.80 -7.98
N GLY B 423 -21.27 -16.31 -8.66
CA GLY B 423 -21.46 -15.85 -10.03
C GLY B 423 -22.34 -14.64 -10.15
N PHE B 424 -22.86 -14.43 -11.34
CA PHE B 424 -23.42 -13.14 -11.73
C PHE B 424 -24.77 -13.26 -12.41
N GLU B 425 -25.42 -14.41 -12.33
CA GLU B 425 -26.71 -14.66 -12.98
C GLU B 425 -27.40 -15.83 -12.30
N HIS B 426 -28.55 -16.20 -12.78
CA HIS B 426 -29.27 -17.40 -12.24
C HIS B 426 -28.38 -18.63 -12.29
N ALA B 427 -28.51 -19.47 -11.28
CA ALA B 427 -27.94 -20.83 -11.28
C ALA B 427 -28.98 -21.79 -10.82
N ALA B 428 -29.10 -22.94 -11.48
CA ALA B 428 -30.08 -23.92 -11.04
C ALA B 428 -29.84 -24.33 -9.58
N SER B 429 -28.59 -24.56 -9.21
CA SER B 429 -28.25 -24.92 -7.84
C SER B 429 -26.80 -24.57 -7.58
N GLN B 430 -26.51 -24.27 -6.33
CA GLN B 430 -25.16 -24.03 -5.87
C GLN B 430 -24.99 -24.65 -4.52
N ASN B 431 -23.83 -25.26 -4.29
CA ASN B 431 -23.45 -25.82 -2.97
C ASN B 431 -22.56 -24.78 -2.34
N LEU B 432 -23.11 -23.89 -1.57
CA LEU B 432 -22.35 -22.75 -1.06
C LEU B 432 -21.78 -23.04 0.32
N GLY B 433 -20.74 -22.31 0.63
CA GLY B 433 -20.04 -22.34 1.88
C GLY B 433 -18.54 -22.41 1.68
N ASP B 434 -17.82 -22.67 2.77
CA ASP B 434 -16.38 -22.59 2.79
C ASP B 434 -15.78 -23.97 2.51
N ALA B 435 -16.05 -24.48 1.31
CA ALA B 435 -15.61 -25.83 0.95
C ALA B 435 -14.11 -25.93 0.97
N GLY B 436 -13.35 -24.90 0.62
CA GLY B 436 -11.92 -25.01 0.64
C GLY B 436 -11.35 -25.21 2.02
N LEU B 437 -12.05 -24.74 3.04
CA LEU B 437 -11.69 -24.94 4.43
C LEU B 437 -12.09 -26.32 4.96
N GLY B 438 -12.80 -27.12 4.16
CA GLY B 438 -13.34 -28.39 4.60
C GLY B 438 -14.60 -28.23 5.41
N LEU B 439 -15.26 -27.08 5.39
CA LEU B 439 -16.48 -26.90 6.12
C LEU B 439 -17.71 -27.32 5.28
N GLU B 440 -18.80 -27.62 5.96
CA GLU B 440 -19.97 -28.13 5.33
C GLU B 440 -20.64 -27.05 4.45
N THR B 441 -21.12 -27.47 3.26
CA THR B 441 -21.84 -26.62 2.38
C THR B 441 -23.31 -26.84 2.48
N HIS B 442 -24.08 -25.97 1.88
CA HIS B 442 -25.53 -26.03 1.79
C HIS B 442 -25.98 -25.81 0.39
N THR B 443 -26.86 -26.68 -0.09
CA THR B 443 -27.40 -26.55 -1.44
C THR B 443 -28.57 -25.59 -1.49
N TYR B 444 -28.42 -24.53 -2.30
CA TYR B 444 -29.46 -23.60 -2.64
C TYR B 444 -29.89 -23.83 -4.06
N ASN B 445 -31.19 -23.68 -4.31
CA ASN B 445 -31.76 -23.93 -5.63
C ASN B 445 -32.40 -22.64 -6.16
N GLN B 446 -32.32 -22.42 -7.49
CA GLN B 446 -32.82 -21.25 -8.14
C GLN B 446 -32.16 -19.99 -7.58
N VAL B 447 -30.87 -19.94 -7.72
CA VAL B 447 -29.99 -19.02 -7.01
C VAL B 447 -29.74 -17.81 -7.87
N TYR B 448 -29.80 -16.65 -7.25
CA TYR B 448 -29.31 -15.40 -7.85
C TYR B 448 -28.30 -14.77 -6.92
N PRO B 449 -27.36 -13.98 -7.46
CA PRO B 449 -26.39 -13.30 -6.60
C PRO B 449 -27.09 -12.37 -5.60
N PRO B 450 -26.46 -12.08 -4.45
CA PRO B 450 -27.07 -11.22 -3.47
C PRO B 450 -27.14 -9.76 -3.90
N LEU B 451 -26.05 -9.23 -4.51
CA LEU B 451 -26.05 -7.80 -4.87
C LEU B 451 -26.61 -7.71 -6.30
N LEU B 452 -27.93 -7.85 -6.37
CA LEU B 452 -28.60 -8.11 -7.61
C LEU B 452 -29.02 -6.81 -8.31
N LEU B 453 -28.17 -6.28 -9.16
CA LEU B 453 -28.51 -5.09 -9.91
C LEU B 453 -29.30 -5.35 -11.15
N SER B 454 -29.27 -6.58 -11.63
CA SER B 454 -29.99 -6.97 -12.81
C SER B 454 -30.36 -8.38 -12.85
N ASP B 455 -31.58 -8.58 -13.33
CA ASP B 455 -32.12 -9.87 -13.71
C ASP B 455 -31.60 -10.37 -15.05
N SER B 456 -30.96 -9.54 -15.83
CA SER B 456 -30.54 -9.91 -17.16
C SER B 456 -29.11 -9.56 -17.59
N SER B 457 -28.40 -8.78 -16.85
CA SER B 457 -27.04 -8.32 -17.21
C SER B 457 -26.03 -8.83 -16.22
N PRO B 458 -25.30 -9.93 -16.60
CA PRO B 458 -24.22 -10.31 -15.68
C PRO B 458 -23.21 -9.18 -15.46
N ALA B 459 -22.98 -8.31 -16.43
CA ALA B 459 -21.98 -7.23 -16.26
C ALA B 459 -22.44 -6.29 -15.16
N ALA B 460 -23.73 -5.93 -15.04
CA ALA B 460 -24.15 -5.04 -14.00
C ALA B 460 -23.91 -5.66 -12.64
N ASN B 461 -24.25 -6.96 -12.51
CA ASN B 461 -24.01 -7.64 -11.29
C ASN B 461 -22.51 -7.79 -10.98
N ALA B 462 -21.70 -7.95 -12.01
CA ALA B 462 -20.27 -8.00 -11.84
C ALA B 462 -19.71 -6.65 -11.44
N ARG B 463 -20.26 -5.53 -11.94
CA ARG B 463 -19.73 -4.24 -11.60
C ARG B 463 -19.77 -3.98 -10.11
N ILE B 464 -20.89 -4.27 -9.43
CA ILE B 464 -20.95 -4.00 -8.02
C ILE B 464 -19.97 -4.92 -7.26
N VAL B 465 -19.91 -6.20 -7.59
CA VAL B 465 -19.03 -7.12 -6.89
C VAL B 465 -17.56 -6.74 -7.12
N THR B 466 -17.18 -6.54 -8.37
CA THR B 466 -15.80 -6.20 -8.67
C THR B 466 -15.38 -4.89 -8.08
N ALA B 467 -16.31 -3.92 -8.02
CA ALA B 467 -16.05 -2.61 -7.36
C ALA B 467 -15.71 -2.83 -5.91
N ILE B 468 -16.56 -3.57 -5.19
CA ILE B 468 -16.34 -3.81 -3.76
C ILE B 468 -15.00 -4.47 -3.55
N GLY B 469 -14.68 -5.46 -4.39
CA GLY B 469 -13.45 -6.20 -4.18
C GLY B 469 -12.16 -5.47 -4.45
N GLN B 470 -12.27 -4.32 -5.15
CA GLN B 470 -11.11 -3.51 -5.50
C GLN B 470 -11.07 -2.19 -4.83
N LEU B 471 -11.89 -1.95 -3.79
CA LEU B 471 -11.72 -0.75 -3.02
C LEU B 471 -10.45 -0.84 -2.24
N HIS B 472 -9.83 0.29 -1.90
CA HIS B 472 -8.56 0.33 -1.19
C HIS B 472 -8.74 0.42 0.31
N MET B 473 -8.35 -0.59 1.04
CA MET B 473 -8.32 -0.52 2.50
C MET B 473 -6.96 0.03 2.92
N ALA B 474 -6.89 1.17 3.53
CA ALA B 474 -5.65 1.74 4.00
C ALA B 474 -5.10 0.91 5.11
N ARG B 475 -3.80 0.68 5.08
CA ARG B 475 -3.11 -0.04 6.11
C ARG B 475 -2.89 0.87 7.33
N SER B 476 -2.97 0.29 8.53
CA SER B 476 -2.73 1.08 9.73
C SER B 476 -2.40 0.25 10.92
N SER B 477 -1.57 0.81 11.79
CA SER B 477 -1.18 0.15 13.00
C SER B 477 -1.01 1.13 14.17
N LYS B 478 -1.26 0.69 15.39
CA LYS B 478 -1.02 1.52 16.56
C LYS B 478 -0.18 0.74 17.57
N VAL B 479 0.91 1.37 18.02
CA VAL B 479 1.78 0.93 19.08
C VAL B 479 1.51 1.75 20.33
N PHE B 480 1.18 1.08 21.43
CA PHE B 480 0.86 1.68 22.69
C PHE B 480 1.68 1.18 23.86
N ALA B 481 1.86 2.03 24.83
CA ALA B 481 2.45 1.68 26.13
C ALA B 481 1.78 2.56 27.20
N THR B 482 2.06 2.23 28.46
CA THR B 482 1.53 2.99 29.59
C THR B 482 2.66 3.72 30.24
N VAL B 483 2.47 5.02 30.51
CA VAL B 483 3.49 5.82 31.14
C VAL B 483 2.86 6.64 32.22
N LYS B 484 3.62 6.91 33.26
CA LYS B 484 3.18 7.85 34.25
C LYS B 484 3.08 9.23 33.65
N THR B 485 1.96 9.92 33.90
CA THR B 485 1.79 11.29 33.35
C THR B 485 2.86 12.21 33.88
N ALA B 486 3.32 12.01 35.09
CA ALA B 486 4.38 12.82 35.69
C ALA B 486 5.65 12.74 34.95
N ALA B 487 5.86 11.72 34.10
CA ALA B 487 7.08 11.66 33.23
C ALA B 487 7.22 12.94 32.41
N LEU B 488 6.08 13.50 31.99
CA LEU B 488 6.12 14.66 31.17
C LEU B 488 6.71 15.88 31.90
N ASP B 489 6.77 15.85 33.22
CA ASP B 489 7.28 16.94 34.05
C ASP B 489 8.74 16.85 34.28
N GLN B 490 9.43 15.86 33.75
CA GLN B 490 10.87 15.73 33.90
C GLN B 490 11.58 16.79 33.12
N PRO B 491 12.76 17.18 33.59
CA PRO B 491 13.47 18.25 32.91
C PRO B 491 13.93 17.97 31.47
N TRP B 492 14.04 16.71 31.16
CA TRP B 492 14.35 16.23 29.87
C TRP B 492 13.22 16.28 28.82
N VAL B 493 12.01 16.52 29.24
CA VAL B 493 10.85 16.67 28.37
C VAL B 493 10.73 18.17 28.12
N PRO B 494 10.80 18.63 26.88
CA PRO B 494 10.66 20.05 26.61
C PRO B 494 9.30 20.60 26.97
N GLN B 495 9.27 21.82 27.41
CA GLN B 495 8.09 22.61 27.65
C GLN B 495 7.97 23.66 26.58
N TRP B 496 6.77 23.98 26.21
CA TRP B 496 6.56 25.05 25.26
C TRP B 496 5.25 25.73 25.60
N ARG B 497 5.27 27.07 25.76
CA ARG B 497 4.10 27.80 26.15
C ARG B 497 3.38 27.20 27.33
N GLY B 498 4.16 26.85 28.36
CA GLY B 498 3.61 26.52 29.65
C GLY B 498 3.23 25.07 29.87
N GLU B 499 3.45 24.20 28.88
CA GLU B 499 3.01 22.80 28.98
C GLU B 499 4.09 21.94 28.34
N PRO B 500 4.18 20.69 28.79
CA PRO B 500 5.07 19.74 28.12
C PRO B 500 4.59 19.42 26.72
N ILE B 501 5.55 19.04 25.87
CA ILE B 501 5.20 18.47 24.54
C ILE B 501 4.45 17.17 24.76
N LYS B 502 3.31 17.03 24.08
CA LYS B 502 2.47 15.87 24.16
C LYS B 502 2.08 15.26 22.86
N ALA B 503 2.60 15.77 21.76
CA ALA B 503 2.41 15.25 20.43
C ALA B 503 3.73 15.37 19.69
N VAL B 504 4.14 14.34 18.98
CA VAL B 504 5.40 14.35 18.25
C VAL B 504 5.12 13.77 16.84
N VAL B 505 5.39 14.54 15.82
CA VAL B 505 5.18 14.12 14.44
C VAL B 505 6.59 14.07 13.81
N SER B 506 6.98 12.88 13.32
CA SER B 506 8.38 12.68 12.98
C SER B 506 8.57 11.75 11.79
N ASP B 507 9.73 11.86 11.15
CA ASP B 507 10.14 10.94 10.13
C ASP B 507 11.03 9.81 10.63
N SER B 508 10.97 9.50 11.89
CA SER B 508 11.74 8.46 12.56
C SER B 508 11.27 7.08 12.21
N GLY B 509 10.13 6.93 11.57
CA GLY B 509 9.45 5.67 11.37
C GLY B 509 8.22 5.54 12.25
N LEU B 510 8.13 6.33 13.32
CA LEU B 510 7.01 6.27 14.21
C LEU B 510 5.82 7.07 13.71
N ALA B 511 6.05 8.03 12.86
CA ALA B 511 5.08 8.88 12.21
C ALA B 511 4.40 9.89 13.11
N ALA B 512 3.61 9.45 14.06
CA ALA B 512 2.81 10.31 14.91
C ALA B 512 2.70 9.59 16.25
N SER B 513 2.94 10.38 17.32
CA SER B 513 3.00 9.89 18.66
C SER B 513 2.25 10.88 19.56
N TYR B 514 1.57 10.35 20.56
CA TYR B 514 0.70 11.13 21.42
C TYR B 514 0.82 10.62 22.87
N VAL B 515 0.78 11.53 23.84
CA VAL B 515 0.80 11.12 25.23
C VAL B 515 -0.51 11.56 25.83
N VAL B 516 -1.51 10.65 25.79
CA VAL B 516 -2.89 10.99 26.03
C VAL B 516 -3.28 10.67 27.46
N PRO B 517 -3.82 11.64 28.23
CA PRO B 517 -4.17 11.34 29.60
C PRO B 517 -5.18 10.16 29.70
N SER B 518 -5.04 9.32 30.73
CA SER B 518 -6.03 8.30 30.90
C SER B 518 -7.40 8.87 31.10
N PRO B 519 -8.42 8.23 30.53
CA PRO B 519 -9.75 8.70 30.78
C PRO B 519 -10.38 8.08 32.02
N ILE B 520 -9.62 7.25 32.75
CA ILE B 520 -10.08 6.63 34.01
C ILE B 520 -9.60 7.55 35.17
N VAL B 521 -10.38 8.52 35.49
CA VAL B 521 -9.98 9.51 36.54
C VAL B 521 -11.24 10.28 36.94
N ALA B 526 -5.75 15.19 37.83
CA ALA B 526 -5.09 14.63 36.65
C ALA B 526 -4.79 13.18 36.87
N PRO B 527 -4.84 12.39 35.80
CA PRO B 527 -4.67 10.96 35.97
C PRO B 527 -3.25 10.57 36.21
N GLU B 528 -3.05 9.56 37.03
CA GLU B 528 -1.71 9.06 37.25
C GLU B 528 -1.04 8.61 35.99
N TYR B 529 -1.80 8.01 35.08
CA TYR B 529 -1.27 7.38 33.89
C TYR B 529 -1.77 8.06 32.63
N SER B 530 -0.99 7.89 31.58
CA SER B 530 -1.28 8.25 30.22
C SER B 530 -1.10 7.06 29.30
N SER B 531 -1.85 7.09 28.18
CA SER B 531 -1.66 6.16 27.08
C SER B 531 -0.61 6.78 26.20
N LEU B 532 0.56 6.11 26.08
CA LEU B 532 1.62 6.54 25.18
C LEU B 532 1.32 5.83 23.86
N LEU B 533 0.68 6.57 22.97
CA LEU B 533 0.49 6.12 21.59
C LEU B 533 1.81 6.45 20.90
N ALA B 534 2.73 5.47 20.99
CA ALA B 534 4.09 5.63 20.55
C ALA B 534 4.17 5.76 19.07
N SER B 535 3.27 5.13 18.34
CA SER B 535 3.25 5.23 16.86
C SER B 535 1.90 4.92 16.30
N TYR B 536 1.34 5.84 15.56
CA TYR B 536 0.13 5.63 14.79
C TYR B 536 0.51 5.84 13.35
N THR B 537 0.53 4.77 12.55
CA THR B 537 1.00 4.81 11.18
C THR B 537 -0.09 4.42 10.19
N TRP B 538 0.05 4.98 8.99
CA TRP B 538 -0.77 4.66 7.82
C TRP B 538 0.10 4.18 6.68
N GLU B 539 -0.47 3.30 5.85
CA GLU B 539 0.03 3.03 4.51
C GLU B 539 1.50 2.61 4.60
N ASP B 540 2.41 3.16 3.80
CA ASP B 540 3.79 2.70 3.82
C ASP B 540 4.47 2.88 5.15
N ASP B 541 4.08 3.87 5.93
CA ASP B 541 4.67 4.01 7.28
C ASP B 541 4.40 2.77 8.09
N SER B 542 3.18 2.20 7.95
CA SER B 542 2.82 0.99 8.66
C SER B 542 3.55 -0.23 8.09
N THR B 543 3.61 -0.32 6.73
CA THR B 543 4.35 -1.41 6.11
C THR B 543 5.75 -1.51 6.63
N ARG B 544 6.43 -0.38 6.76
CA ARG B 544 7.81 -0.38 7.18
C ARG B 544 8.03 -0.95 8.56
N LEU B 545 7.06 -0.82 9.44
CA LEU B 545 7.13 -1.35 10.80
C LEU B 545 6.79 -2.82 10.92
N ARG B 546 6.00 -3.33 9.99
CA ARG B 546 5.23 -4.56 10.26
C ARG B 546 6.11 -5.73 10.57
N HIS B 547 7.29 -5.86 9.99
CA HIS B 547 8.20 -6.96 10.27
C HIS B 547 8.57 -7.03 11.74
N ASP B 548 8.47 -5.95 12.51
CA ASP B 548 8.85 -5.93 13.89
C ASP B 548 7.71 -6.18 14.85
N PHE B 549 6.50 -6.48 14.40
CA PHE B 549 5.37 -6.61 15.37
C PHE B 549 5.39 -7.90 16.15
N GLY B 550 5.96 -9.00 15.58
CA GLY B 550 6.15 -10.25 16.34
C GLY B 550 4.96 -11.18 16.33
N LEU B 551 3.81 -10.72 16.69
CA LEU B 551 2.56 -11.47 16.65
C LEU B 551 1.55 -10.59 15.98
N TYR B 552 0.61 -11.24 15.27
CA TYR B 552 -0.32 -10.58 14.37
C TYR B 552 -1.71 -11.12 14.54
N PRO B 553 -2.74 -10.29 14.67
CA PRO B 553 -2.73 -8.81 14.55
C PRO B 553 -2.35 -8.12 15.85
N GLN B 554 -2.32 -8.85 16.97
CA GLN B 554 -2.07 -8.22 18.27
C GLN B 554 -0.88 -8.85 18.97
N ASN B 555 -0.04 -7.98 19.50
CA ASN B 555 1.04 -8.43 20.42
C ASN B 555 0.86 -7.53 21.64
N PRO B 556 0.61 -8.12 22.82
CA PRO B 556 0.54 -9.56 23.09
C PRO B 556 -0.74 -10.13 22.63
N ALA B 557 -0.77 -11.43 22.38
CA ALA B 557 -1.99 -12.12 21.96
C ALA B 557 -2.78 -12.52 23.13
N THR B 558 -2.18 -12.47 24.30
CA THR B 558 -2.70 -12.90 25.54
C THR B 558 -2.94 -11.63 26.44
N GLU B 559 -3.70 -11.81 27.51
CA GLU B 559 -4.06 -10.67 28.36
C GLU B 559 -2.87 -10.27 29.33
N THR B 560 -2.01 -11.25 29.60
CA THR B 560 -0.96 -11.15 30.57
C THR B 560 0.43 -10.93 30.02
N GLY B 561 0.59 -10.96 28.70
CA GLY B 561 1.84 -10.70 28.13
C GLY B 561 2.12 -9.24 27.93
N THR B 562 3.28 -8.97 27.36
CA THR B 562 3.75 -7.61 27.00
C THR B 562 4.57 -7.68 25.80
N ALA B 563 4.34 -6.76 24.86
CA ALA B 563 5.06 -6.73 23.59
C ALA B 563 6.39 -5.98 23.74
N ASP B 564 7.20 -6.41 24.71
CA ASP B 564 8.43 -5.71 25.04
C ASP B 564 9.44 -5.70 23.91
N GLY B 565 9.67 -6.86 23.28
CA GLY B 565 10.62 -6.93 22.15
C GLY B 565 10.21 -6.00 21.01
N MET B 566 8.93 -6.06 20.66
CA MET B 566 8.43 -5.18 19.59
C MET B 566 8.65 -3.72 19.99
N TYR B 567 8.27 -3.38 21.21
CA TYR B 567 8.31 -1.96 21.64
C TYR B 567 9.74 -1.47 21.65
N ARG B 568 10.68 -2.31 22.03
CA ARG B 568 12.09 -1.89 22.01
C ARG B 568 12.56 -1.54 20.59
N THR B 569 12.01 -2.17 19.54
CA THR B 569 12.35 -1.78 18.17
C THR B 569 11.83 -0.38 17.88
N MET B 570 10.76 0.08 18.49
CA MET B 570 10.20 1.40 18.32
C MET B 570 11.05 2.40 19.08
N VAL B 571 11.39 2.11 20.33
CA VAL B 571 12.31 2.94 21.09
C VAL B 571 13.58 3.11 20.28
N ASN B 572 14.11 2.03 19.69
CA ASN B 572 15.35 2.08 18.92
C ASN B 572 15.24 2.95 17.71
N ARG B 573 14.06 3.06 17.08
CA ARG B 573 13.88 4.00 15.98
C ARG B 573 13.99 5.43 16.45
N ALA B 574 13.69 5.69 17.73
CA ALA B 574 13.86 7.01 18.33
C ALA B 574 15.25 7.32 18.79
N TYR B 575 16.18 6.36 18.70
CA TYR B 575 17.58 6.56 19.14
C TYR B 575 18.33 7.19 18.02
N ARG B 576 18.12 8.49 17.88
CA ARG B 576 18.63 9.31 16.79
C ARG B 576 19.26 10.54 17.36
N TYR B 577 20.37 11.00 16.80
CA TYR B 577 20.96 12.25 17.28
C TYR B 577 20.24 13.34 16.58
N VAL B 578 19.60 14.21 17.34
CA VAL B 578 18.84 15.35 16.87
C VAL B 578 19.46 16.65 17.27
N LYS B 579 19.80 17.45 16.28
CA LYS B 579 20.35 18.74 16.51
C LYS B 579 19.22 19.77 16.68
N TYR B 580 19.34 20.41 17.82
CA TYR B 580 18.44 21.54 18.14
C TYR B 580 19.17 22.83 18.12
N ALA B 581 18.47 23.90 17.83
CA ALA B 581 19.07 25.25 17.87
C ALA B 581 19.62 25.62 19.28
N GLY B 582 19.05 25.04 20.35
CA GLY B 582 19.40 25.45 21.74
C GLY B 582 20.58 24.75 22.31
N ALA B 583 21.23 23.84 21.58
CA ALA B 583 22.44 23.19 22.14
C ALA B 583 23.38 22.85 20.99
N SER B 584 24.67 23.04 21.22
CA SER B 584 25.73 22.71 20.29
C SER B 584 25.99 21.21 20.15
N ASN B 585 25.95 20.50 21.27
CA ASN B 585 26.32 19.08 21.19
C ASN B 585 25.09 18.30 21.05
N ALA B 586 24.85 17.78 19.85
CA ALA B 586 23.59 16.97 19.63
C ALA B 586 23.64 15.74 20.49
N GLN B 587 22.49 15.31 20.96
CA GLN B 587 22.37 14.21 21.89
C GLN B 587 21.30 13.37 21.38
N PRO B 588 21.20 12.12 21.92
CA PRO B 588 20.10 11.37 21.52
C PRO B 588 18.82 12.14 21.76
N TRP B 589 17.88 12.01 20.85
CA TRP B 589 16.57 12.62 20.89
C TRP B 589 15.94 12.41 22.27
N TRP B 590 15.39 13.46 22.86
CA TRP B 590 14.69 13.38 24.13
C TRP B 590 13.56 12.37 24.06
N PHE B 591 12.94 12.24 22.89
CA PHE B 591 11.78 11.37 22.80
C PHE B 591 12.15 9.91 23.02
N TYR B 592 13.39 9.52 22.73
CA TYR B 592 13.93 8.20 23.08
C TYR B 592 13.73 7.92 24.56
N GLN B 593 14.14 8.89 25.39
CA GLN B 593 14.01 8.77 26.81
C GLN B 593 12.56 8.65 27.24
N LEU B 594 11.67 9.44 26.64
CA LEU B 594 10.27 9.38 27.01
C LEU B 594 9.67 7.99 26.65
N LEU B 595 9.94 7.51 25.44
CA LEU B 595 9.44 6.21 25.07
C LEU B 595 9.96 5.14 26.02
N ALA B 596 11.23 5.21 26.41
CA ALA B 596 11.82 4.24 27.32
C ALA B 596 11.33 4.36 28.77
N GLU B 597 10.64 5.47 29.09
CA GLU B 597 10.04 5.68 30.42
C GLU B 597 8.72 4.92 30.61
N ALA B 598 8.13 4.43 29.51
CA ALA B 598 6.97 3.62 29.63
C ALA B 598 7.28 2.38 30.44
N ARG B 599 6.32 1.92 31.22
CA ARG B 599 6.61 0.66 31.97
C ARG B 599 6.76 -0.51 31.07
N THR B 600 7.37 -1.55 31.61
CA THR B 600 7.62 -2.76 30.92
C THR B 600 6.33 -3.51 30.58
N ALA B 601 5.44 -3.65 31.58
CA ALA B 601 4.20 -4.32 31.37
C ALA B 601 3.33 -3.50 30.41
N ASP B 602 2.48 -4.19 29.66
CA ASP B 602 1.40 -3.59 28.89
C ASP B 602 1.84 -2.84 27.63
N ARG B 603 2.99 -3.19 27.13
CA ARG B 603 3.47 -2.74 25.82
C ARG B 603 2.68 -3.52 24.76
N PHE B 604 2.27 -2.85 23.67
CA PHE B 604 1.22 -3.36 22.80
C PHE B 604 1.33 -2.86 21.38
N VAL B 605 0.94 -3.71 20.43
CA VAL B 605 0.66 -3.23 19.07
C VAL B 605 -0.58 -3.96 18.57
N PHE B 606 -1.37 -3.23 17.79
CA PHE B 606 -2.43 -3.84 16.99
C PHE B 606 -2.20 -3.39 15.56
N ASP B 607 -2.22 -4.38 14.66
CA ASP B 607 -2.06 -4.16 13.25
C ASP B 607 -3.38 -4.43 12.54
N TRP B 608 -4.07 -3.37 12.12
CA TRP B 608 -5.35 -3.57 11.43
C TRP B 608 -5.18 -4.32 10.12
N THR B 609 -4.00 -4.25 9.53
CA THR B 609 -3.73 -4.81 8.28
C THR B 609 -3.84 -6.33 8.33
N THR B 610 -3.42 -6.99 9.46
CA THR B 610 -3.48 -8.41 9.68
C THR B 610 -4.70 -8.88 10.47
N ASN B 611 -5.57 -7.92 10.86
CA ASN B 611 -6.88 -8.21 11.29
C ASN B 611 -7.69 -8.67 10.07
N LYS B 612 -8.85 -9.26 10.29
CA LYS B 612 -9.67 -9.79 9.15
C LYS B 612 -10.24 -8.70 8.31
N THR B 613 -10.21 -7.43 8.77
CA THR B 613 -10.54 -6.29 7.93
C THR B 613 -9.59 -6.03 6.79
N ALA B 614 -8.35 -6.57 6.86
CA ALA B 614 -7.33 -6.35 5.85
C ALA B 614 -7.00 -4.85 5.73
N GLY B 615 -6.93 -4.20 6.89
CA GLY B 615 -6.56 -2.83 7.02
C GLY B 615 -7.51 -2.02 7.91
N GLY B 616 -7.26 -0.73 7.97
CA GLY B 616 -8.01 0.13 8.86
C GLY B 616 -9.27 0.72 8.29
N PHE B 617 -9.28 1.21 7.06
CA PHE B 617 -10.44 1.90 6.52
C PHE B 617 -10.19 2.27 5.09
N LYS B 618 -11.30 2.47 4.34
CA LYS B 618 -11.16 2.82 2.95
C LYS B 618 -10.64 4.23 2.76
N LEU B 619 -9.67 4.35 1.86
CA LEU B 619 -9.25 5.63 1.30
C LEU B 619 -9.14 5.49 -0.18
N ASP B 620 -9.75 6.33 -0.98
CA ASP B 620 -9.82 6.17 -2.43
C ASP B 620 -8.57 6.67 -3.12
N MET B 621 -8.01 5.81 -3.96
CA MET B 621 -6.97 6.12 -4.90
C MET B 621 -7.52 6.87 -6.10
N THR B 622 -6.68 7.38 -6.98
CA THR B 622 -7.15 7.94 -8.22
C THR B 622 -7.98 6.90 -8.95
N GLY B 623 -9.12 7.34 -9.50
CA GLY B 623 -10.05 6.46 -10.19
C GLY B 623 -11.00 5.72 -9.32
N ASP B 624 -10.76 5.61 -8.03
CA ASP B 624 -11.61 4.79 -7.16
C ASP B 624 -12.97 5.36 -6.98
N HIS B 625 -13.17 6.63 -7.15
CA HIS B 625 -14.52 7.24 -7.05
C HIS B 625 -15.54 6.40 -7.80
N HIS B 626 -15.17 5.93 -9.00
CA HIS B 626 -16.10 5.16 -9.81
C HIS B 626 -16.55 3.89 -9.15
N GLN B 627 -15.71 3.31 -8.32
CA GLN B 627 -16.07 2.13 -7.54
C GLN B 627 -16.74 2.48 -6.24
N SER B 628 -16.17 3.39 -5.45
CA SER B 628 -16.81 3.74 -4.18
C SER B 628 -18.19 4.40 -4.37
N ASN B 629 -18.31 5.24 -5.41
CA ASN B 629 -19.57 5.91 -5.60
C ASN B 629 -20.65 4.97 -6.07
N LEU B 630 -20.32 3.92 -6.81
CA LEU B 630 -21.25 2.87 -7.13
C LEU B 630 -21.79 2.22 -5.87
N CYS B 631 -20.87 1.91 -4.93
CA CYS B 631 -21.29 1.37 -3.65
C CYS B 631 -22.15 2.33 -2.88
N PHE B 632 -21.77 3.62 -2.85
CA PHE B 632 -22.50 4.64 -2.14
C PHE B 632 -23.93 4.76 -2.67
N ARG B 633 -24.12 4.56 -3.98
CA ARG B 633 -25.43 4.72 -4.63
C ARG B 633 -26.23 3.41 -4.71
N TYR B 634 -25.62 2.32 -4.29
CA TYR B 634 -26.17 0.94 -4.51
C TYR B 634 -27.60 0.81 -4.00
N HIS B 635 -27.93 1.43 -2.87
CA HIS B 635 -29.25 1.28 -2.27
C HIS B 635 -30.39 1.83 -3.14
N THR B 636 -30.05 2.63 -4.14
CA THR B 636 -31.04 3.11 -5.09
C THR B 636 -31.63 2.02 -5.99
N HIS B 637 -31.08 0.79 -5.91
CA HIS B 637 -31.72 -0.32 -6.61
C HIS B 637 -33.16 -0.52 -6.28
N ALA B 638 -33.53 -0.05 -5.07
CA ALA B 638 -34.91 -0.17 -4.55
C ALA B 638 -35.90 0.55 -5.44
N LEU B 639 -35.46 1.48 -6.27
CA LEU B 639 -36.34 2.16 -7.19
C LEU B 639 -36.91 1.29 -8.28
N ALA B 640 -36.27 0.19 -8.60
CA ALA B 640 -36.70 -0.74 -9.63
C ALA B 640 -37.55 -1.77 -8.98
N ALA B 641 -38.84 -1.62 -9.13
CA ALA B 641 -39.77 -2.45 -8.48
C ALA B 641 -39.78 -3.87 -9.03
N SER B 642 -39.39 -4.10 -10.27
CA SER B 642 -39.47 -5.32 -10.92
C SER B 642 -38.22 -6.15 -10.52
N LEU B 643 -37.28 -5.64 -9.77
CA LEU B 643 -36.03 -6.28 -9.44
C LEU B 643 -36.07 -6.80 -8.03
N ASP B 644 -35.99 -8.05 -7.79
CA ASP B 644 -36.34 -8.51 -6.42
C ASP B 644 -35.10 -8.59 -5.58
N ASN B 645 -34.44 -7.47 -5.31
CA ASN B 645 -33.18 -7.43 -4.62
C ASN B 645 -33.40 -7.07 -3.14
N ARG B 646 -33.08 -7.97 -2.23
CA ARG B 646 -33.34 -7.85 -0.79
C ARG B 646 -32.13 -7.42 0.06
N PHE B 647 -30.98 -7.17 -0.58
CA PHE B 647 -29.72 -6.92 0.11
C PHE B 647 -29.31 -5.41 -0.05
N PHE B 648 -28.94 -4.89 1.13
CA PHE B 648 -28.37 -3.54 1.29
C PHE B 648 -27.02 -3.65 1.93
N ILE B 649 -26.19 -2.63 1.80
CA ILE B 649 -24.83 -2.62 2.37
C ILE B 649 -24.67 -1.41 3.29
N ALA B 650 -23.89 -1.55 4.36
CA ALA B 650 -23.80 -0.51 5.38
C ALA B 650 -22.42 -0.54 6.06
N SER B 651 -21.50 0.29 5.57
CA SER B 651 -20.16 0.38 6.16
C SER B 651 -19.52 1.64 5.64
N ASP B 652 -18.49 2.10 6.36
CA ASP B 652 -17.69 3.20 5.83
C ASP B 652 -17.05 2.89 4.49
N SER B 653 -16.87 1.60 4.17
CA SER B 653 -16.36 1.20 2.86
C SER B 653 -17.29 1.60 1.72
N TYR B 654 -18.60 1.84 2.03
CA TYR B 654 -19.58 2.13 1.00
C TYR B 654 -20.03 3.56 1.12
N SER B 655 -19.11 4.46 1.51
CA SER B 655 -19.33 5.85 1.73
C SER B 655 -18.21 6.67 1.10
N HIS B 656 -18.38 7.99 1.18
CA HIS B 656 -17.38 8.95 0.84
C HIS B 656 -16.72 9.58 2.08
N LEU B 657 -16.69 8.82 3.15
CA LEU B 657 -15.99 9.13 4.38
C LEU B 657 -15.45 7.82 4.98
N GLY B 658 -14.70 7.08 4.17
CA GLY B 658 -13.98 5.96 4.73
C GLY B 658 -13.05 6.46 5.81
N GLY B 659 -12.94 5.74 6.91
CA GLY B 659 -12.13 6.18 8.02
C GLY B 659 -12.84 7.00 9.03
N TRP B 660 -14.19 7.11 8.95
CA TRP B 660 -14.92 7.88 9.89
C TRP B 660 -16.21 7.16 10.27
N LEU B 661 -16.56 7.25 11.56
CA LEU B 661 -17.88 6.82 11.97
C LEU B 661 -18.94 7.47 11.12
N GLU B 662 -18.74 8.73 10.72
CA GLU B 662 -19.72 9.41 9.91
C GLU B 662 -19.97 8.63 8.63
N GLY B 663 -18.97 8.02 7.99
CA GLY B 663 -19.20 7.26 6.83
C GLY B 663 -19.99 6.00 7.05
N ALA B 664 -19.67 5.29 8.12
CA ALA B 664 -20.45 4.09 8.50
C ALA B 664 -21.90 4.46 8.75
N PHE B 665 -22.12 5.53 9.46
CA PHE B 665 -23.47 6.00 9.78
C PHE B 665 -24.18 6.45 8.56
N MET B 666 -23.56 7.17 7.64
CA MET B 666 -24.20 7.56 6.39
C MET B 666 -24.60 6.37 5.58
N SER B 667 -23.73 5.36 5.49
CA SER B 667 -24.06 4.17 4.70
C SER B 667 -25.21 3.45 5.35
N ALA B 668 -25.26 3.33 6.68
CA ALA B 668 -26.40 2.72 7.38
C ALA B 668 -27.70 3.46 7.05
N LEU B 669 -27.68 4.78 7.00
CA LEU B 669 -28.86 5.56 6.68
C LEU B 669 -29.31 5.27 5.27
N ASN B 670 -28.38 5.20 4.34
CA ASN B 670 -28.67 4.81 2.97
C ASN B 670 -29.32 3.42 2.92
N ALA B 671 -28.74 2.46 3.62
CA ALA B 671 -29.24 1.09 3.61
C ALA B 671 -30.65 0.98 4.08
N VAL B 672 -30.98 1.65 5.18
CA VAL B 672 -32.33 1.61 5.72
C VAL B 672 -33.30 2.38 4.83
N ALA B 673 -32.90 3.51 4.27
CA ALA B 673 -33.77 4.22 3.33
C ALA B 673 -34.09 3.34 2.15
N GLY B 674 -33.08 2.66 1.56
CA GLY B 674 -33.33 1.73 0.44
C GLY B 674 -34.25 0.61 0.87
N LEU B 675 -34.01 0.03 2.04
CA LEU B 675 -34.86 -1.06 2.53
C LEU B 675 -36.27 -0.63 2.61
N ILE B 676 -36.57 0.57 3.10
CA ILE B 676 -37.95 1.09 3.15
C ILE B 676 -38.53 1.13 1.76
N VAL B 677 -37.80 1.67 0.80
CA VAL B 677 -38.32 1.76 -0.56
C VAL B 677 -38.61 0.36 -1.11
N ARG B 678 -37.71 -0.60 -0.92
CA ARG B 678 -37.89 -1.98 -1.39
C ARG B 678 -39.08 -2.63 -0.74
N ALA B 679 -39.26 -2.40 0.57
CA ALA B 679 -40.37 -2.98 1.31
C ALA B 679 -41.69 -2.45 0.86
N ASN B 680 -41.67 -1.22 0.32
CA ASN B 680 -42.81 -0.58 -0.29
C ASN B 680 -42.82 -0.76 -1.83
N ARG B 681 -42.11 -1.74 -2.32
CA ARG B 681 -42.18 -2.19 -3.71
C ARG B 681 -41.93 -1.04 -4.66
N GLY B 682 -40.94 -0.24 -4.35
CA GLY B 682 -40.51 0.89 -5.21
C GLY B 682 -41.10 2.24 -4.92
N ASP B 683 -41.96 2.38 -3.95
CA ASP B 683 -42.65 3.66 -3.71
C ASP B 683 -41.81 4.58 -2.79
N VAL B 684 -41.21 5.59 -3.39
CA VAL B 684 -40.43 6.59 -2.63
C VAL B 684 -41.21 7.42 -1.68
N SER B 685 -42.49 7.56 -1.92
CA SER B 685 -43.32 8.29 -0.99
C SER B 685 -43.36 7.74 0.39
N ALA B 686 -42.95 6.45 0.54
CA ALA B 686 -42.88 5.82 1.86
C ALA B 686 -41.78 6.43 2.70
N LEU B 687 -40.79 7.08 2.08
CA LEU B 687 -39.81 7.81 2.84
C LEU B 687 -40.40 9.13 3.29
N SER B 688 -39.93 9.59 4.46
CA SER B 688 -40.29 10.92 4.92
C SER B 688 -39.87 11.96 3.89
N THR B 689 -40.50 13.14 3.94
CA THR B 689 -40.09 14.27 3.07
C THR B 689 -38.58 14.52 3.21
N GLU B 690 -38.11 14.54 4.45
CA GLU B 690 -36.70 14.92 4.65
C GLU B 690 -35.73 13.79 4.28
N ALA B 691 -36.17 12.53 4.36
CA ALA B 691 -35.33 11.38 4.01
C ALA B 691 -35.35 11.01 2.52
N ARG B 692 -36.37 11.41 1.78
CA ARG B 692 -36.49 11.03 0.40
C ARG B 692 -35.21 11.30 -0.36
N PRO B 693 -34.58 12.47 -0.20
CA PRO B 693 -33.38 12.74 -0.96
C PRO B 693 -32.25 11.73 -0.74
N LEU B 694 -32.26 10.94 0.35
CA LEU B 694 -31.23 9.92 0.51
C LEU B 694 -31.19 8.94 -0.64
N VAL B 695 -32.39 8.71 -1.25
CA VAL B 695 -32.51 7.87 -2.44
C VAL B 695 -32.59 8.73 -3.71
N ILE B 696 -33.42 9.73 -3.75
CA ILE B 696 -33.69 10.43 -5.01
C ILE B 696 -32.64 11.51 -5.37
N GLY B 697 -31.78 11.89 -4.42
CA GLY B 697 -30.75 12.88 -4.65
C GLY B 697 -29.47 12.35 -5.29
N LEU B 698 -29.42 11.07 -5.56
CA LEU B 698 -28.28 10.38 -6.11
C LEU B 698 -28.62 9.90 -7.52
N ARG B 699 -27.61 9.73 -8.37
CA ARG B 699 -27.85 9.05 -9.63
C ARG B 699 -28.18 7.59 -9.40
N PRO B 700 -29.31 7.08 -9.92
CA PRO B 700 -29.69 5.73 -9.65
C PRO B 700 -28.75 4.69 -10.26
N VAL B 701 -28.66 3.51 -9.64
CA VAL B 701 -27.90 2.45 -10.20
C VAL B 701 -28.65 1.56 -11.13
N VAL B 702 -29.93 1.73 -11.22
CA VAL B 702 -30.86 1.10 -12.13
C VAL B 702 -31.61 2.20 -12.85
N LYS B 703 -31.86 2.11 -14.11
CA LYS B 703 -32.65 3.09 -14.82
C LYS B 703 -34.10 2.79 -14.63
N VAL B 704 -34.92 3.76 -14.21
CA VAL B 704 -36.36 3.60 -14.08
C VAL B 704 -37.02 4.86 -14.61
N PRO B 705 -38.29 4.85 -14.88
CA PRO B 705 -38.95 6.09 -15.33
C PRO B 705 -38.87 7.27 -14.39
N ALA B 706 -38.88 8.47 -15.00
CA ALA B 706 -39.00 9.80 -14.27
C ALA B 706 -40.07 9.77 -13.29
N ALA B 707 -39.86 10.39 -12.11
CA ALA B 707 -40.96 10.36 -11.10
C ALA B 707 -41.32 8.92 -10.80
#